data_3UDV
# 
_entry.id   3UDV 
# 
_audit_conform.dict_name       mmcif_pdbx.dic 
_audit_conform.dict_version    5.379 
_audit_conform.dict_location   http://mmcif.pdb.org/dictionaries/ascii/mmcif_pdbx.dic 
# 
loop_
_database_2.database_id 
_database_2.database_code 
_database_2.pdbx_database_accession 
_database_2.pdbx_DOI 
PDB   3UDV         pdb_00003udv 10.2210/pdb3udv/pdb 
RCSB  RCSB068630   ?            ?                   
WWPDB D_1000068630 ?            ?                   
# 
loop_
_pdbx_database_related.db_name 
_pdbx_database_related.db_id 
_pdbx_database_related.details 
_pdbx_database_related.content_type 
PDB 3UD5 'Crystal structure of E. coli HPPK in complex with bisubstrate analogue inhibitor J1A' unspecified 
PDB 3UDE 'Crystal structure of E. coli HPPK in complex with bisubstrate analogue inhibitor J1B' unspecified 
# 
_pdbx_database_status.entry_id                        3UDV 
_pdbx_database_status.status_code                     REL 
_pdbx_database_status.deposit_site                    RCSB 
_pdbx_database_status.process_site                    RCSB 
_pdbx_database_status.recvd_initial_deposition_date   2011-10-28 
_pdbx_database_status.status_code_sf                  REL 
_pdbx_database_status.status_code_mr                  ? 
_pdbx_database_status.SG_entry                        ? 
_pdbx_database_status.status_code_cs                  ? 
_pdbx_database_status.pdb_format_compatible           Y 
_pdbx_database_status.status_code_nmr_data            ? 
_pdbx_database_status.methods_development_category    ? 
# 
loop_
_audit_author.name 
_audit_author.pdbx_ordinal 
_audit_author.identifier_ORCID 
'Shaw, G.' 1 ?                   
'Shi, G.'  2 ?                   
'Ji, X.'   3 0000-0001-6942-1514 
# 
loop_
_citation.id 
_citation.title 
_citation.journal_abbrev 
_citation.journal_volume 
_citation.page_first 
_citation.page_last 
_citation.year 
_citation.journal_id_ASTM 
_citation.country 
_citation.journal_id_ISSN 
_citation.journal_id_CSD 
_citation.book_publisher 
_citation.pdbx_database_id_PubMed 
_citation.pdbx_database_id_DOI 
primary 
'Bisubstrate analogue inhibitors of 6-hydroxymethyl-7,8-dihydropterin pyrophosphokinase: New design with improved properties.' 
Bioorg.Med.Chem. 20 47   57   2012 BMECEP UK 0968-0896 1200 ? 22169600 10.1016/j.bmc.2011.11.032 
1       
;Bisubstrate analogue inhibitors of 6-hydroxymethyl-7,8-dihydropterin pyrophosphokinase: synthesis and biochemical and crystallographic studies.
;
J.Med.Chem.      44 1364 1371 2001 JMCMAR US 0022-2623 0151 ? 11311059 ?                         
# 
loop_
_citation_author.citation_id 
_citation_author.name 
_citation_author.ordinal 
_citation_author.identifier_ORCID 
primary 'Shi, G.'        1  ?                   
primary 'Shaw, G.'       2  ?                   
primary 'Liang, Y.H.'    3  ?                   
primary 'Subburaman, P.' 4  ?                   
primary 'Li, Y.'         5  ?                   
primary 'Wu, Y.'         6  ?                   
primary 'Yan, H.'        7  ?                   
primary 'Ji, X.'         8  0000-0001-6942-1514 
1       'Shi, G.'        9  ?                   
1       'Blaszczyk, J.'  10 ?                   
1       'Ji, X.'         11 ?                   
1       'Yan, H.'        12 ?                   
# 
_cell.length_a           53.00 
_cell.length_b           70.64 
_cell.length_c           36.25 
_cell.angle_alpha        90.00 
_cell.angle_beta         90.00 
_cell.angle_gamma        90.00 
_cell.entry_id           3UDV 
_cell.pdbx_unique_axis   ? 
_cell.Z_PDB              4 
_cell.length_a_esd       ? 
_cell.length_b_esd       ? 
_cell.length_c_esd       ? 
_cell.angle_alpha_esd    ? 
_cell.angle_beta_esd     ? 
_cell.angle_gamma_esd    ? 
# 
_symmetry.space_group_name_H-M             'P 21 21 2' 
_symmetry.entry_id                         3UDV 
_symmetry.Int_Tables_number                18 
_symmetry.pdbx_full_space_group_name_H-M   ? 
_symmetry.cell_setting                     ? 
_symmetry.space_group_name_Hall            ? 
# 
loop_
_entity.id 
_entity.type 
_entity.src_method 
_entity.pdbx_description 
_entity.formula_weight 
_entity.pdbx_number_of_molecules 
_entity.pdbx_ec 
_entity.pdbx_mutation 
_entity.pdbx_fragment 
_entity.details 
1 polymer     man '2-amino-4-hydroxy-6-hydroxymethyldihydropteridine pyrophosphokinase' 17966.535 1  2.7.6.3 ? ? ? 
2 non-polymer syn 
"5'-S-[1-(2-{[(2-amino-7,7-dimethyl-4-oxo-3,4,7,8-tetrahydropteridin-6-yl)carbonyl]amino}ethyl)piperidin-4-yl]-5'-thioadenosine" 
628.706   1  ?       ? ? ? 
3 non-polymer syn 'ACETATE ION' 59.044    1  ?       ? ? ? 
4 water       nat water 18.015    91 ?       ? ? ? 
# 
_entity_name_com.entity_id   1 
_entity_name_com.name        
'6-hydroxymethyl-7,8-dihydropterin pyrophosphokinase, PPPK, 7,8-dihydro-6-hydroxymethylpterin-pyrophosphokinase, HPPK' 
# 
_entity_poly.entity_id                      1 
_entity_poly.type                           'polypeptide(L)' 
_entity_poly.nstd_linkage                   no 
_entity_poly.nstd_monomer                   no 
_entity_poly.pdbx_seq_one_letter_code       
;TVAYIAIGSNLASPLEQVNAALKALGDIPESHILTVSSFYRTPPLGPQDQPDYLNAAVALETSLAPEELLNHTQRIELQQ
GRVRKAERWGPRTLDLDIMLFGNEVINTERLTVPHYDMKNRGFMLWPLFEIAPELVFPDGEMLRQILHTRAFDKLNKW
;
_entity_poly.pdbx_seq_one_letter_code_can   
;TVAYIAIGSNLASPLEQVNAALKALGDIPESHILTVSSFYRTPPLGPQDQPDYLNAAVALETSLAPEELLNHTQRIELQQ
GRVRKAERWGPRTLDLDIMLFGNEVINTERLTVPHYDMKNRGFMLWPLFEIAPELVFPDGEMLRQILHTRAFDKLNKW
;
_entity_poly.pdbx_strand_id                 A 
_entity_poly.pdbx_target_identifier         ? 
# 
loop_
_entity_poly_seq.entity_id 
_entity_poly_seq.num 
_entity_poly_seq.mon_id 
_entity_poly_seq.hetero 
1 1   THR n 
1 2   VAL n 
1 3   ALA n 
1 4   TYR n 
1 5   ILE n 
1 6   ALA n 
1 7   ILE n 
1 8   GLY n 
1 9   SER n 
1 10  ASN n 
1 11  LEU n 
1 12  ALA n 
1 13  SER n 
1 14  PRO n 
1 15  LEU n 
1 16  GLU n 
1 17  GLN n 
1 18  VAL n 
1 19  ASN n 
1 20  ALA n 
1 21  ALA n 
1 22  LEU n 
1 23  LYS n 
1 24  ALA n 
1 25  LEU n 
1 26  GLY n 
1 27  ASP n 
1 28  ILE n 
1 29  PRO n 
1 30  GLU n 
1 31  SER n 
1 32  HIS n 
1 33  ILE n 
1 34  LEU n 
1 35  THR n 
1 36  VAL n 
1 37  SER n 
1 38  SER n 
1 39  PHE n 
1 40  TYR n 
1 41  ARG n 
1 42  THR n 
1 43  PRO n 
1 44  PRO n 
1 45  LEU n 
1 46  GLY n 
1 47  PRO n 
1 48  GLN n 
1 49  ASP n 
1 50  GLN n 
1 51  PRO n 
1 52  ASP n 
1 53  TYR n 
1 54  LEU n 
1 55  ASN n 
1 56  ALA n 
1 57  ALA n 
1 58  VAL n 
1 59  ALA n 
1 60  LEU n 
1 61  GLU n 
1 62  THR n 
1 63  SER n 
1 64  LEU n 
1 65  ALA n 
1 66  PRO n 
1 67  GLU n 
1 68  GLU n 
1 69  LEU n 
1 70  LEU n 
1 71  ASN n 
1 72  HIS n 
1 73  THR n 
1 74  GLN n 
1 75  ARG n 
1 76  ILE n 
1 77  GLU n 
1 78  LEU n 
1 79  GLN n 
1 80  GLN n 
1 81  GLY n 
1 82  ARG n 
1 83  VAL n 
1 84  ARG n 
1 85  LYS n 
1 86  ALA n 
1 87  GLU n 
1 88  ARG n 
1 89  TRP n 
1 90  GLY n 
1 91  PRO n 
1 92  ARG n 
1 93  THR n 
1 94  LEU n 
1 95  ASP n 
1 96  LEU n 
1 97  ASP n 
1 98  ILE n 
1 99  MET n 
1 100 LEU n 
1 101 PHE n 
1 102 GLY n 
1 103 ASN n 
1 104 GLU n 
1 105 VAL n 
1 106 ILE n 
1 107 ASN n 
1 108 THR n 
1 109 GLU n 
1 110 ARG n 
1 111 LEU n 
1 112 THR n 
1 113 VAL n 
1 114 PRO n 
1 115 HIS n 
1 116 TYR n 
1 117 ASP n 
1 118 MET n 
1 119 LYS n 
1 120 ASN n 
1 121 ARG n 
1 122 GLY n 
1 123 PHE n 
1 124 MET n 
1 125 LEU n 
1 126 TRP n 
1 127 PRO n 
1 128 LEU n 
1 129 PHE n 
1 130 GLU n 
1 131 ILE n 
1 132 ALA n 
1 133 PRO n 
1 134 GLU n 
1 135 LEU n 
1 136 VAL n 
1 137 PHE n 
1 138 PRO n 
1 139 ASP n 
1 140 GLY n 
1 141 GLU n 
1 142 MET n 
1 143 LEU n 
1 144 ARG n 
1 145 GLN n 
1 146 ILE n 
1 147 LEU n 
1 148 HIS n 
1 149 THR n 
1 150 ARG n 
1 151 ALA n 
1 152 PHE n 
1 153 ASP n 
1 154 LYS n 
1 155 LEU n 
1 156 ASN n 
1 157 LYS n 
1 158 TRP n 
# 
_entity_src_gen.entity_id                          1 
_entity_src_gen.pdbx_src_id                        1 
_entity_src_gen.pdbx_alt_source_flag               sample 
_entity_src_gen.pdbx_seq_type                      ? 
_entity_src_gen.pdbx_beg_seq_num                   ? 
_entity_src_gen.pdbx_end_seq_num                   ? 
_entity_src_gen.gene_src_common_name               ? 
_entity_src_gen.gene_src_genus                     ? 
_entity_src_gen.pdbx_gene_src_gene                 'b0142, foIK, folK, JW0138' 
_entity_src_gen.gene_src_species                   ? 
_entity_src_gen.gene_src_strain                    K12 
_entity_src_gen.gene_src_tissue                    ? 
_entity_src_gen.gene_src_tissue_fraction           ? 
_entity_src_gen.gene_src_details                   ? 
_entity_src_gen.pdbx_gene_src_fragment             ? 
_entity_src_gen.pdbx_gene_src_scientific_name      'Escherichia coli' 
_entity_src_gen.pdbx_gene_src_ncbi_taxonomy_id     83333 
_entity_src_gen.pdbx_gene_src_variant              ? 
_entity_src_gen.pdbx_gene_src_cell_line            ? 
_entity_src_gen.pdbx_gene_src_atcc                 ? 
_entity_src_gen.pdbx_gene_src_organ                ? 
_entity_src_gen.pdbx_gene_src_organelle            ? 
_entity_src_gen.pdbx_gene_src_cell                 ? 
_entity_src_gen.pdbx_gene_src_cellular_location    ? 
_entity_src_gen.host_org_common_name               ? 
_entity_src_gen.pdbx_host_org_scientific_name      'Escherichia coli' 
_entity_src_gen.pdbx_host_org_ncbi_taxonomy_id     562 
_entity_src_gen.host_org_genus                     ? 
_entity_src_gen.pdbx_host_org_gene                 ? 
_entity_src_gen.pdbx_host_org_organ                ? 
_entity_src_gen.host_org_species                   ? 
_entity_src_gen.pdbx_host_org_tissue               ? 
_entity_src_gen.pdbx_host_org_tissue_fraction      ? 
_entity_src_gen.pdbx_host_org_strain               'BL21(DE3)' 
_entity_src_gen.pdbx_host_org_variant              ? 
_entity_src_gen.pdbx_host_org_cell_line            ? 
_entity_src_gen.pdbx_host_org_atcc                 ? 
_entity_src_gen.pdbx_host_org_culture_collection   ? 
_entity_src_gen.pdbx_host_org_cell                 ? 
_entity_src_gen.pdbx_host_org_organelle            ? 
_entity_src_gen.pdbx_host_org_cellular_location    ? 
_entity_src_gen.pdbx_host_org_vector_type          plasmid 
_entity_src_gen.pdbx_host_org_vector               ? 
_entity_src_gen.host_org_details                   ? 
_entity_src_gen.expression_system_id               ? 
_entity_src_gen.plasmid_name                       pET17b 
_entity_src_gen.plasmid_details                    ? 
_entity_src_gen.pdbx_description                   ? 
# 
_struct_ref.id                         1 
_struct_ref.db_name                    UNP 
_struct_ref.db_code                    HPPK_ECOLI 
_struct_ref.pdbx_db_accession          P26281 
_struct_ref.entity_id                  1 
_struct_ref.pdbx_seq_one_letter_code   
;TVAYIAIGSNLASPLEQVNAALKALGDIPESHILTVSSFYRTPPLGPQDQPDYLNAAVALETSLAPEELLNHTQRIELQQ
GRVRKAERWGPRTLDLDIMLFGNEVINTERLTVPHYDMKNRGFMLWPLFEIAPELVFPDGEMLRQILHTRAFDKLNKW
;
_struct_ref.pdbx_align_begin           2 
_struct_ref.pdbx_db_isoform            ? 
# 
_struct_ref_seq.align_id                      1 
_struct_ref_seq.ref_id                        1 
_struct_ref_seq.pdbx_PDB_id_code              3UDV 
_struct_ref_seq.pdbx_strand_id                A 
_struct_ref_seq.seq_align_beg                 1 
_struct_ref_seq.pdbx_seq_align_beg_ins_code   ? 
_struct_ref_seq.seq_align_end                 158 
_struct_ref_seq.pdbx_seq_align_end_ins_code   ? 
_struct_ref_seq.pdbx_db_accession             P26281 
_struct_ref_seq.db_align_beg                  2 
_struct_ref_seq.pdbx_db_align_beg_ins_code    ? 
_struct_ref_seq.db_align_end                  159 
_struct_ref_seq.pdbx_db_align_end_ins_code    ? 
_struct_ref_seq.pdbx_auth_seq_align_beg       1 
_struct_ref_seq.pdbx_auth_seq_align_end       158 
# 
loop_
_chem_comp.id 
_chem_comp.type 
_chem_comp.mon_nstd_flag 
_chem_comp.name 
_chem_comp.pdbx_synonyms 
_chem_comp.formula 
_chem_comp.formula_weight 
ACT non-polymer         . 'ACETATE ION' ? 'C2 H3 O2 -1'      59.044  
ALA 'L-peptide linking' y ALANINE ? 'C3 H7 N O2'       89.093  
ARG 'L-peptide linking' y ARGININE ? 'C6 H15 N4 O2 1'   175.209 
ASN 'L-peptide linking' y ASPARAGINE ? 'C4 H8 N2 O3'      132.118 
ASP 'L-peptide linking' y 'ASPARTIC ACID' ? 'C4 H7 N O4'       133.103 
GLN 'L-peptide linking' y GLUTAMINE ? 'C5 H10 N2 O3'     146.144 
GLU 'L-peptide linking' y 'GLUTAMIC ACID' ? 'C5 H9 N O4'       147.129 
GLY 'peptide linking'   y GLYCINE ? 'C2 H5 N O2'       75.067  
HIS 'L-peptide linking' y HISTIDINE ? 'C6 H10 N3 O2 1'   156.162 
HOH non-polymer         . WATER ? 'H2 O'             18.015  
ILE 'L-peptide linking' y ISOLEUCINE ? 'C6 H13 N O2'      131.173 
J1C non-polymer         . 
"5'-S-[1-(2-{[(2-amino-7,7-dimethyl-4-oxo-3,4,7,8-tetrahydropteridin-6-yl)carbonyl]amino}ethyl)piperidin-4-yl]-5'-thioadenosine" ? 
'C26 H36 N12 O5 S' 628.706 
LEU 'L-peptide linking' y LEUCINE ? 'C6 H13 N O2'      131.173 
LYS 'L-peptide linking' y LYSINE ? 'C6 H15 N2 O2 1'   147.195 
MET 'L-peptide linking' y METHIONINE ? 'C5 H11 N O2 S'    149.211 
PHE 'L-peptide linking' y PHENYLALANINE ? 'C9 H11 N O2'      165.189 
PRO 'L-peptide linking' y PROLINE ? 'C5 H9 N O2'       115.130 
SER 'L-peptide linking' y SERINE ? 'C3 H7 N O3'       105.093 
THR 'L-peptide linking' y THREONINE ? 'C4 H9 N O3'       119.119 
TRP 'L-peptide linking' y TRYPTOPHAN ? 'C11 H12 N2 O2'    204.225 
TYR 'L-peptide linking' y TYROSINE ? 'C9 H11 N O3'      181.189 
VAL 'L-peptide linking' y VALINE ? 'C5 H11 N O2'      117.146 
# 
_exptl.crystals_number   1 
_exptl.entry_id          3UDV 
_exptl.method            'X-RAY DIFFRACTION' 
# 
_exptl_crystal.id                    1 
_exptl_crystal.density_Matthews      1.89 
_exptl_crystal.density_meas          ? 
_exptl_crystal.density_percent_sol   34.87 
_exptl_crystal.description           ? 
_exptl_crystal.F_000                 ? 
_exptl_crystal.preparation           ? 
# 
_exptl_crystal_grow.crystal_id      1 
_exptl_crystal_grow.method          'VAPOR DIFFUSION, SITTING DROP' 
_exptl_crystal_grow.pH              7.5 
_exptl_crystal_grow.temp            292 
_exptl_crystal_grow.pdbx_details    'PEG 3350, ammonium acetate, Bis-Tris, pH 7.5, vapor diffusion, sitting drop, temperature 292K' 
_exptl_crystal_grow.temp_details    ? 
_exptl_crystal_grow.pdbx_pH_range   ? 
# 
_diffrn.id                     1 
_diffrn.ambient_temp           100 
_diffrn.ambient_temp_details   ? 
_diffrn.crystal_id             1 
# 
_diffrn_detector.diffrn_id              1 
_diffrn_detector.detector               CCD 
_diffrn_detector.type                   'MARMOSAIC 300 mm CCD' 
_diffrn_detector.pdbx_collection_date   2010-02-13 
_diffrn_detector.details                mirrors 
# 
_diffrn_radiation.diffrn_id                        1 
_diffrn_radiation.pdbx_diffrn_protocol             'SINGLE WAVELENGTH' 
_diffrn_radiation.monochromator                    GRAPHITE 
_diffrn_radiation.wavelength_id                    1 
_diffrn_radiation.pdbx_monochromatic_or_laue_m_l   M 
_diffrn_radiation.pdbx_scattering_type             x-ray 
# 
_diffrn_radiation_wavelength.id           1 
_diffrn_radiation_wavelength.wavelength   1.00000 
_diffrn_radiation_wavelength.wt           1.0 
# 
_diffrn_source.diffrn_id                   1 
_diffrn_source.source                      SYNCHROTRON 
_diffrn_source.type                        'APS BEAMLINE 22-ID' 
_diffrn_source.pdbx_wavelength_list        1.00000 
_diffrn_source.pdbx_wavelength             ? 
_diffrn_source.pdbx_synchrotron_site       APS 
_diffrn_source.pdbx_synchrotron_beamline   22-ID 
# 
_reflns.entry_id                     3UDV 
_reflns.d_resolution_high            1.790 
_reflns.d_resolution_low             30.000 
_reflns.number_obs                   11716 
_reflns.pdbx_Rmerge_I_obs            0.074 
_reflns.pdbx_netI_over_sigmaI        11.800 
_reflns.pdbx_chi_squared             0.981 
_reflns.pdbx_redundancy              6.000 
_reflns.percent_possible_obs         87.600 
_reflns.observed_criterion_sigma_F   -6 
_reflns.observed_criterion_sigma_I   -3 
_reflns.number_all                   11716 
_reflns.pdbx_Rsym_value              ? 
_reflns.B_iso_Wilson_estimate        ? 
_reflns.R_free_details               ? 
_reflns.limit_h_max                  ? 
_reflns.limit_h_min                  ? 
_reflns.limit_k_max                  ? 
_reflns.limit_k_min                  ? 
_reflns.limit_l_max                  ? 
_reflns.limit_l_min                  ? 
_reflns.observed_criterion_F_max     ? 
_reflns.observed_criterion_F_min     ? 
_reflns.pdbx_scaling_rejects         ? 
_reflns.pdbx_ordinal                 1 
_reflns.pdbx_diffrn_id               1 
# 
loop_
_reflns_shell.d_res_high 
_reflns_shell.d_res_low 
_reflns_shell.number_measured_obs 
_reflns_shell.number_measured_all 
_reflns_shell.number_unique_obs 
_reflns_shell.Rmerge_I_obs 
_reflns_shell.meanI_over_sigI_obs 
_reflns_shell.pdbx_Rsym_value 
_reflns_shell.pdbx_chi_squared 
_reflns_shell.pdbx_redundancy 
_reflns_shell.percent_possible_obs 
_reflns_shell.number_unique_all 
_reflns_shell.percent_possible_all 
_reflns_shell.pdbx_ordinal 
_reflns_shell.pdbx_diffrn_id 
1.790 1.850  ? ? ? 0.322 ? ? 0.967 2.800 ? 658  50.400  1  1 
1.850 1.930  ? ? ? 0.327 ? ? 0.955 3.700 ? 864  66.000  2  1 
1.930 2.020  ? ? ? 0.288 ? ? 0.976 4.700 ? 1027 78.100  3  1 
2.020 2.120  ? ? ? 0.245 ? ? 0.959 5.600 ? 1174 89.100  4  1 
2.120 2.260  ? ? ? 0.212 ? ? 1.042 6.200 ? 1229 94.200  5  1 
2.260 2.430  ? ? ? 0.160 ? ? 0.975 6.600 ? 1284 96.500  6  1 
2.430 2.670  ? ? ? 0.139 ? ? 0.971 7.100 ? 1314 99.800  7  1 
2.670 3.060  ? ? ? 0.095 ? ? 0.999 7.200 ? 1354 100.000 8  1 
3.060 3.850  ? ? ? 0.050 ? ? 0.981 7.100 ? 1355 100.000 9  1 
3.850 30.000 ? ? ? 0.035 ? ? 0.959 6.600 ? 1457 99.900  10 1 
# 
_refine.entry_id                                 3UDV 
_refine.ls_d_res_high                            1.8800 
_refine.ls_d_res_low                             29.9210 
_refine.pdbx_ls_sigma_F                          1.340 
_refine.pdbx_data_cutoff_high_absF               ? 
_refine.pdbx_data_cutoff_low_absF                ? 
_refine.ls_percent_reflns_obs                    92.7800 
_refine.ls_number_reflns_obs                     10754 
_refine.ls_number_reflns_all                     10754 
_refine.pdbx_ls_cross_valid_method               THROUGHOUT 
_refine.pdbx_R_Free_selection_details            Random 
_refine.details                                  ? 
_refine.ls_R_factor_all                          ? 
_refine.ls_R_factor_obs                          0.2155 
_refine.ls_R_factor_R_work                       0.2099 
_refine.ls_wR_factor_R_work                      ? 
_refine.ls_R_factor_R_free                       0.2749 
_refine.ls_wR_factor_R_free                      ? 
_refine.ls_percent_reflns_R_free                 8.5500 
_refine.ls_number_reflns_R_free                  920 
_refine.ls_R_factor_R_free_error                 ? 
_refine.B_iso_mean                               27.3913 
_refine.solvent_model_param_bsol                 41.3710 
_refine.solvent_model_param_ksol                 0.3820 
_refine.pdbx_isotropic_thermal_model             Isotropic 
_refine.aniso_B[1][1]                            0.0000 
_refine.aniso_B[2][2]                            0.0000 
_refine.aniso_B[3][3]                            0.0000 
_refine.aniso_B[1][2]                            0.0000 
_refine.aniso_B[1][3]                            0.0000 
_refine.aniso_B[2][3]                            0.0000 
_refine.correlation_coeff_Fo_to_Fc               ? 
_refine.correlation_coeff_Fo_to_Fc_free          ? 
_refine.overall_SU_R_Cruickshank_DPI             ? 
_refine.overall_SU_R_free                        ? 
_refine.pdbx_overall_ESU_R_Free                  ? 
_refine.overall_SU_ML                            0.4800 
_refine.overall_SU_B                             ? 
_refine.solvent_model_details                    'FLAT BULK SOLVENT MODEL' 
_refine.pdbx_solvent_vdw_probe_radii             1.1100 
_refine.pdbx_solvent_ion_probe_radii             ? 
_refine.pdbx_solvent_shrinkage_radii             0.9000 
_refine.ls_number_parameters                     ? 
_refine.ls_number_restraints                     ? 
_refine.pdbx_starting_model                      'PDB Entry 3UDE' 
_refine.pdbx_method_to_determine_struct          'FOURIER SYNTHESIS' 
_refine.pdbx_stereochemistry_target_values       ML 
_refine.pdbx_stereochem_target_val_spec_case     ? 
_refine.overall_FOM_work_R_set                   ? 
_refine.B_iso_max                                87.680 
_refine.B_iso_min                                5.180 
_refine.pdbx_overall_phase_error                 28.5400 
_refine.occupancy_max                            1.000 
_refine.occupancy_min                            0.000 
_refine.pdbx_ls_sigma_I                          ? 
_refine.ls_redundancy_reflns_obs                 ? 
_refine.ls_R_factor_R_free_error_details         ? 
_refine.pdbx_data_cutoff_high_rms_absF           ? 
_refine.overall_FOM_free_R_set                   ? 
_refine.pdbx_diffrn_id                           1 
_refine.pdbx_refine_id                           'X-RAY DIFFRACTION' 
_refine.pdbx_overall_ESU_R                       ? 
_refine.pdbx_TLS_residual_ADP_flag               ? 
_refine.pdbx_overall_SU_R_free_Cruickshank_DPI   ? 
_refine.pdbx_overall_SU_R_Blow_DPI               ? 
_refine.pdbx_overall_SU_R_free_Blow_DPI          ? 
# 
_refine_hist.pdbx_refine_id                   'X-RAY DIFFRACTION' 
_refine_hist.cycle_id                         LAST 
_refine_hist.pdbx_number_atoms_protein        1235 
_refine_hist.pdbx_number_atoms_nucleic_acid   0 
_refine_hist.pdbx_number_atoms_ligand         48 
_refine_hist.number_atoms_solvent             91 
_refine_hist.number_atoms_total               1374 
_refine_hist.d_res_high                       1.8800 
_refine_hist.d_res_low                        29.9210 
# 
loop_
_refine_ls_restr.type 
_refine_ls_restr.number 
_refine_ls_restr.dev_ideal 
_refine_ls_restr.dev_ideal_target 
_refine_ls_restr.weight 
_refine_ls_restr.pdbx_restraint_function 
_refine_ls_restr.pdbx_refine_id 
f_bond_d           1365 0.013  ? ? ? 'X-RAY DIFFRACTION' 
f_angle_d          1876 1.376  ? ? ? 'X-RAY DIFFRACTION' 
f_chiral_restr     208  0.087  ? ? ? 'X-RAY DIFFRACTION' 
f_plane_restr      242  0.008  ? ? ? 'X-RAY DIFFRACTION' 
f_dihedral_angle_d 531  14.998 ? ? ? 'X-RAY DIFFRACTION' 
# 
loop_
_refine_ls_shell.d_res_high 
_refine_ls_shell.d_res_low 
_refine_ls_shell.pdbx_total_number_of_bins_used 
_refine_ls_shell.percent_reflns_obs 
_refine_ls_shell.number_reflns_R_work 
_refine_ls_shell.R_factor_all 
_refine_ls_shell.R_factor_R_work 
_refine_ls_shell.R_factor_R_free 
_refine_ls_shell.percent_reflns_R_free 
_refine_ls_shell.number_reflns_R_free 
_refine_ls_shell.R_factor_R_free_error 
_refine_ls_shell.number_reflns_all 
_refine_ls_shell.number_reflns_obs 
_refine_ls_shell.redundancy_reflns_obs 
_refine_ls_shell.pdbx_refine_id 
1.8800 1.9791  7 72.0000  1052 . 0.2528 0.2881 . 98  . 1150 1150 . 'X-RAY DIFFRACTION' 
1.9791 2.1031  7 86.0000  1265 . 0.2630 0.3664 . 119 . 1384 1384 . 'X-RAY DIFFRACTION' 
2.1031 2.2654  7 94.0000  1413 . 0.2565 0.3442 . 131 . 1544 1544 . 'X-RAY DIFFRACTION' 
2.2654 2.4933  7 97.0000  1450 . 0.2263 0.2976 . 136 . 1586 1586 . 'X-RAY DIFFRACTION' 
2.4933 2.8538  7 100.0000 1496 . 0.2063 0.2929 . 140 . 1636 1636 . 'X-RAY DIFFRACTION' 
2.8538 3.5945  7 100.0000 1547 . 0.1873 0.2601 . 145 . 1692 1692 . 'X-RAY DIFFRACTION' 
3.5945 29.9246 7 100.0000 1611 . 0.1926 0.2331 . 151 . 1762 1762 . 'X-RAY DIFFRACTION' 
# 
_struct.entry_id                  3UDV 
_struct.title                     'Crystal structure of E. coli HPPK in complex with bisubstrate analogue inhibitor J1C' 
_struct.pdbx_model_details        ? 
_struct.pdbx_CASP_flag            ? 
_struct.pdbx_model_type_details   ? 
# 
_struct_keywords.entry_id        3UDV 
_struct_keywords.text            
'Alpha Beta, Kinase, ATP Binding, Pyrophosphoryl Transfer, TRANSFERASE-TRANSFERASE INHIBITOR complex' 
_struct_keywords.pdbx_keywords   'TRANSFERASE/TRANSFERASE INHIBITOR' 
# 
loop_
_struct_asym.id 
_struct_asym.pdbx_blank_PDB_chainid_flag 
_struct_asym.pdbx_modified 
_struct_asym.entity_id 
_struct_asym.details 
A N N 1 ? 
B N N 2 ? 
C N N 3 ? 
D N N 4 ? 
# 
_struct_biol.id        1 
_struct_biol.details   ? 
# 
loop_
_struct_conf.conf_type_id 
_struct_conf.id 
_struct_conf.pdbx_PDB_helix_id 
_struct_conf.beg_label_comp_id 
_struct_conf.beg_label_asym_id 
_struct_conf.beg_label_seq_id 
_struct_conf.pdbx_beg_PDB_ins_code 
_struct_conf.end_label_comp_id 
_struct_conf.end_label_asym_id 
_struct_conf.end_label_seq_id 
_struct_conf.pdbx_end_PDB_ins_code 
_struct_conf.beg_auth_comp_id 
_struct_conf.beg_auth_asym_id 
_struct_conf.beg_auth_seq_id 
_struct_conf.end_auth_comp_id 
_struct_conf.end_auth_asym_id 
_struct_conf.end_auth_seq_id 
_struct_conf.pdbx_PDB_helix_class 
_struct_conf.details 
_struct_conf.pdbx_PDB_helix_length 
HELX_P HELX_P1 1 PRO A 14  ? ILE A 28  ? PRO A 14  ILE A 28  1 ? 15 
HELX_P HELX_P2 2 ALA A 65  ? GLY A 81  ? ALA A 65  GLY A 81  1 ? 17 
HELX_P HELX_P3 3 ASP A 117 ? ASN A 120 ? ASP A 117 ASN A 120 5 ? 4  
HELX_P HELX_P4 4 ARG A 121 ? ALA A 132 ? ARG A 121 ALA A 132 1 ? 12 
HELX_P HELX_P5 5 MET A 142 ? ALA A 151 ? MET A 142 ALA A 151 1 ? 10 
# 
_struct_conf_type.id          HELX_P 
_struct_conf_type.criteria    ? 
_struct_conf_type.reference   ? 
# 
loop_
_struct_mon_prot_cis.pdbx_id 
_struct_mon_prot_cis.label_comp_id 
_struct_mon_prot_cis.label_seq_id 
_struct_mon_prot_cis.label_asym_id 
_struct_mon_prot_cis.label_alt_id 
_struct_mon_prot_cis.pdbx_PDB_ins_code 
_struct_mon_prot_cis.auth_comp_id 
_struct_mon_prot_cis.auth_seq_id 
_struct_mon_prot_cis.auth_asym_id 
_struct_mon_prot_cis.pdbx_label_comp_id_2 
_struct_mon_prot_cis.pdbx_label_seq_id_2 
_struct_mon_prot_cis.pdbx_label_asym_id_2 
_struct_mon_prot_cis.pdbx_PDB_ins_code_2 
_struct_mon_prot_cis.pdbx_auth_comp_id_2 
_struct_mon_prot_cis.pdbx_auth_seq_id_2 
_struct_mon_prot_cis.pdbx_auth_asym_id_2 
_struct_mon_prot_cis.pdbx_PDB_model_num 
_struct_mon_prot_cis.pdbx_omega_angle 
1 GLY 90  A . ? GLY 90  A PRO 91  A ? PRO 91  A 1 0.75  
2 VAL 113 A . ? VAL 113 A PRO 114 A ? PRO 114 A 1 -8.61 
# 
loop_
_struct_sheet.id 
_struct_sheet.type 
_struct_sheet.number_strands 
_struct_sheet.details 
A ? 4 ? 
B ? 4 ? 
C ? 2 ? 
# 
loop_
_struct_sheet_order.sheet_id 
_struct_sheet_order.range_id_1 
_struct_sheet_order.range_id_2 
_struct_sheet_order.offset 
_struct_sheet_order.sense 
A 1 2 ? anti-parallel 
A 2 3 ? anti-parallel 
A 3 4 ? anti-parallel 
B 1 2 ? anti-parallel 
B 2 3 ? anti-parallel 
B 3 4 ? anti-parallel 
C 1 2 ? anti-parallel 
# 
loop_
_struct_sheet_range.sheet_id 
_struct_sheet_range.id 
_struct_sheet_range.beg_label_comp_id 
_struct_sheet_range.beg_label_asym_id 
_struct_sheet_range.beg_label_seq_id 
_struct_sheet_range.pdbx_beg_PDB_ins_code 
_struct_sheet_range.end_label_comp_id 
_struct_sheet_range.end_label_asym_id 
_struct_sheet_range.end_label_seq_id 
_struct_sheet_range.pdbx_end_PDB_ins_code 
_struct_sheet_range.beg_auth_comp_id 
_struct_sheet_range.beg_auth_asym_id 
_struct_sheet_range.beg_auth_seq_id 
_struct_sheet_range.end_auth_comp_id 
_struct_sheet_range.end_auth_asym_id 
_struct_sheet_range.end_auth_seq_id 
A 1 SER A 31  ? VAL A 36  ? SER A 31  VAL A 36  
A 2 TYR A 53  ? THR A 62  ? TYR A 53  THR A 62  
A 3 VAL A 2   ? SER A 9   ? VAL A 2   SER A 9   
A 4 ASP A 95  ? PHE A 101 ? ASP A 95  PHE A 101 
B 1 SER A 31  ? VAL A 36  ? SER A 31  VAL A 36  
B 2 TYR A 53  ? THR A 62  ? TYR A 53  THR A 62  
B 3 TYR A 40  ? THR A 42  ? TYR A 40  THR A 42  
B 4 ASN A 156 ? LYS A 157 ? ASN A 156 LYS A 157 
C 1 ILE A 106 ? ASN A 107 ? ILE A 106 ASN A 107 
C 2 THR A 112 ? VAL A 113 ? THR A 112 VAL A 113 
# 
loop_
_pdbx_struct_sheet_hbond.sheet_id 
_pdbx_struct_sheet_hbond.range_id_1 
_pdbx_struct_sheet_hbond.range_id_2 
_pdbx_struct_sheet_hbond.range_1_label_atom_id 
_pdbx_struct_sheet_hbond.range_1_label_comp_id 
_pdbx_struct_sheet_hbond.range_1_label_asym_id 
_pdbx_struct_sheet_hbond.range_1_label_seq_id 
_pdbx_struct_sheet_hbond.range_1_PDB_ins_code 
_pdbx_struct_sheet_hbond.range_1_auth_atom_id 
_pdbx_struct_sheet_hbond.range_1_auth_comp_id 
_pdbx_struct_sheet_hbond.range_1_auth_asym_id 
_pdbx_struct_sheet_hbond.range_1_auth_seq_id 
_pdbx_struct_sheet_hbond.range_2_label_atom_id 
_pdbx_struct_sheet_hbond.range_2_label_comp_id 
_pdbx_struct_sheet_hbond.range_2_label_asym_id 
_pdbx_struct_sheet_hbond.range_2_label_seq_id 
_pdbx_struct_sheet_hbond.range_2_PDB_ins_code 
_pdbx_struct_sheet_hbond.range_2_auth_atom_id 
_pdbx_struct_sheet_hbond.range_2_auth_comp_id 
_pdbx_struct_sheet_hbond.range_2_auth_asym_id 
_pdbx_struct_sheet_hbond.range_2_auth_seq_id 
A 1 2 N LEU A 34  ? N LEU A 34  O ALA A 59  ? O ALA A 59  
A 2 3 O LEU A 60  ? O LEU A 60  N ALA A 3   ? N ALA A 3   
A 3 4 N ALA A 6   ? N ALA A 6   O ASP A 97  ? O ASP A 97  
B 1 2 N LEU A 34  ? N LEU A 34  O ALA A 59  ? O ALA A 59  
B 2 3 O TYR A 53  ? O TYR A 53  N THR A 42  ? N THR A 42  
B 3 4 N ARG A 41  ? N ARG A 41  O ASN A 156 ? O ASN A 156 
C 1 2 N ILE A 106 ? N ILE A 106 O VAL A 113 ? O VAL A 113 
# 
loop_
_struct_site.id 
_struct_site.pdbx_evidence_code 
_struct_site.pdbx_auth_asym_id 
_struct_site.pdbx_auth_comp_id 
_struct_site.pdbx_auth_seq_id 
_struct_site.pdbx_auth_ins_code 
_struct_site.pdbx_num_residues 
_struct_site.details 
AC1 Software A J1C 171 ? 23 'BINDING SITE FOR RESIDUE J1C A 171' 
AC2 Software A ACT 191 ? 7  'BINDING SITE FOR RESIDUE ACT A 191' 
# 
loop_
_struct_site_gen.id 
_struct_site_gen.site_id 
_struct_site_gen.pdbx_num_res 
_struct_site_gen.label_comp_id 
_struct_site_gen.label_asym_id 
_struct_site_gen.label_seq_id 
_struct_site_gen.pdbx_auth_ins_code 
_struct_site_gen.auth_comp_id 
_struct_site_gen.auth_asym_id 
_struct_site_gen.auth_seq_id 
_struct_site_gen.label_atom_id 
_struct_site_gen.label_alt_id 
_struct_site_gen.symmetry 
_struct_site_gen.details 
1  AC1 23 LYS A 23  ? LYS A 23  . ? 4_456 ? 
2  AC1 23 THR A 42  ? THR A 42  . ? 1_555 ? 
3  AC1 23 PRO A 43  ? PRO A 43  . ? 1_555 ? 
4  AC1 23 LEU A 45  ? LEU A 45  . ? 1_555 ? 
5  AC1 23 TYR A 53  ? TYR A 53  . ? 1_555 ? 
6  AC1 23 ASN A 55  ? ASN A 55  . ? 1_555 ? 
7  AC1 23 GLN A 74  ? GLN A 74  . ? 1_555 ? 
8  AC1 23 GLU A 77  ? GLU A 77  . ? 1_555 ? 
9  AC1 23 ARG A 88  ? ARG A 88  . ? 1_555 ? 
10 AC1 23 TRP A 89  ? TRP A 89  . ? 1_555 ? 
11 AC1 23 GLY A 90  ? GLY A 90  . ? 1_555 ? 
12 AC1 23 ARG A 92  ? ARG A 92  . ? 1_555 ? 
13 AC1 23 ASP A 95  ? ASP A 95  . ? 1_555 ? 
14 AC1 23 ASP A 97  ? ASP A 97  . ? 1_555 ? 
15 AC1 23 ILE A 98  ? ILE A 98  . ? 1_555 ? 
16 AC1 23 ARG A 110 ? ARG A 110 . ? 1_555 ? 
17 AC1 23 THR A 112 ? THR A 112 . ? 1_555 ? 
18 AC1 23 PHE A 123 ? PHE A 123 . ? 1_555 ? 
19 AC1 23 ACT C .   ? ACT A 191 . ? 1_555 ? 
20 AC1 23 HOH D .   ? HOH A 232 . ? 1_555 ? 
21 AC1 23 HOH D .   ? HOH A 254 . ? 1_556 ? 
22 AC1 23 HOH D .   ? HOH A 255 . ? 1_555 ? 
23 AC1 23 HOH D .   ? HOH A 263 . ? 1_555 ? 
24 AC2 7  ALA A 6   ? ALA A 6   . ? 1_555 ? 
25 AC2 7  GLY A 8   ? GLY A 8   . ? 1_555 ? 
26 AC2 7  ASN A 55  ? ASN A 55  . ? 1_555 ? 
27 AC2 7  ASP A 97  ? ASP A 97  . ? 1_555 ? 
28 AC2 7  MET A 124 ? MET A 124 . ? 1_555 ? 
29 AC2 7  J1C B .   ? J1C A 171 . ? 1_555 ? 
30 AC2 7  HOH D .   ? HOH A 227 . ? 1_555 ? 
# 
_atom_sites.entry_id                    3UDV 
_atom_sites.fract_transf_matrix[1][1]   -0.01218139 
_atom_sites.fract_transf_matrix[1][2]   -0.01110878 
_atom_sites.fract_transf_matrix[1][3]   -0.00917455 
_atom_sites.fract_transf_matrix[2][1]   -0.00823560 
_atom_sites.fract_transf_matrix[2][2]   -0.00047031 
_atom_sites.fract_transf_matrix[2][3]   0.01150418 
_atom_sites.fract_transf_matrix[3][1]   -0.01364596 
_atom_sites.fract_transf_matrix[3][2]   0.02227926 
_atom_sites.fract_transf_matrix[3][3]   -0.00885804 
_atom_sites.fract_transf_vector[1]      0.218410 
_atom_sites.fract_transf_vector[2]      0.240455 
_atom_sites.fract_transf_vector[3]      0.175650 
# 
loop_
_atom_type.symbol 
C 
N 
O 
S 
# 
loop_
_atom_site.group_PDB 
_atom_site.id 
_atom_site.type_symbol 
_atom_site.label_atom_id 
_atom_site.label_alt_id 
_atom_site.label_comp_id 
_atom_site.label_asym_id 
_atom_site.label_entity_id 
_atom_site.label_seq_id 
_atom_site.pdbx_PDB_ins_code 
_atom_site.Cartn_x 
_atom_site.Cartn_y 
_atom_site.Cartn_z 
_atom_site.occupancy 
_atom_site.B_iso_or_equiv 
_atom_site.pdbx_formal_charge 
_atom_site.auth_seq_id 
_atom_site.auth_comp_id 
_atom_site.auth_asym_id 
_atom_site.auth_atom_id 
_atom_site.pdbx_PDB_model_num 
ATOM   1    N N   . THR A 1 1   ? 6.754   -1.296  -15.634 1.00 28.12 ? 1   THR A N   1 
ATOM   2    C CA  . THR A 1 1   ? 7.341   -1.237  -14.266 1.00 31.71 ? 1   THR A CA  1 
ATOM   3    C C   . THR A 1 1   ? 6.305   -1.760  -13.288 1.00 28.77 ? 1   THR A C   1 
ATOM   4    O O   . THR A 1 1   ? 5.113   -1.511  -13.467 1.00 20.32 ? 1   THR A O   1 
ATOM   5    C CB  . THR A 1 1   ? 7.752   0.218   -13.880 1.00 26.03 ? 1   THR A CB  1 
ATOM   6    O OG1 . THR A 1 1   ? 8.765   0.694   -14.778 1.00 34.64 ? 1   THR A OG1 1 
ATOM   7    C CG2 . THR A 1 1   ? 8.303   0.260   -12.478 1.00 28.05 ? 1   THR A CG2 1 
ATOM   8    N N   . VAL A 1 2   ? 6.721   -2.514  -12.268 1.00 18.57 ? 2   VAL A N   1 
ATOM   9    C CA  A VAL A 1 2   ? 5.790   -2.909  -11.220 1.00 13.61 ? 2   VAL A CA  1 
ATOM   10   C CA  B VAL A 1 2   ? 5.786   -2.930  -11.225 0.00 14.04 ? 2   VAL A CA  1 
ATOM   11   C C   . VAL A 1 2   ? 5.857   -2.020  -9.994  1.00 21.50 ? 2   VAL A C   1 
ATOM   12   O O   . VAL A 1 2   ? 6.923   -1.886  -9.353  1.00 20.09 ? 2   VAL A O   1 
ATOM   13   C CB  A VAL A 1 2   ? 6.011   -4.348  -10.736 1.00 13.75 ? 2   VAL A CB  1 
ATOM   14   C CB  B VAL A 1 2   ? 5.993   -4.408  -10.796 0.00 14.18 ? 2   VAL A CB  1 
ATOM   15   C CG1 A VAL A 1 2   ? 4.912   -4.735  -9.753  1.00 13.84 ? 2   VAL A CG1 1 
ATOM   16   C CG1 B VAL A 1 2   ? 5.880   -5.330  -12.002 0.00 19.56 ? 2   VAL A CG1 1 
ATOM   17   C CG2 A VAL A 1 2   ? 6.021   -5.279  -11.911 1.00 19.73 ? 2   VAL A CG2 1 
ATOM   18   C CG2 B VAL A 1 2   ? 7.330   -4.607  -10.086 0.00 17.16 ? 2   VAL A CG2 1 
ATOM   19   N N   . ALA A 1 3   ? 4.717   -1.415  -9.666  1.00 13.96 ? 3   ALA A N   1 
ATOM   20   C CA  . ALA A 1 3   ? 4.556   -0.612  -8.438  1.00 17.64 ? 3   ALA A CA  1 
ATOM   21   C C   . ALA A 1 3   ? 3.755   -1.412  -7.491  1.00 19.21 ? 3   ALA A C   1 
ATOM   22   O O   . ALA A 1 3   ? 2.786   -2.099  -7.887  1.00 17.28 ? 3   ALA A O   1 
ATOM   23   C CB  . ALA A 1 3   ? 3.822   0.683   -8.720  1.00 16.34 ? 3   ALA A CB  1 
ATOM   24   N N   . TYR A 1 4   ? 4.154   -1.335  -6.235  1.00 8.19  ? 4   TYR A N   1 
ATOM   25   C CA  . TYR A 1 4   ? 3.418   -1.897  -5.124  1.00 7.58  ? 4   TYR A CA  1 
ATOM   26   C C   . TYR A 1 4   ? 2.748   -0.801  -4.338  1.00 13.27 ? 4   TYR A C   1 
ATOM   27   O O   . TYR A 1 4   ? 3.428   0.130   -3.875  1.00 14.61 ? 4   TYR A O   1 
ATOM   28   C CB  . TYR A 1 4   ? 4.355   -2.723  -4.222  1.00 14.08 ? 4   TYR A CB  1 
ATOM   29   C CG  . TYR A 1 4   ? 4.878   -3.961  -4.941  1.00 11.73 ? 4   TYR A CG  1 
ATOM   30   C CD1 . TYR A 1 4   ? 4.136   -5.138  -4.949  1.00 14.60 ? 4   TYR A CD1 1 
ATOM   31   C CD2 . TYR A 1 4   ? 6.031   -3.917  -5.680  1.00 11.43 ? 4   TYR A CD2 1 
ATOM   32   C CE1 . TYR A 1 4   ? 4.580   -6.246  -5.613  1.00 19.04 ? 4   TYR A CE1 1 
ATOM   33   C CE2 . TYR A 1 4   ? 6.490   -5.042  -6.361  1.00 26.35 ? 4   TYR A CE2 1 
ATOM   34   C CZ  . TYR A 1 4   ? 5.744   -6.203  -6.319  1.00 22.82 ? 4   TYR A CZ  1 
ATOM   35   O OH  . TYR A 1 4   ? 6.160   -7.346  -6.991  1.00 23.41 ? 4   TYR A OH  1 
ATOM   36   N N   . ILE A 1 5   ? 1.439   -0.952  -4.125  1.00 15.61 ? 5   ILE A N   1 
ATOM   37   C CA  . ILE A 1 5   ? 0.634   0.043   -3.459  1.00 13.32 ? 5   ILE A CA  1 
ATOM   38   C C   . ILE A 1 5   ? -0.038  -0.542  -2.258  1.00 18.18 ? 5   ILE A C   1 
ATOM   39   O O   . ILE A 1 5   ? -0.624  -1.646  -2.280  1.00 14.11 ? 5   ILE A O   1 
ATOM   40   C CB  . ILE A 1 5   ? -0.454  0.667   -4.469  1.00 15.45 ? 5   ILE A CB  1 
ATOM   41   C CG1 . ILE A 1 5   ? 0.253   1.271   -5.680  1.00 20.71 ? 5   ILE A CG1 1 
ATOM   42   C CG2 . ILE A 1 5   ? -1.356  1.647   -3.768  1.00 17.68 ? 5   ILE A CG2 1 
ATOM   43   C CD1 . ILE A 1 5   ? -0.694  1.759   -6.756  1.00 30.48 ? 5   ILE A CD1 1 
ATOM   44   N N   . ALA A 1 6   ? 0.068   0.193   -1.168  1.00 9.11  ? 6   ALA A N   1 
ATOM   45   C CA  . ALA A 1 6   ? -0.664  -0.138  0.033   1.00 8.41  ? 6   ALA A CA  1 
ATOM   46   C C   . ALA A 1 6   ? -2.001  0.580   0.077   1.00 17.11 ? 6   ALA A C   1 
ATOM   47   O O   . ALA A 1 6   ? -2.084  1.778   -0.240  1.00 16.06 ? 6   ALA A O   1 
ATOM   48   C CB  . ALA A 1 6   ? 0.165   0.192   1.266   1.00 14.71 ? 6   ALA A CB  1 
ATOM   49   N N   . ILE A 1 7   ? -3.022  -0.151  0.527   1.00 18.11 ? 7   ILE A N   1 
ATOM   50   C CA  . ILE A 1 7   ? -4.360  0.371   0.701   1.00 17.49 ? 7   ILE A CA  1 
ATOM   51   C C   . ILE A 1 7   ? -4.805  0.200   2.135   1.00 19.21 ? 7   ILE A C   1 
ATOM   52   O O   . ILE A 1 7   ? -4.620  -0.863  2.741   1.00 16.79 ? 7   ILE A O   1 
ATOM   53   C CB  . ILE A 1 7   ? -5.370  -0.380  -0.210  1.00 11.83 ? 7   ILE A CB  1 
ATOM   54   C CG1 . ILE A 1 7   ? -4.849  -0.497  -1.641  1.00 22.94 ? 7   ILE A CG1 1 
ATOM   55   C CG2 . ILE A 1 7   ? -6.743  0.273   -0.137  1.00 21.94 ? 7   ILE A CG2 1 
ATOM   56   C CD1 . ILE A 1 7   ? -5.724  -1.444  -2.469  1.00 28.99 ? 7   ILE A CD1 1 
ATOM   57   N N   . GLY A 1 8   ? -5.365  1.255   2.723   1.00 11.02 ? 8   GLY A N   1 
ATOM   58   C CA  . GLY A 1 8   ? -5.985  1.153   4.030   1.00 12.10 ? 8   GLY A CA  1 
ATOM   59   C C   . GLY A 1 8   ? -7.254  1.959   4.165   1.00 20.64 ? 8   GLY A C   1 
ATOM   60   O O   . GLY A 1 8   ? -7.404  2.995   3.540   1.00 15.25 ? 8   GLY A O   1 
ATOM   61   N N   . SER A 1 9   ? -8.158  1.495   5.012   1.00 15.87 ? 9   SER A N   1 
ATOM   62   C CA  . SER A 1 9   ? -9.387  2.204   5.274   1.00 16.12 ? 9   SER A CA  1 
ATOM   63   C C   . SER A 1 9   ? -9.851  1.783   6.619   1.00 18.20 ? 9   SER A C   1 
ATOM   64   O O   . SER A 1 9   ? -9.662  0.634   7.027   1.00 25.90 ? 9   SER A O   1 
ATOM   65   C CB  . SER A 1 9   ? -10.464 1.893   4.205   1.00 19.03 ? 9   SER A CB  1 
ATOM   66   O OG  . SER A 1 9   ? -11.762 2.220   4.685   1.00 25.98 ? 9   SER A OG  1 
ATOM   67   N N   . ASN A 1 10  ? -10.396 2.706   7.387   1.00 20.83 ? 10  ASN A N   1 
ATOM   68   C CA  . ASN A 1 10  ? -11.045 2.248   8.590   1.00 19.54 ? 10  ASN A CA  1 
ATOM   69   C C   . ASN A 1 10  ? -12.472 2.721   8.774   1.00 31.20 ? 10  ASN A C   1 
ATOM   70   O O   . ASN A 1 10  ? -12.911 3.007   9.886   1.00 32.50 ? 10  ASN A O   1 
ATOM   71   C CB  . ASN A 1 10  ? -10.190 2.533   9.815   1.00 43.83 ? 10  ASN A CB  1 
ATOM   72   C CG  . ASN A 1 10  ? -10.293 3.948   10.262  1.00 34.91 ? 10  ASN A CG  1 
ATOM   73   O OD1 . ASN A 1 10  ? -10.350 4.866   9.441   1.00 41.35 ? 10  ASN A OD1 1 
ATOM   74   N ND2 . ASN A 1 10  ? -10.340 4.143   11.579  1.00 44.92 ? 10  ASN A ND2 1 
ATOM   75   N N   . LEU A 1 11  ? -13.217 2.763   7.682   1.00 29.94 ? 11  LEU A N   1 
ATOM   76   C CA  . LEU A 1 11  ? -14.667 2.828   7.810   1.00 38.20 ? 11  LEU A CA  1 
ATOM   77   C C   . LEU A 1 11  ? -15.086 1.596   8.622   1.00 41.88 ? 11  LEU A C   1 
ATOM   78   O O   . LEU A 1 11  ? -14.418 0.550   8.566   1.00 33.75 ? 11  LEU A O   1 
ATOM   79   C CB  . LEU A 1 11  ? -15.328 2.808   6.434   1.00 43.44 ? 11  LEU A CB  1 
ATOM   80   C CG  . LEU A 1 11  ? -14.774 3.835   5.448   1.00 26.94 ? 11  LEU A CG  1 
ATOM   81   C CD1 . LEU A 1 11  ? -15.397 3.662   4.049   1.00 26.36 ? 11  LEU A CD1 1 
ATOM   82   C CD2 . LEU A 1 11  ? -15.025 5.218   5.993   1.00 40.47 ? 11  LEU A CD2 1 
ATOM   83   N N   . ALA A 1 12  ? -16.169 1.710   9.385   1.00 45.61 ? 12  ALA A N   1 
ATOM   84   C CA  . ALA A 1 12  ? -16.681 0.567   10.139  1.00 43.43 ? 12  ALA A CA  1 
ATOM   85   C C   . ALA A 1 12  ? -16.956 -0.637  9.208   1.00 50.17 ? 12  ALA A C   1 
ATOM   86   O O   . ALA A 1 12  ? -16.769 -1.797  9.604   1.00 47.04 ? 12  ALA A O   1 
ATOM   87   C CB  . ALA A 1 12  ? -17.930 0.963   10.915  1.00 53.62 ? 12  ALA A CB  1 
ATOM   88   N N   . SER A 1 13  ? -17.388 -0.359  7.976   1.00 38.37 ? 13  SER A N   1 
ATOM   89   C CA  . SER A 1 13  ? -17.485 -1.392  6.930   1.00 42.39 ? 13  SER A CA  1 
ATOM   90   C C   . SER A 1 13  ? -16.800 -0.910  5.639   1.00 33.44 ? 13  SER A C   1 
ATOM   91   O O   . SER A 1 13  ? -17.395 -0.174  4.838   1.00 37.66 ? 13  SER A O   1 
ATOM   92   C CB  . SER A 1 13  ? -18.945 -1.769  6.676   1.00 39.83 ? 13  SER A CB  1 
ATOM   93   O OG  . SER A 1 13  ? -19.766 -0.619  6.711   1.00 57.17 ? 13  SER A OG  1 
ATOM   94   N N   . PRO A 1 14  ? -15.535 -1.304  5.444   1.00 24.52 ? 14  PRO A N   1 
ATOM   95   C CA  . PRO A 1 14  ? -14.686 -0.735  4.398   1.00 14.01 ? 14  PRO A CA  1 
ATOM   96   C C   . PRO A 1 14  ? -14.617 -1.519  3.108   1.00 18.11 ? 14  PRO A C   1 
ATOM   97   O O   . PRO A 1 14  ? -13.920 -1.083  2.191   1.00 17.53 ? 14  PRO A O   1 
ATOM   98   C CB  . PRO A 1 14  ? -13.291 -0.760  5.038   1.00 15.28 ? 14  PRO A CB  1 
ATOM   99   C CG  . PRO A 1 14  ? -13.355 -1.782  6.120   1.00 37.89 ? 14  PRO A CG  1 
ATOM   100  C CD  . PRO A 1 14  ? -14.769 -2.225  6.309   1.00 27.57 ? 14  PRO A CD  1 
ATOM   101  N N   . LEU A 1 15  ? -15.294 -2.664  3.012   1.00 27.13 ? 15  LEU A N   1 
ATOM   102  C CA  . LEU A 1 15  ? -15.155 -3.486  1.811   1.00 22.31 ? 15  LEU A CA  1 
ATOM   103  C C   . LEU A 1 15  ? -15.585 -2.813  0.504   1.00 22.07 ? 15  LEU A C   1 
ATOM   104  O O   . LEU A 1 15  ? -14.894 -2.942  -0.509  1.00 20.37 ? 15  LEU A O   1 
ATOM   105  C CB  . LEU A 1 15  ? -15.903 -4.806  1.978   1.00 30.25 ? 15  LEU A CB  1 
ATOM   106  C CG  . LEU A 1 15  ? -15.221 -5.907  2.788   1.00 31.09 ? 15  LEU A CG  1 
ATOM   107  C CD1 . LEU A 1 15  ? -16.188 -7.093  2.922   1.00 29.31 ? 15  LEU A CD1 1 
ATOM   108  C CD2 . LEU A 1 15  ? -13.924 -6.328  2.134   1.00 18.90 ? 15  LEU A CD2 1 
ATOM   109  N N   . GLU A 1 16  ? -16.725 -2.120  0.505   1.00 19.31 ? 16  GLU A N   1 
ATOM   110  C CA  . GLU A 1 16  ? -17.212 -1.442  -0.712  1.00 23.97 ? 16  GLU A CA  1 
ATOM   111  C C   . GLU A 1 16  ? -16.202 -0.380  -1.159  1.00 19.36 ? 16  GLU A C   1 
ATOM   112  O O   . GLU A 1 16  ? -15.852 -0.281  -2.350  1.00 20.03 ? 16  GLU A O   1 
ATOM   113  C CB  . GLU A 1 16  ? -18.602 -0.821  -0.478  1.00 32.89 ? 16  GLU A CB  1 
ATOM   114  C CG  . GLU A 1 16  ? -19.776 -1.822  -0.511  1.00 40.42 ? 16  GLU A CG  1 
ATOM   115  C CD  . GLU A 1 16  ? -21.158 -1.145  -0.719  1.00 61.27 ? 16  GLU A CD  1 
ATOM   116  O OE1 . GLU A 1 16  ? -21.230 0.101   -0.871  1.00 59.29 ? 16  GLU A OE1 1 
ATOM   117  O OE2 . GLU A 1 16  ? -22.183 -1.865  -0.731  1.00 64.80 ? 16  GLU A OE2 1 
ATOM   118  N N   . GLN A 1 17  ? -15.702 0.364   -0.166  1.00 22.48 ? 17  GLN A N   1 
ATOM   119  C CA  . GLN A 1 17  ? -14.679 1.391   -0.358  1.00 27.78 ? 17  GLN A CA  1 
ATOM   120  C C   . GLN A 1 17  ? -13.380 0.838   -0.932  1.00 14.47 ? 17  GLN A C   1 
ATOM   121  O O   . GLN A 1 17  ? -12.827 1.373   -1.900  1.00 16.23 ? 17  GLN A O   1 
ATOM   122  C CB  . GLN A 1 17  ? -14.385 2.062   0.985   1.00 22.76 ? 17  GLN A CB  1 
ATOM   123  C CG  . GLN A 1 17  ? -13.402 3.220   0.865   1.00 25.05 ? 17  GLN A CG  1 
ATOM   124  C CD  . GLN A 1 17  ? -13.945 4.316   -0.026  1.00 37.90 ? 17  GLN A CD  1 
ATOM   125  O OE1 . GLN A 1 17  ? -13.699 4.331   -1.236  1.00 45.53 ? 17  GLN A OE1 1 
ATOM   126  N NE2 . GLN A 1 17  ? -14.714 5.224   0.558   1.00 49.77 ? 17  GLN A NE2 1 
ATOM   127  N N   . VAL A 1 18  ? -12.887 -0.258  -0.359  1.00 17.84 ? 18  VAL A N   1 
ATOM   128  C CA  . VAL A 1 18  ? -11.676 -0.864  -0.902  1.00 13.73 ? 18  VAL A CA  1 
ATOM   129  C C   . VAL A 1 18  ? -11.876 -1.417  -2.306  1.00 10.46 ? 18  VAL A C   1 
ATOM   130  O O   . VAL A 1 18  ? -10.988 -1.318  -3.176  1.00 15.84 ? 18  VAL A O   1 
ATOM   131  C CB  . VAL A 1 18  ? -11.134 -1.946  0.073   1.00 26.69 ? 18  VAL A CB  1 
ATOM   132  C CG1 . VAL A 1 18  ? -9.956  -2.658  -0.534  1.00 18.76 ? 18  VAL A CG1 1 
ATOM   133  C CG2 . VAL A 1 18  ? -10.740 -1.294  1.387   1.00 21.42 ? 18  VAL A CG2 1 
ATOM   134  N N   . ASN A 1 19  ? -13.037 -2.017  -2.574  1.00 21.57 ? 19  ASN A N   1 
ATOM   135  C CA  A ASN A 1 19  ? -13.275 -2.546  -3.907  0.58 19.37 ? 19  ASN A CA  1 
ATOM   136  C CA  B ASN A 1 19  ? -13.314 -2.534  -3.910  0.42 19.41 ? 19  ASN A CA  1 
ATOM   137  C C   . ASN A 1 19  ? -13.400 -1.405  -4.928  1.00 11.31 ? 19  ASN A C   1 
ATOM   138  O O   . ASN A 1 19  ? -12.874 -1.492  -6.031  1.00 17.00 ? 19  ASN A O   1 
ATOM   139  C CB  A ASN A 1 19  ? -14.491 -3.476  -3.913  0.58 22.79 ? 19  ASN A CB  1 
ATOM   140  C CB  B ASN A 1 19  ? -14.621 -3.313  -3.937  0.42 22.57 ? 19  ASN A CB  1 
ATOM   141  C CG  A ASN A 1 19  ? -14.135 -4.893  -3.460  0.58 17.13 ? 19  ASN A CG  1 
ATOM   142  C CG  B ASN A 1 19  ? -14.837 -3.999  -5.261  0.42 27.94 ? 19  ASN A CG  1 
ATOM   143  O OD1 A ASN A 1 19  ? -13.370 -5.591  -4.128  0.58 32.01 ? 19  ASN A OD1 1 
ATOM   144  O OD1 B ASN A 1 19  ? -15.733 -3.639  -6.030  0.42 32.27 ? 19  ASN A OD1 1 
ATOM   145  N ND2 A ASN A 1 19  ? -14.674 -5.308  -2.322  0.58 20.81 ? 19  ASN A ND2 1 
ATOM   146  N ND2 B ASN A 1 19  ? -13.990 -4.980  -5.550  0.42 20.84 ? 19  ASN A ND2 1 
ATOM   147  N N   . ALA A 1 20  ? -14.061 -0.324  -4.533  1.00 17.83 ? 20  ALA A N   1 
ATOM   148  C CA  . ALA A 1 20  ? -14.082 0.882   -5.378  1.00 17.88 ? 20  ALA A CA  1 
ATOM   149  C C   . ALA A 1 20  ? -12.675 1.396   -5.713  1.00 14.47 ? 20  ALA A C   1 
ATOM   150  O O   . ALA A 1 20  ? -12.347 1.663   -6.892  1.00 16.03 ? 20  ALA A O   1 
ATOM   151  C CB  . ALA A 1 20  ? -14.914 1.968   -4.697  1.00 27.34 ? 20  ALA A CB  1 
ATOM   152  N N   . ALA A 1 21  ? -11.805 1.481   -4.701  1.00 17.79 ? 21  ALA A N   1 
ATOM   153  C CA  . ALA A 1 21  ? -10.417 1.941   -4.932  1.00 13.12 ? 21  ALA A CA  1 
ATOM   154  C C   . ALA A 1 21  ? -9.672  1.014   -5.823  1.00 12.14 ? 21  ALA A C   1 
ATOM   155  O O   . ALA A 1 21  ? -8.968  1.434   -6.736  1.00 15.63 ? 21  ALA A O   1 
ATOM   156  C CB  . ALA A 1 21  ? -9.698  2.065   -3.624  1.00 22.20 ? 21  ALA A CB  1 
ATOM   157  N N   . LEU A 1 22  ? -9.838  -0.292  -5.582  1.00 21.02 ? 22  LEU A N   1 
ATOM   158  C CA  . LEU A 1 22  ? -9.219  -1.304  -6.434  1.00 18.85 ? 22  LEU A CA  1 
ATOM   159  C C   . LEU A 1 22  ? -9.700  -1.205  -7.883  1.00 14.14 ? 22  LEU A C   1 
ATOM   160  O O   . LEU A 1 22  ? -8.889  -1.253  -8.804  1.00 16.47 ? 22  LEU A O   1 
ATOM   161  C CB  . LEU A 1 22  ? -9.500  -2.705  -5.882  1.00 14.68 ? 22  LEU A CB  1 
ATOM   162  C CG  . LEU A 1 22  ? -8.654  -3.111  -4.692  1.00 22.28 ? 22  LEU A CG  1 
ATOM   163  C CD1 . LEU A 1 22  ? -9.142  -4.469  -4.132  1.00 29.50 ? 22  LEU A CD1 1 
ATOM   164  C CD2 . LEU A 1 22  ? -7.198  -3.164  -5.140  1.00 23.61 ? 22  LEU A CD2 1 
ATOM   165  N N   . LYS A 1 23  ? -11.008 -1.031  -8.091  1.00 16.33 ? 23  LYS A N   1 
ATOM   166  C CA  . LYS A 1 23  ? -11.483 -0.825  -9.452  1.00 15.94 ? 23  LYS A CA  1 
ATOM   167  C C   . LYS A 1 23  ? -10.888 0.437   -10.052 1.00 11.74 ? 23  LYS A C   1 
ATOM   168  O O   . LYS A 1 23  ? -10.449 0.428   -11.182 1.00 14.60 ? 23  LYS A O   1 
ATOM   169  C CB  . LYS A 1 23  ? -13.015 -0.785  -9.559  1.00 23.67 ? 23  LYS A CB  1 
ATOM   170  C CG  . LYS A 1 23  ? -13.457 -1.001  -10.999 1.00 35.53 ? 23  LYS A CG  1 
ATOM   171  C CD  . LYS A 1 23  ? -14.937 -0.760  -11.193 1.00 44.54 ? 23  LYS A CD  1 
ATOM   172  C CE  . LYS A 1 23  ? -15.322 -0.916  -12.667 1.00 46.05 ? 23  LYS A CE  1 
ATOM   173  N NZ  . LYS A 1 23  ? -14.607 0.057   -13.563 1.00 48.68 ? 23  LYS A NZ  1 
ATOM   174  N N   . ALA A 1 24  ? -10.842 1.512   -9.272  1.00 18.89 ? 24  ALA A N   1 
ATOM   175  C CA  . ALA A 1 24  ? -10.219 2.751   -9.753  1.00 21.75 ? 24  ALA A CA  1 
ATOM   176  C C   . ALA A 1 24  ? -8.737  2.575   -10.116 1.00 13.01 ? 24  ALA A C   1 
ATOM   177  O O   . ALA A 1 24  ? -8.273  3.060   -11.144 1.00 17.00 ? 24  ALA A O   1 
ATOM   178  C CB  . ALA A 1 24  ? -10.394 3.821   -8.721  1.00 19.68 ? 24  ALA A CB  1 
ATOM   179  N N   . LEU A 1 25  ? -7.975  1.823   -9.320  1.00 17.89 ? 25  LEU A N   1 
ATOM   180  C CA  . LEU A 1 25  ? -6.559  1.589   -9.664  1.00 14.67 ? 25  LEU A CA  1 
ATOM   181  C C   . LEU A 1 25  ? -6.408  0.835   -10.956 1.00 14.87 ? 25  LEU A C   1 
ATOM   182  O O   . LEU A 1 25  ? -5.486  1.084   -11.735 1.00 15.68 ? 25  LEU A O   1 
ATOM   183  C CB  . LEU A 1 25  ? -5.826  0.804   -8.544  1.00 16.20 ? 25  LEU A CB  1 
ATOM   184  C CG  . LEU A 1 25  ? -5.554  1.493   -7.213  1.00 21.52 ? 25  LEU A CG  1 
ATOM   185  C CD1 . LEU A 1 25  ? -4.967  0.494   -6.176  1.00 19.74 ? 25  LEU A CD1 1 
ATOM   186  C CD2 . LEU A 1 25  ? -4.568  2.630   -7.489  1.00 16.24 ? 25  LEU A CD2 1 
ATOM   187  N N   . GLY A 1 26  ? -7.318  -0.107  -11.200 1.00 19.74 ? 26  GLY A N   1 
ATOM   188  C CA  . GLY A 1 26  ? -7.249  -0.907  -12.416 1.00 18.41 ? 26  GLY A CA  1 
ATOM   189  C C   . GLY A 1 26  ? -7.574  -0.108  -13.657 1.00 18.20 ? 26  GLY A C   1 
ATOM   190  O O   . GLY A 1 26  ? -7.145  -0.446  -14.765 1.00 28.30 ? 26  GLY A O   1 
ATOM   191  N N   . ASP A 1 27  ? -8.338  0.961   -13.447 1.00 25.41 ? 27  ASP A N   1 
ATOM   192  C CA  . ASP A 1 27  ? -8.830  1.849   -14.516 1.00 24.33 ? 27  ASP A CA  1 
ATOM   193  C C   . ASP A 1 27  ? -7.839  2.964   -14.825 1.00 31.48 ? 27  ASP A C   1 
ATOM   194  O O   . ASP A 1 27  ? -7.996  3.685   -15.804 1.00 37.85 ? 27  ASP A O   1 
ATOM   195  C CB  . ASP A 1 27  ? -10.153 2.485   -14.076 1.00 29.46 ? 27  ASP A CB  1 
ATOM   196  C CG  . ASP A 1 27  ? -11.358 1.581   -14.325 1.00 47.72 ? 27  ASP A CG  1 
ATOM   197  O OD1 . ASP A 1 27  ? -11.212 0.583   -15.066 1.00 48.25 ? 27  ASP A OD1 1 
ATOM   198  O OD2 . ASP A 1 27  ? -12.446 1.882   -13.779 1.00 39.11 ? 27  ASP A OD2 1 
ATOM   199  N N   . ILE A 1 28  ? -6.811  3.109   -13.990 1.00 28.97 ? 28  ILE A N   1 
ATOM   200  C CA  . ILE A 1 28  ? -5.726  4.026   -14.288 1.00 16.70 ? 28  ILE A CA  1 
ATOM   201  C C   . ILE A 1 28  ? -5.132  3.770   -15.662 1.00 29.70 ? 28  ILE A C   1 
ATOM   202  O O   . ILE A 1 28  ? -4.829  2.635   -16.020 1.00 23.39 ? 28  ILE A O   1 
ATOM   203  C CB  . ILE A 1 28  ? -4.604  3.962   -13.189 1.00 14.94 ? 28  ILE A CB  1 
ATOM   204  C CG1 . ILE A 1 28  ? -5.198  4.355   -11.843 1.00 15.18 ? 28  ILE A CG1 1 
ATOM   205  C CG2 . ILE A 1 28  ? -3.453  4.811   -13.561 1.00 22.61 ? 28  ILE A CG2 1 
ATOM   206  C CD1 . ILE A 1 28  ? -4.158  4.409   -10.700 1.00 20.02 ? 28  ILE A CD1 1 
ATOM   207  N N   . PRO A 1 29  ? -4.929  4.838   -16.442 1.00 21.19 ? 29  PRO A N   1 
ATOM   208  C CA  . PRO A 1 29  ? -4.354  4.695   -17.785 1.00 21.15 ? 29  PRO A CA  1 
ATOM   209  C C   . PRO A 1 29  ? -2.984  3.987   -17.854 1.00 29.95 ? 29  PRO A C   1 
ATOM   210  O O   . PRO A 1 29  ? -2.113  4.200   -16.999 1.00 21.96 ? 29  PRO A O   1 
ATOM   211  C CB  . PRO A 1 29  ? -4.197  6.150   -18.250 1.00 26.09 ? 29  PRO A CB  1 
ATOM   212  C CG  . PRO A 1 29  ? -5.079  6.942   -17.366 1.00 29.47 ? 29  PRO A CG  1 
ATOM   213  C CD  . PRO A 1 29  ? -5.173  6.248   -16.085 1.00 25.16 ? 29  PRO A CD  1 
ATOM   214  N N   . GLU A 1 30  ? -2.792  3.181   -18.901 1.00 21.73 ? 30  GLU A N   1 
ATOM   215  C CA  . GLU A 1 30  ? -1.516  2.492   -19.133 1.00 30.89 ? 30  GLU A CA  1 
ATOM   216  C C   . GLU A 1 30  ? -1.102  1.627   -17.941 1.00 19.77 ? 30  GLU A C   1 
ATOM   217  O O   . GLU A 1 30  ? 0.099   1.440   -17.709 1.00 25.24 ? 30  GLU A O   1 
ATOM   218  C CB  . GLU A 1 30  ? -0.409  3.506   -19.387 1.00 26.10 ? 30  GLU A CB  1 
ATOM   219  C CG  . GLU A 1 30  ? -0.351  4.028   -20.811 1.00 42.82 ? 30  GLU A CG  1 
ATOM   220  C CD  . GLU A 1 30  ? 0.581   5.214   -20.937 1.00 51.59 ? 30  GLU A CD  1 
ATOM   221  O OE1 . GLU A 1 30  ? 0.255   6.293   -20.384 1.00 43.04 ? 30  GLU A OE1 1 
ATOM   222  O OE2 . GLU A 1 30  ? 1.648   5.061   -21.575 1.00 56.91 ? 30  GLU A OE2 1 
ATOM   223  N N   . SER A 1 31  ? -2.084  1.135   -17.185 1.00 23.83 ? 31  SER A N   1 
ATOM   224  C CA  . SER A 1 31  ? -1.804  0.343   -15.976 1.00 29.57 ? 31  SER A CA  1 
ATOM   225  C C   . SER A 1 31  ? -2.785  -0.789  -15.795 1.00 36.76 ? 31  SER A C   1 
ATOM   226  O O   . SER A 1 31  ? -3.930  -0.673  -16.208 1.00 24.27 ? 31  SER A O   1 
ATOM   227  C CB  . SER A 1 31  ? -1.909  1.226   -14.733 1.00 20.76 ? 31  SER A CB  1 
ATOM   228  O OG  . SER A 1 31  ? -1.220  2.473   -14.917 1.00 20.20 ? 31  SER A OG  1 
ATOM   229  N N   . HIS A 1 32  ? -2.371  -1.860  -15.116 1.00 18.41 ? 32  HIS A N   1 
ATOM   230  C CA  . HIS A 1 32  ? -3.325  -2.898  -14.704 1.00 22.32 ? 32  HIS A CA  1 
ATOM   231  C C   . HIS A 1 32  ? -2.872  -3.661  -13.457 1.00 19.65 ? 32  HIS A C   1 
ATOM   232  O O   . HIS A 1 32  ? -1.701  -3.791  -13.219 1.00 18.32 ? 32  HIS A O   1 
ATOM   233  C CB  . HIS A 1 32  ? -3.608  -3.880  -15.865 1.00 27.24 ? 32  HIS A CB  1 
ATOM   234  C CG  . HIS A 1 32  ? -2.415  -4.669  -16.329 1.00 23.69 ? 32  HIS A CG  1 
ATOM   235  N ND1 . HIS A 1 32  ? -1.506  -4.184  -17.239 1.00 31.33 ? 32  HIS A ND1 1 
ATOM   236  C CD2 . HIS A 1 32  ? -2.022  -5.937  -16.048 1.00 26.71 ? 32  HIS A CD2 1 
ATOM   237  C CE1 . HIS A 1 32  ? -0.588  -5.101  -17.482 1.00 26.45 ? 32  HIS A CE1 1 
ATOM   238  N NE2 . HIS A 1 32  ? -0.874  -6.171  -16.766 1.00 38.11 ? 32  HIS A NE2 1 
ATOM   239  N N   . ILE A 1 33  ? -3.812  -4.145  -12.663 1.00 18.04 ? 33  ILE A N   1 
ATOM   240  C CA  . ILE A 1 33  ? -3.475  -4.946  -11.498 1.00 18.91 ? 33  ILE A CA  1 
ATOM   241  C C   . ILE A 1 33  ? -2.916  -6.337  -11.872 1.00 36.15 ? 33  ILE A C   1 
ATOM   242  O O   . ILE A 1 33  ? -3.520  -7.088  -12.642 1.00 23.07 ? 33  ILE A O   1 
ATOM   243  C CB  . ILE A 1 33  ? -4.712  -5.065  -10.593 1.00 20.75 ? 33  ILE A CB  1 
ATOM   244  C CG1 . ILE A 1 33  ? -5.179  -3.665  -10.218 1.00 16.76 ? 33  ILE A CG1 1 
ATOM   245  C CG2 . ILE A 1 33  ? -4.432  -5.862  -9.338  1.00 20.80 ? 33  ILE A CG2 1 
ATOM   246  C CD1 . ILE A 1 33  ? -6.374  -3.621  -9.338  1.00 17.45 ? 33  ILE A CD1 1 
ATOM   247  N N   . LEU A 1 34  ? -1.723  -6.651  -11.362 1.00 14.67 ? 34  LEU A N   1 
ATOM   248  C CA  . LEU A 1 34  ? -1.173  -8.015  -11.434 1.00 16.95 ? 34  LEU A CA  1 
ATOM   249  C C   . LEU A 1 34  ? -1.705  -8.946  -10.363 1.00 22.14 ? 34  LEU A C   1 
ATOM   250  O O   . LEU A 1 34  ? -2.120  -10.099 -10.644 1.00 22.18 ? 34  LEU A O   1 
ATOM   251  C CB  . LEU A 1 34  ? 0.340   -7.947  -11.325 1.00 20.50 ? 34  LEU A CB  1 
ATOM   252  C CG  . LEU A 1 34  ? 1.015   -7.266  -12.509 1.00 20.29 ? 34  LEU A CG  1 
ATOM   253  C CD1 . LEU A 1 34  ? 2.504   -7.125  -12.256 1.00 30.64 ? 34  LEU A CD1 1 
ATOM   254  C CD2 . LEU A 1 34  ? 0.763   -8.009  -13.835 1.00 23.51 ? 34  LEU A CD2 1 
ATOM   255  N N   A THR A 1 35  ? -1.734  -8.441  -9.138  0.68 12.72 ? 35  THR A N   1 
ATOM   256  N N   B THR A 1 35  ? -1.669  -8.490  -9.122  0.32 12.75 ? 35  THR A N   1 
ATOM   257  C CA  A THR A 1 35  ? -2.109  -9.222  -7.987  0.68 12.63 ? 35  THR A CA  1 
ATOM   258  C CA  B THR A 1 35  ? -2.168  -9.288  -8.020  0.32 12.80 ? 35  THR A CA  1 
ATOM   259  C C   A THR A 1 35  ? -2.615  -8.377  -6.862  0.68 11.35 ? 35  THR A C   1 
ATOM   260  C C   B THR A 1 35  ? -2.586  -8.415  -6.866  0.32 11.46 ? 35  THR A C   1 
ATOM   261  O O   A THR A 1 35  ? -2.185  -7.240  -6.664  0.68 17.42 ? 35  THR A O   1 
ATOM   262  O O   B THR A 1 35  ? -2.094  -7.300  -6.683  0.32 17.31 ? 35  THR A O   1 
ATOM   263  C CB  A THR A 1 35  ? -0.858  -9.976  -7.426  0.68 17.61 ? 35  THR A CB  1 
ATOM   264  C CB  B THR A 1 35  ? -1.103  -10.325 -7.519  0.32 16.04 ? 35  THR A CB  1 
ATOM   265  O OG1 A THR A 1 35  ? 0.004   -10.335 -8.508  0.68 21.07 ? 35  THR A OG1 1 
ATOM   266  O OG1 B THR A 1 35  ? -0.712  -10.020 -6.174  0.32 18.92 ? 35  THR A OG1 1 
ATOM   267  C CG2 A THR A 1 35  ? -1.276  -11.194 -6.636  0.68 21.31 ? 35  THR A CG2 1 
ATOM   268  C CG2 B THR A 1 35  ? 0.121   -10.313 -8.412  0.32 20.75 ? 35  THR A CG2 1 
ATOM   269  N N   . VAL A 1 36  ? -3.502  -8.950  -6.083  1.00 10.37 ? 36  VAL A N   1 
ATOM   270  C CA  . VAL A 1 36  ? -4.010  -8.304  -4.912  1.00 7.50  ? 36  VAL A CA  1 
ATOM   271  C C   . VAL A 1 36  ? -3.776  -9.251  -3.754  1.00 24.13 ? 36  VAL A C   1 
ATOM   272  O O   . VAL A 1 36  ? -4.011  -10.457 -3.850  1.00 15.70 ? 36  VAL A O   1 
ATOM   273  C CB  . VAL A 1 36  ? -5.507  -7.985  -5.028  1.00 17.86 ? 36  VAL A CB  1 
ATOM   274  C CG1 . VAL A 1 36  ? -6.014  -7.326  -3.786  1.00 16.79 ? 36  VAL A CG1 1 
ATOM   275  C CG2 . VAL A 1 36  ? -5.727  -7.106  -6.258  1.00 22.07 ? 36  VAL A CG2 1 
ATOM   276  N N   . SER A 1 37  ? -3.322  -8.697  -2.644  1.00 13.86 ? 37  SER A N   1 
ATOM   277  C CA  . SER A 1 37  ? -3.152  -9.466  -1.438  1.00 11.61 ? 37  SER A CA  1 
ATOM   278  C C   . SER A 1 37  ? -4.493  -9.844  -0.860  1.00 15.70 ? 37  SER A C   1 
ATOM   279  O O   . SER A 1 37  ? -5.526  -9.381  -1.331  1.00 20.38 ? 37  SER A O   1 
ATOM   280  C CB  . SER A 1 37  ? -2.346  -8.623  -0.429  1.00 10.13 ? 37  SER A CB  1 
ATOM   281  O OG  . SER A 1 37  ? -3.146  -7.768  0.321   1.00 9.30  ? 37  SER A OG  1 
ATOM   282  N N   . SER A 1 38  ? -4.512  -10.704 0.148   1.00 9.59  ? 38  SER A N   1 
ATOM   283  C CA  . SER A 1 38  ? -5.730  -10.883 0.936   1.00 16.14 ? 38  SER A CA  1 
ATOM   284  C C   . SER A 1 38  ? -6.018  -9.575  1.655   1.00 17.49 ? 38  SER A C   1 
ATOM   285  O O   . SER A 1 38  ? -5.136  -8.714  1.757   1.00 19.96 ? 38  SER A O   1 
ATOM   286  C CB  . SER A 1 38  ? -5.611  -12.006 1.971   1.00 17.74 ? 38  SER A CB  1 
ATOM   287  O OG  . SER A 1 38  ? -5.167  -13.238 1.402   1.00 20.95 ? 38  SER A OG  1 
ATOM   288  N N   . PHE A 1 39  ? -7.258  -9.438  2.136   1.00 14.56 ? 39  PHE A N   1 
ATOM   289  C CA  . PHE A 1 39  ? -7.682  -8.332  2.955   1.00 23.04 ? 39  PHE A CA  1 
ATOM   290  C C   . PHE A 1 39  ? -7.409  -8.666  4.400   1.00 25.71 ? 39  PHE A C   1 
ATOM   291  O O   . PHE A 1 39  ? -7.802  -9.730  4.884   1.00 19.06 ? 39  PHE A O   1 
ATOM   292  C CB  . PHE A 1 39  ? -9.181  -8.034  2.742   1.00 18.28 ? 39  PHE A CB  1 
ATOM   293  C CG  . PHE A 1 39  ? -9.497  -7.473  1.386   1.00 11.18 ? 39  PHE A CG  1 
ATOM   294  C CD1 . PHE A 1 39  ? -8.497  -7.178  0.480   1.00 13.08 ? 39  PHE A CD1 1 
ATOM   295  C CD2 . PHE A 1 39  ? -10.818 -7.255  0.992   1.00 17.26 ? 39  PHE A CD2 1 
ATOM   296  C CE1 . PHE A 1 39  ? -8.789  -6.643  -0.780  1.00 17.91 ? 39  PHE A CE1 1 
ATOM   297  C CE2 . PHE A 1 39  ? -11.113 -6.744  -0.276  1.00 20.05 ? 39  PHE A CE2 1 
ATOM   298  C CZ  . PHE A 1 39  ? -10.108 -6.440  -1.160  1.00 19.81 ? 39  PHE A CZ  1 
ATOM   299  N N   . TYR A 1 40  ? -6.745  -7.739  5.093   1.00 17.54 ? 40  TYR A N   1 
ATOM   300  C CA  . TYR A 1 40  ? -6.319  -7.961  6.468   1.00 17.38 ? 40  TYR A CA  1 
ATOM   301  C C   . TYR A 1 40  ? -6.964  -6.998  7.457   1.00 18.38 ? 40  TYR A C   1 
ATOM   302  O O   . TYR A 1 40  ? -7.113  -5.790  7.190   1.00 17.82 ? 40  TYR A O   1 
ATOM   303  C CB  . TYR A 1 40  ? -4.798  -7.851  6.549   1.00 17.11 ? 40  TYR A CB  1 
ATOM   304  C CG  . TYR A 1 40  ? -4.052  -8.939  5.825   1.00 17.53 ? 40  TYR A CG  1 
ATOM   305  C CD1 . TYR A 1 40  ? -3.877  -10.170 6.413   1.00 20.21 ? 40  TYR A CD1 1 
ATOM   306  C CD2 . TYR A 1 40  ? -3.509  -8.734  4.576   1.00 15.64 ? 40  TYR A CD2 1 
ATOM   307  C CE1 . TYR A 1 40  ? -3.220  -11.142 5.796   1.00 15.82 ? 40  TYR A CE1 1 
ATOM   308  C CE2 . TYR A 1 40  ? -2.829  -9.727  3.917   1.00 23.72 ? 40  TYR A CE2 1 
ATOM   309  C CZ  . TYR A 1 40  ? -2.680  -10.957 4.555   1.00 11.01 ? 40  TYR A CZ  1 
ATOM   310  O OH  . TYR A 1 40  ? -2.005  -11.989 3.926   1.00 17.63 ? 40  TYR A OH  1 
ATOM   311  N N   . ARG A 1 41  ? -7.333  -7.525  8.617   1.00 24.36 ? 41  ARG A N   1 
ATOM   312  C CA  . ARG A 1 41  ? -7.959  -6.737  9.668   1.00 21.13 ? 41  ARG A CA  1 
ATOM   313  C C   . ARG A 1 41  ? -6.879  -6.393  10.681  1.00 34.39 ? 41  ARG A C   1 
ATOM   314  O O   . ARG A 1 41  ? -6.287  -7.283  11.288  1.00 32.71 ? 41  ARG A O   1 
ATOM   315  C CB  . ARG A 1 41  ? -9.083  -7.523  10.341  1.00 26.11 ? 41  ARG A CB  1 
ATOM   316  C CG  . ARG A 1 41  ? -9.891  -6.723  11.362  1.00 39.11 ? 41  ARG A CG  1 
ATOM   317  C CD  . ARG A 1 41  ? -10.946 -7.592  12.060  1.00 39.06 ? 41  ARG A CD  1 
ATOM   318  N NE  . ARG A 1 41  ? -11.818 -8.247  11.095  1.00 39.92 ? 41  ARG A NE  1 
ATOM   319  C CZ  . ARG A 1 41  ? -12.981 -7.758  10.669  1.00 39.62 ? 41  ARG A CZ  1 
ATOM   320  N NH1 . ARG A 1 41  ? -13.459 -6.614  11.141  1.00 48.29 ? 41  ARG A NH1 1 
ATOM   321  N NH2 . ARG A 1 41  ? -13.685 -8.425  9.770   1.00 31.91 ? 41  ARG A NH2 1 
ATOM   322  N N   . THR A 1 42  ? -6.601  -5.105  10.848  1.00 26.61 ? 42  THR A N   1 
ATOM   323  C CA  . THR A 1 42  ? -5.519  -4.677  11.729  1.00 27.73 ? 42  THR A CA  1 
ATOM   324  C C   . THR A 1 42  ? -6.023  -3.737  12.804  1.00 23.24 ? 42  THR A C   1 
ATOM   325  O O   . THR A 1 42  ? -6.921  -2.930  12.562  1.00 25.22 ? 42  THR A O   1 
ATOM   326  C CB  . THR A 1 42  ? -4.324  -4.047  10.944  1.00 26.28 ? 42  THR A CB  1 
ATOM   327  O OG1 . THR A 1 42  ? -4.724  -2.881  10.228  1.00 25.20 ? 42  THR A OG1 1 
ATOM   328  C CG2 . THR A 1 42  ? -3.770  -5.040  9.960   1.00 36.59 ? 42  THR A CG2 1 
ATOM   329  N N   . PRO A 1 43  ? -5.476  -3.878  14.025  1.00 21.98 ? 43  PRO A N   1 
ATOM   330  C CA  . PRO A 1 43  ? -5.818  -3.017  15.159  1.00 36.81 ? 43  PRO A CA  1 
ATOM   331  C C   . PRO A 1 43  ? -5.347  -1.601  14.856  1.00 19.12 ? 43  PRO A C   1 
ATOM   332  O O   . PRO A 1 43  ? -4.303  -1.444  14.224  1.00 25.83 ? 43  PRO A O   1 
ATOM   333  C CB  . PRO A 1 43  ? -5.018  -3.631  16.312  1.00 27.55 ? 43  PRO A CB  1 
ATOM   334  C CG  . PRO A 1 43  ? -3.864  -4.296  15.651  1.00 29.60 ? 43  PRO A CG  1 
ATOM   335  C CD  . PRO A 1 43  ? -4.363  -4.795  14.337  1.00 26.98 ? 43  PRO A CD  1 
ATOM   336  N N   . PRO A 1 44  ? -6.112  -0.588  15.258  1.00 38.58 ? 44  PRO A N   1 
ATOM   337  C CA  . PRO A 1 44  ? -5.745  0.802   14.930  1.00 44.08 ? 44  PRO A CA  1 
ATOM   338  C C   . PRO A 1 44  ? -4.351  1.267   15.437  1.00 49.59 ? 44  PRO A C   1 
ATOM   339  O O   . PRO A 1 44  ? -4.148  1.341   16.651  1.00 52.84 ? 44  PRO A O   1 
ATOM   340  C CB  . PRO A 1 44  ? -6.841  1.624   15.620  1.00 51.67 ? 44  PRO A CB  1 
ATOM   341  C CG  . PRO A 1 44  ? -7.955  0.662   15.905  1.00 40.76 ? 44  PRO A CG  1 
ATOM   342  C CD  . PRO A 1 44  ? -7.350  -0.684  16.047  1.00 40.75 ? 44  PRO A CD  1 
ATOM   343  N N   . LEU A 1 45  ? -3.423  1.575   14.521  1.00 36.54 ? 45  LEU A N   1 
ATOM   344  C CA  . LEU A 1 45  ? -2.217  2.352   14.855  1.00 32.73 ? 45  LEU A CA  1 
ATOM   345  C C   . LEU A 1 45  ? -2.624  3.787   15.177  1.00 46.56 ? 45  LEU A C   1 
ATOM   346  O O   . LEU A 1 45  ? -2.778  4.619   14.275  1.00 33.51 ? 45  LEU A O   1 
ATOM   347  C CB  . LEU A 1 45  ? -1.187  2.360   13.713  1.00 31.06 ? 45  LEU A CB  1 
ATOM   348  C CG  . LEU A 1 45  ? 0.134   3.089   14.046  1.00 42.78 ? 45  LEU A CG  1 
ATOM   349  C CD1 . LEU A 1 45  ? 0.787   2.522   15.317  1.00 32.89 ? 45  LEU A CD1 1 
ATOM   350  C CD2 . LEU A 1 45  ? 1.126   3.059   12.880  1.00 38.47 ? 45  LEU A CD2 1 
ATOM   351  N N   . GLY A 1 46  ? -2.779  4.060   16.468  1.00 44.50 ? 46  GLY A N   1 
ATOM   352  C CA  . GLY A 1 46  ? -3.443  5.260   16.946  1.00 50.53 ? 46  GLY A CA  1 
ATOM   353  C C   . GLY A 1 46  ? -4.417  4.876   18.051  1.00 53.13 ? 46  GLY A C   1 
ATOM   354  O O   . GLY A 1 46  ? -4.407  3.738   18.528  1.00 60.87 ? 46  GLY A O   1 
ATOM   355  N N   . PRO A 1 47  ? -5.269  5.823   18.464  1.00 55.73 ? 47  PRO A N   1 
ATOM   356  C CA  . PRO A 1 47  ? -6.277  5.609   19.514  1.00 71.09 ? 47  PRO A CA  1 
ATOM   357  C C   . PRO A 1 47  ? -7.049  4.290   19.348  1.00 67.19 ? 47  PRO A C   1 
ATOM   358  O O   . PRO A 1 47  ? -7.509  3.967   18.251  1.00 59.59 ? 47  PRO A O   1 
ATOM   359  C CB  . PRO A 1 47  ? -7.205  6.816   19.348  1.00 53.65 ? 47  PRO A CB  1 
ATOM   360  C CG  . PRO A 1 47  ? -6.325  7.876   18.808  1.00 58.28 ? 47  PRO A CG  1 
ATOM   361  C CD  . PRO A 1 47  ? -5.331  7.185   17.909  1.00 42.99 ? 47  PRO A CD  1 
ATOM   362  N N   . GLN A 1 48  ? -7.201  3.545   20.438  1.00 66.59 ? 48  GLN A N   1 
ATOM   363  C CA  . GLN A 1 48  ? -7.682  2.169   20.349  1.00 66.18 ? 48  GLN A CA  1 
ATOM   364  C C   . GLN A 1 48  ? -9.201  1.995   20.234  1.00 77.57 ? 48  GLN A C   1 
ATOM   365  O O   . GLN A 1 48  ? -9.686  0.855   20.212  1.00 74.95 ? 48  GLN A O   1 
ATOM   366  C CB  . GLN A 1 48  ? -7.193  1.357   21.557  1.00 57.88 ? 48  GLN A CB  1 
ATOM   367  C CG  . GLN A 1 48  ? -5.893  0.604   21.334  1.00 49.19 ? 48  GLN A CG  1 
ATOM   368  C CD  . GLN A 1 48  ? -5.855  -0.139  20.001  1.00 68.31 ? 48  GLN A CD  1 
ATOM   369  O OE1 . GLN A 1 48  ? -6.396  -1.241  19.877  1.00 64.29 ? 48  GLN A OE1 1 
ATOM   370  N NE2 . GLN A 1 48  ? -5.215  0.464   18.998  1.00 63.25 ? 48  GLN A NE2 1 
ATOM   371  N N   . ASP A 1 49  ? -9.957  3.088   20.164  1.00 60.10 ? 49  ASP A N   1 
ATOM   372  C CA  . ASP A 1 49  ? -11.420 2.960   20.148  1.00 75.11 ? 49  ASP A CA  1 
ATOM   373  C C   . ASP A 1 49  ? -12.003 2.931   18.740  1.00 69.59 ? 49  ASP A C   1 
ATOM   374  O O   . ASP A 1 49  ? -13.040 2.300   18.513  1.00 73.30 ? 49  ASP A O   1 
ATOM   375  C CB  . ASP A 1 49  ? -12.109 4.053   20.981  1.00 73.11 ? 49  ASP A CB  1 
ATOM   376  C CG  . ASP A 1 49  ? -11.779 5.456   20.514  1.00 73.89 ? 49  ASP A CG  1 
ATOM   377  O OD1 . ASP A 1 49  ? -11.317 5.641   19.367  1.00 70.47 ? 49  ASP A OD1 1 
ATOM   378  O OD2 . ASP A 1 49  ? -11.995 6.387   21.313  1.00 81.43 ? 49  ASP A OD2 1 
ATOM   379  N N   . GLN A 1 50  ? -11.337 3.607   17.807  1.00 61.20 ? 50  GLN A N   1 
ATOM   380  C CA  . GLN A 1 50  ? -11.796 3.678   16.420  1.00 61.85 ? 50  GLN A CA  1 
ATOM   381  C C   . GLN A 1 50  ? -11.834 2.292   15.741  1.00 57.43 ? 50  GLN A C   1 
ATOM   382  O O   . GLN A 1 50  ? -11.222 1.326   16.229  1.00 51.96 ? 50  GLN A O   1 
ATOM   383  C CB  . GLN A 1 50  ? -10.882 4.609   15.629  1.00 58.28 ? 50  GLN A CB  1 
ATOM   384  C CG  . GLN A 1 50  ? -9.524  3.994   15.347  1.00 61.25 ? 50  GLN A CG  1 
ATOM   385  C CD  . GLN A 1 50  ? -8.575  4.960   14.696  1.00 54.79 ? 50  GLN A CD  1 
ATOM   386  O OE1 . GLN A 1 50  ? -8.923  5.608   13.713  1.00 53.01 ? 50  GLN A OE1 1 
ATOM   387  N NE2 . GLN A 1 50  ? -7.364  5.070   15.243  1.00 52.75 ? 50  GLN A NE2 1 
ATOM   388  N N   . PRO A 1 51  ? -12.547 2.193   14.604  1.00 41.70 ? 51  PRO A N   1 
ATOM   389  C CA  . PRO A 1 51  ? -12.714 0.895   13.932  1.00 35.91 ? 51  PRO A CA  1 
ATOM   390  C C   . PRO A 1 51  ? -11.406 0.267   13.457  1.00 47.45 ? 51  PRO A C   1 
ATOM   391  O O   . PRO A 1 51  ? -10.501 0.973   12.990  1.00 44.42 ? 51  PRO A O   1 
ATOM   392  C CB  . PRO A 1 51  ? -13.602 1.229   12.712  1.00 45.40 ? 51  PRO A CB  1 
ATOM   393  C CG  . PRO A 1 51  ? -14.246 2.565   13.021  1.00 40.62 ? 51  PRO A CG  1 
ATOM   394  C CD  . PRO A 1 51  ? -13.228 3.286   13.879  1.00 41.49 ? 51  PRO A CD  1 
ATOM   395  N N   . ASP A 1 52  ? -11.318 -1.052  13.584  1.00 33.87 ? 52  ASP A N   1 
ATOM   396  C CA  . ASP A 1 52  ? -10.256 -1.821  12.929  1.00 33.01 ? 52  ASP A CA  1 
ATOM   397  C C   . ASP A 1 52  ? -10.096 -1.416  11.476  1.00 33.04 ? 52  ASP A C   1 
ATOM   398  O O   . ASP A 1 52  ? -11.070 -1.086  10.784  1.00 28.57 ? 52  ASP A O   1 
ATOM   399  C CB  . ASP A 1 52  ? -10.560 -3.318  12.975  1.00 35.84 ? 52  ASP A CB  1 
ATOM   400  C CG  . ASP A 1 52  ? -10.055 -3.982  14.233  1.00 43.54 ? 52  ASP A CG  1 
ATOM   401  O OD1 . ASP A 1 52  ? -9.793  -3.274  15.232  1.00 44.93 ? 52  ASP A OD1 1 
ATOM   402  O OD2 . ASP A 1 52  ? -9.930  -5.224  14.220  1.00 51.18 ? 52  ASP A OD2 1 
ATOM   403  N N   . TYR A 1 53  ? -8.863  -1.501  10.999  1.00 19.43 ? 53  TYR A N   1 
ATOM   404  C CA  . TYR A 1 53  ? -8.543  -1.119  9.637   1.00 17.53 ? 53  TYR A CA  1 
ATOM   405  C C   . TYR A 1 53  ? -8.522  -2.337  8.736   1.00 20.20 ? 53  TYR A C   1 
ATOM   406  O O   . TYR A 1 53  ? -8.199  -3.456  9.174   1.00 18.96 ? 53  TYR A O   1 
ATOM   407  C CB  . TYR A 1 53  ? -7.156  -0.510  9.580   1.00 18.51 ? 53  TYR A CB  1 
ATOM   408  C CG  . TYR A 1 53  ? -7.070  0.940   9.957   1.00 26.39 ? 53  TYR A CG  1 
ATOM   409  C CD1 . TYR A 1 53  ? -7.282  1.341   11.266  1.00 26.89 ? 53  TYR A CD1 1 
ATOM   410  C CD2 . TYR A 1 53  ? -6.764  1.904   8.999   1.00 28.27 ? 53  TYR A CD2 1 
ATOM   411  C CE1 . TYR A 1 53  ? -7.214  2.664   11.618  1.00 47.39 ? 53  TYR A CE1 1 
ATOM   412  C CE2 . TYR A 1 53  ? -6.697  3.239   9.334   1.00 33.05 ? 53  TYR A CE2 1 
ATOM   413  C CZ  . TYR A 1 53  ? -6.925  3.612   10.647  1.00 29.83 ? 53  TYR A CZ  1 
ATOM   414  O OH  . TYR A 1 53  ? -6.851  4.932   11.006  1.00 45.12 ? 53  TYR A OH  1 
ATOM   415  N N   . LEU A 1 54  ? -8.794  -2.097  7.461   1.00 15.77 ? 54  LEU A N   1 
ATOM   416  C CA  . LEU A 1 54  ? -8.568  -3.083  6.426   1.00 22.79 ? 54  LEU A CA  1 
ATOM   417  C C   . LEU A 1 54  ? -7.372  -2.624  5.661   1.00 23.12 ? 54  LEU A C   1 
ATOM   418  O O   . LEU A 1 54  ? -7.403  -1.542  5.084   1.00 23.47 ? 54  LEU A O   1 
ATOM   419  C CB  . LEU A 1 54  ? -9.781  -3.201  5.495   1.00 21.34 ? 54  LEU A CB  1 
ATOM   420  C CG  . LEU A 1 54  ? -9.778  -4.291  4.417   1.00 22.49 ? 54  LEU A CG  1 
ATOM   421  C CD1 . LEU A 1 54  ? -11.162 -4.390  3.778   1.00 25.56 ? 54  LEU A CD1 1 
ATOM   422  C CD2 . LEU A 1 54  ? -8.709  -4.041  3.346   1.00 18.76 ? 54  LEU A CD2 1 
ATOM   423  N N   . ASN A 1 55  ? -6.326  -3.459  5.648   1.00 12.30 ? 55  ASN A N   1 
ATOM   424  C CA  . ASN A 1 55  ? -5.137  -3.221  4.821   1.00 11.51 ? 55  ASN A CA  1 
ATOM   425  C C   . ASN A 1 55  ? -4.960  -4.286  3.753   1.00 12.30 ? 55  ASN A C   1 
ATOM   426  O O   . ASN A 1 55  ? -5.325  -5.451  3.942   1.00 17.12 ? 55  ASN A O   1 
ATOM   427  C CB  . ASN A 1 55  ? -3.878  -3.154  5.705   1.00 14.56 ? 55  ASN A CB  1 
ATOM   428  C CG  . ASN A 1 55  ? -3.795  -1.867  6.533   1.00 16.93 ? 55  ASN A CG  1 
ATOM   429  O OD1 . ASN A 1 55  ? -3.913  -1.884  7.758   1.00 18.63 ? 55  ASN A OD1 1 
ATOM   430  N ND2 . ASN A 1 55  ? -3.601  -0.764  5.862   1.00 19.83 ? 55  ASN A ND2 1 
ATOM   431  N N   . ALA A 1 56  ? -4.353  -3.900  2.644   1.00 12.24 ? 56  ALA A N   1 
ATOM   432  C CA  . ALA A 1 56  ? -4.011  -4.818  1.589   1.00 12.95 ? 56  ALA A CA  1 
ATOM   433  C C   . ALA A 1 56  ? -2.928  -4.185  0.762   1.00 14.88 ? 56  ALA A C   1 
ATOM   434  O O   . ALA A 1 56  ? -2.600  -2.987  0.935   1.00 18.33 ? 56  ALA A O   1 
ATOM   435  C CB  . ALA A 1 56  ? -5.268  -5.115  0.714   1.00 13.44 ? 56  ALA A CB  1 
ATOM   436  N N   . ALA A 1 57  ? -2.330  -4.997  -0.099  1.00 11.00 ? 57  ALA A N   1 
ATOM   437  C CA  . ALA A 1 57  ? -1.312  -4.580  -1.034  1.00 9.65  ? 57  ALA A CA  1 
ATOM   438  C C   . ALA A 1 57  ? -1.728  -4.943  -2.438  1.00 12.52 ? 57  ALA A C   1 
ATOM   439  O O   . ALA A 1 57  ? -2.386  -5.959  -2.641  1.00 14.84 ? 57  ALA A O   1 
ATOM   440  C CB  . ALA A 1 57  ? 0.025   -5.266  -0.724  1.00 8.97  ? 57  ALA A CB  1 
ATOM   441  N N   . VAL A 1 58  ? -1.242  -4.180  -3.408  1.00 13.58 ? 58  VAL A N   1 
ATOM   442  C CA  . VAL A 1 58  ? -1.561  -4.389  -4.825  1.00 10.37 ? 58  VAL A CA  1 
ATOM   443  C C   . VAL A 1 58  ? -0.302  -4.261  -5.589  1.00 16.04 ? 58  VAL A C   1 
ATOM   444  O O   . VAL A 1 58  ? 0.488   -3.339  -5.338  1.00 17.75 ? 58  VAL A O   1 
ATOM   445  C CB  . VAL A 1 58  ? -2.503  -3.282  -5.329  1.00 15.82 ? 58  VAL A CB  1 
ATOM   446  C CG1 . VAL A 1 58  ? -2.675  -3.380  -6.793  1.00 18.62 ? 58  VAL A CG1 1 
ATOM   447  C CG2 . VAL A 1 58  ? -3.790  -3.364  -4.635  1.00 18.50 ? 58  VAL A CG2 1 
ATOM   448  N N   . ALA A 1 59  ? -0.097  -5.191  -6.516  1.00 9.90  ? 59  ALA A N   1 
ATOM   449  C CA  . ALA A 1 59  ? 0.936   -5.100  -7.505  1.00 8.55  ? 59  ALA A CA  1 
ATOM   450  C C   . ALA A 1 59  ? 0.255   -4.533  -8.751  1.00 14.33 ? 59  ALA A C   1 
ATOM   451  O O   . ALA A 1 59  ? -0.703  -5.136  -9.293  1.00 14.91 ? 59  ALA A O   1 
ATOM   452  C CB  . ALA A 1 59  ? 1.538   -6.468  -7.792  1.00 18.96 ? 59  ALA A CB  1 
ATOM   453  N N   . LEU A 1 60  ? 0.756   -3.382  -9.194  1.00 17.84 ? 60  LEU A N   1 
ATOM   454  C CA  . LEU A 1 60  ? 0.222   -2.683  -10.345 1.00 12.28 ? 60  LEU A CA  1 
ATOM   455  C C   . LEU A 1 60  ? 1.301   -2.579  -11.402 1.00 14.50 ? 60  LEU A C   1 
ATOM   456  O O   . LEU A 1 60  ? 2.388   -2.007  -11.165 1.00 18.36 ? 60  LEU A O   1 
ATOM   457  C CB  . LEU A 1 60  ? -0.268  -1.292  -9.946  1.00 22.90 ? 60  LEU A CB  1 
ATOM   458  C CG  . LEU A 1 60  ? -1.037  -0.571  -11.056 1.00 19.59 ? 60  LEU A CG  1 
ATOM   459  C CD1 . LEU A 1 60  ? -2.464  -1.095  -11.131 1.00 14.12 ? 60  LEU A CD1 1 
ATOM   460  C CD2 . LEU A 1 60  ? -1.001  0.930   -10.822 1.00 16.46 ? 60  LEU A CD2 1 
ATOM   461  N N   . GLU A 1 61  ? 1.026   -3.145  -12.573 1.00 16.59 ? 61  GLU A N   1 
ATOM   462  C CA  . GLU A 1 61  ? 1.921   -2.950  -13.708 1.00 13.02 ? 61  GLU A CA  1 
ATOM   463  C C   . GLU A 1 61  ? 1.546   -1.609  -14.316 1.00 26.94 ? 61  GLU A C   1 
ATOM   464  O O   . GLU A 1 61  ? 0.353   -1.310  -14.464 1.00 21.25 ? 61  GLU A O   1 
ATOM   465  C CB  . GLU A 1 61  ? 1.747   -4.033  -14.767 1.00 22.07 ? 61  GLU A CB  1 
ATOM   466  C CG  . GLU A 1 61  ? 2.711   -3.891  -15.930 1.00 28.07 ? 61  GLU A CG  1 
ATOM   467  C CD  . GLU A 1 61  ? 4.073   -4.484  -15.628 1.00 44.63 ? 61  GLU A CD  1 
ATOM   468  O OE1 . GLU A 1 61  ? 4.128   -5.599  -15.054 1.00 46.73 ? 61  GLU A OE1 1 
ATOM   469  O OE2 . GLU A 1 61  ? 5.094   -3.842  -15.970 1.00 46.43 ? 61  GLU A OE2 1 
ATOM   470  N N   . THR A 1 62  ? 2.547   -0.788  -14.624 1.00 17.71 ? 62  THR A N   1 
ATOM   471  C CA  . THR A 1 62  ? 2.288   0.535   -15.169 1.00 26.04 ? 62  THR A CA  1 
ATOM   472  C C   . THR A 1 62  ? 3.408   1.048   -16.070 1.00 22.56 ? 62  THR A C   1 
ATOM   473  O O   . THR A 1 62  ? 4.585   0.726   -15.882 1.00 29.35 ? 62  THR A O   1 
ATOM   474  C CB  . THR A 1 62  ? 2.004   1.577   -14.051 1.00 27.37 ? 62  THR A CB  1 
ATOM   475  O OG1 . THR A 1 62  ? 1.614   2.826   -14.640 1.00 24.69 ? 62  THR A OG1 1 
ATOM   476  C CG2 . THR A 1 62  ? 3.264   1.811   -13.198 1.00 22.52 ? 62  THR A CG2 1 
ATOM   477  N N   . SER A 1 63  ? 3.006   1.841   -17.071 1.00 33.76 ? 63  SER A N   1 
ATOM   478  C CA  . SER A 1 63  ? 3.928   2.553   -17.951 1.00 28.26 ? 63  SER A CA  1 
ATOM   479  C C   . SER A 1 63  ? 4.019   4.040   -17.577 1.00 19.29 ? 63  SER A C   1 
ATOM   480  O O   . SER A 1 63  ? 4.757   4.798   -18.212 1.00 28.03 ? 63  SER A O   1 
ATOM   481  C CB  . SER A 1 63  ? 3.464   2.445   -19.407 1.00 28.02 ? 63  SER A CB  1 
ATOM   482  O OG  . SER A 1 63  ? 3.519   1.103   -19.847 1.00 53.08 ? 63  SER A OG  1 
ATOM   483  N N   . LEU A 1 64  ? 3.259   4.442   -16.572 1.00 21.53 ? 64  LEU A N   1 
ATOM   484  C CA  . LEU A 1 64  ? 3.263   5.820   -16.084 1.00 22.87 ? 64  LEU A CA  1 
ATOM   485  C C   . LEU A 1 64  ? 4.561   6.147   -15.387 1.00 35.48 ? 64  LEU A C   1 
ATOM   486  O O   . LEU A 1 64  ? 5.224   5.274   -14.831 1.00 23.00 ? 64  LEU A O   1 
ATOM   487  C CB  . LEU A 1 64  ? 2.115   6.062   -15.105 1.00 26.97 ? 64  LEU A CB  1 
ATOM   488  C CG  . LEU A 1 64  ? 0.701   5.811   -15.666 1.00 29.13 ? 64  LEU A CG  1 
ATOM   489  C CD1 . LEU A 1 64  ? -0.348  6.227   -14.687 1.00 22.36 ? 64  LEU A CD1 1 
ATOM   490  C CD2 . LEU A 1 64  ? 0.499   6.544   -16.981 1.00 23.20 ? 64  LEU A CD2 1 
ATOM   491  N N   . ALA A 1 65  ? 4.911   7.424   -15.412 1.00 25.71 ? 65  ALA A N   1 
ATOM   492  C CA  . ALA A 1 65  ? 6.008   7.924   -14.603 1.00 25.03 ? 65  ALA A CA  1 
ATOM   493  C C   . ALA A 1 65  ? 5.563   7.936   -13.151 1.00 23.07 ? 65  ALA A C   1 
ATOM   494  O O   . ALA A 1 65  ? 4.379   8.033   -12.846 1.00 19.80 ? 65  ALA A O   1 
ATOM   495  C CB  . ALA A 1 65  ? 6.429   9.322   -15.057 1.00 24.69 ? 65  ALA A CB  1 
ATOM   496  N N   . PRO A 1 66  ? 6.525   7.822   -12.231 1.00 19.22 ? 66  PRO A N   1 
ATOM   497  C CA  . PRO A 1 66  ? 6.177   7.777   -10.813 1.00 14.40 ? 66  PRO A CA  1 
ATOM   498  C C   . PRO A 1 66  ? 5.261   8.931   -10.319 1.00 23.81 ? 66  PRO A C   1 
ATOM   499  O O   . PRO A 1 66  ? 4.347   8.695   -9.538  1.00 18.15 ? 66  PRO A O   1 
ATOM   500  C CB  . PRO A 1 66  ? 7.543   7.875   -10.110 1.00 31.04 ? 66  PRO A CB  1 
ATOM   501  C CG  . PRO A 1 66  ? 8.566   7.515   -11.126 1.00 27.77 ? 66  PRO A CG  1 
ATOM   502  C CD  . PRO A 1 66  ? 7.976   7.805   -12.479 1.00 21.02 ? 66  PRO A CD  1 
ATOM   503  N N   . GLU A 1 67  ? 5.498   10.168  -10.747 1.00 23.11 ? 67  GLU A N   1 
ATOM   504  C CA  . GLU A 1 67  ? 4.686   11.274  -10.256 1.00 25.84 ? 67  GLU A CA  1 
ATOM   505  C C   . GLU A 1 67  ? 3.277   11.272  -10.885 1.00 13.12 ? 67  GLU A C   1 
ATOM   506  O O   . GLU A 1 67  ? 2.302   11.750  -10.273 1.00 20.58 ? 67  GLU A O   1 
ATOM   507  C CB  . GLU A 1 67  ? 5.415   12.608  -10.476 1.00 39.12 ? 67  GLU A CB  1 
ATOM   508  C CG  . GLU A 1 67  ? 5.596   13.014  -11.937 1.00 45.60 ? 67  GLU A CG  1 
ATOM   509  C CD  . GLU A 1 67  ? 6.847   12.431  -12.605 1.00 57.62 ? 67  GLU A CD  1 
ATOM   510  O OE1 . GLU A 1 67  ? 7.662   11.762  -11.913 1.00 48.52 ? 67  GLU A OE1 1 
ATOM   511  O OE2 . GLU A 1 67  ? 7.001   12.645  -13.837 1.00 42.39 ? 67  GLU A OE2 1 
ATOM   512  N N   . GLU A 1 68  ? 3.187   10.722  -12.088 1.00 18.12 ? 68  GLU A N   1 
ATOM   513  C CA  . GLU A 1 68  ? 1.914   10.510  -12.771 1.00 21.30 ? 68  GLU A CA  1 
ATOM   514  C C   . GLU A 1 68  ? 1.090   9.481   -12.016 1.00 19.41 ? 68  GLU A C   1 
ATOM   515  O O   . GLU A 1 68  ? -0.098  9.668   -11.814 1.00 20.87 ? 68  GLU A O   1 
ATOM   516  C CB  . GLU A 1 68  ? 2.138   10.059  -14.222 1.00 28.57 ? 68  GLU A CB  1 
ATOM   517  C CG  . GLU A 1 68  ? 2.911   11.083  -15.063 1.00 32.06 ? 68  GLU A CG  1 
ATOM   518  C CD  . GLU A 1 68  ? 3.169   10.637  -16.509 1.00 39.59 ? 68  GLU A CD  1 
ATOM   519  O OE1 . GLU A 1 68  ? 3.349   9.422   -16.780 1.00 28.86 ? 68  GLU A OE1 1 
ATOM   520  O OE2 . GLU A 1 68  ? 3.199   11.520  -17.393 1.00 54.61 ? 68  GLU A OE2 1 
ATOM   521  N N   . LEU A 1 69  ? 1.723   8.404   -11.544 1.00 15.41 ? 69  LEU A N   1 
ATOM   522  C CA  . LEU A 1 69  ? 0.972   7.406   -10.805 1.00 13.29 ? 69  LEU A CA  1 
ATOM   523  C C   . LEU A 1 69  ? 0.487   8.072   -9.547  1.00 10.53 ? 69  LEU A C   1 
ATOM   524  O O   . LEU A 1 69  ? -0.635  7.876   -9.143  1.00 13.31 ? 69  LEU A O   1 
ATOM   525  C CB  . LEU A 1 69  ? 1.867   6.199   -10.425 1.00 11.98 ? 69  LEU A CB  1 
ATOM   526  C CG  . LEU A 1 69  ? 1.149   5.187   -9.556  1.00 19.34 ? 69  LEU A CG  1 
ATOM   527  C CD1 . LEU A 1 69  ? -0.085  4.621   -10.280 1.00 26.64 ? 69  LEU A CD1 1 
ATOM   528  C CD2 . LEU A 1 69  ? 2.133   4.070   -9.138  1.00 25.41 ? 69  LEU A CD2 1 
ATOM   529  N N   . LEU A 1 70  ? 1.332   8.892   -8.911  1.00 10.35 ? 70  LEU A N   1 
ATOM   530  C CA  . LEU A 1 70  ? 0.886   9.565   -7.684  1.00 15.47 ? 70  LEU A CA  1 
ATOM   531  C C   . LEU A 1 70  ? -0.311  10.503  -7.977  1.00 10.60 ? 70  LEU A C   1 
ATOM   532  O O   . LEU A 1 70  ? -1.227  10.614  -7.164  1.00 13.51 ? 70  LEU A O   1 
ATOM   533  C CB  . LEU A 1 70  ? 2.019   10.381  -7.030  1.00 18.66 ? 70  LEU A CB  1 
ATOM   534  C CG  . LEU A 1 70  ? 1.676   11.086  -5.715  1.00 11.43 ? 70  LEU A CG  1 
ATOM   535  C CD1 . LEU A 1 70  ? 1.412   10.135  -4.573  1.00 21.51 ? 70  LEU A CD1 1 
ATOM   536  C CD2 . LEU A 1 70  ? 2.771   12.121  -5.328  1.00 21.04 ? 70  LEU A CD2 1 
ATOM   537  N N   . ASN A 1 71  ? -0.274  11.183  -9.100  1.00 16.74 ? 71  ASN A N   1 
ATOM   538  C CA  . ASN A 1 71  ? -1.410  12.039  -9.476  1.00 18.37 ? 71  ASN A CA  1 
ATOM   539  C C   . ASN A 1 71  ? -2.710  11.241  -9.445  1.00 18.99 ? 71  ASN A C   1 
ATOM   540  O O   . ASN A 1 71  ? -3.712  11.674  -8.868  1.00 21.50 ? 71  ASN A O   1 
ATOM   541  C CB  . ASN A 1 71  ? -1.188  12.629  -10.849 1.00 15.34 ? 71  ASN A CB  1 
ATOM   542  C CG  . ASN A 1 71  ? -0.150  13.764  -10.847 1.00 13.68 ? 71  ASN A CG  1 
ATOM   543  O OD1 . ASN A 1 71  ? 0.289   14.213  -9.800  1.00 20.16 ? 71  ASN A OD1 1 
ATOM   544  N ND2 . ASN A 1 71  ? 0.298   14.148  -12.033 1.00 19.89 ? 71  ASN A ND2 1 
ATOM   545  N N   . HIS A 1 72  ? -2.670  10.035  -10.016 1.00 23.02 ? 72  HIS A N   1 
ATOM   546  C CA  . HIS A 1 72  ? -3.832  9.150   -9.974  1.00 16.44 ? 72  HIS A CA  1 
ATOM   547  C C   . HIS A 1 72  ? -4.212  8.687   -8.585  1.00 13.93 ? 72  HIS A C   1 
ATOM   548  O O   . HIS A 1 72  ? -5.381  8.697   -8.222  1.00 15.93 ? 72  HIS A O   1 
ATOM   549  C CB  . HIS A 1 72  ? -3.630  7.985   -10.929 1.00 20.56 ? 72  HIS A CB  1 
ATOM   550  C CG  . HIS A 1 72  ? -3.705  8.380   -12.372 1.00 24.69 ? 72  HIS A CG  1 
ATOM   551  N ND1 . HIS A 1 72  ? -4.907  8.631   -13.015 1.00 23.81 ? 72  HIS A ND1 1 
ATOM   552  C CD2 . HIS A 1 72  ? -2.734  8.568   -13.299 1.00 29.60 ? 72  HIS A CD2 1 
ATOM   553  C CE1 . HIS A 1 72  ? -4.667  8.939   -14.279 1.00 21.82 ? 72  HIS A CE1 1 
ATOM   554  N NE2 . HIS A 1 72  ? -3.358  8.908   -14.479 1.00 29.76 ? 72  HIS A NE2 1 
ATOM   555  N N   . THR A 1 73  ? -3.259  8.264   -7.759  1.00 15.10 ? 73  THR A N   1 
ATOM   556  C CA  . THR A 1 73  ? -3.645  7.849   -6.410  1.00 9.14  ? 73  THR A CA  1 
ATOM   557  C C   . THR A 1 73  ? -4.250  8.938   -5.526  1.00 16.83 ? 73  THR A C   1 
ATOM   558  O O   . THR A 1 73  ? -5.179  8.674   -4.749  1.00 14.24 ? 73  THR A O   1 
ATOM   559  C CB  . THR A 1 73  ? -2.464  7.113   -5.691  1.00 15.44 ? 73  THR A CB  1 
ATOM   560  O OG1 . THR A 1 73  ? -1.340  7.995   -5.594  1.00 13.11 ? 73  THR A OG1 1 
ATOM   561  C CG2 . THR A 1 73  ? -2.044  5.885   -6.513  1.00 15.40 ? 73  THR A CG2 1 
ATOM   562  N N   . GLN A 1 74  ? -3.747  10.170  -5.634  1.00 18.35 ? 74  GLN A N   1 
ATOM   563  C CA  . GLN A 1 74  ? -4.315  11.311  -4.908  1.00 15.26 ? 74  GLN A CA  1 
ATOM   564  C C   . GLN A 1 74  ? -5.741  11.625  -5.378  1.00 9.38  ? 74  GLN A C   1 
ATOM   565  O O   . GLN A 1 74  ? -6.637  11.898  -4.567  1.00 14.88 ? 74  GLN A O   1 
ATOM   566  C CB  . GLN A 1 74  ? -3.409  12.530  -5.084  1.00 14.65 ? 74  GLN A CB  1 
ATOM   567  C CG  . GLN A 1 74  ? -2.133  12.429  -4.259  1.00 25.22 ? 74  GLN A CG  1 
ATOM   568  C CD  . GLN A 1 74  ? -1.192  13.610  -4.475  1.00 29.71 ? 74  GLN A CD  1 
ATOM   569  O OE1 . GLN A 1 74  ? -1.294  14.341  -5.471  1.00 27.73 ? 74  GLN A OE1 1 
ATOM   570  N NE2 . GLN A 1 74  ? -0.258  13.780  -3.551  1.00 26.65 ? 74  GLN A NE2 1 
ATOM   571  N N   . ARG A 1 75  ? -5.934  11.497  -6.670  1.00 15.08 ? 75  ARG A N   1 
ATOM   572  C CA  . ARG A 1 75  ? -7.231  11.707  -7.297  1.00 14.30 ? 75  ARG A CA  1 
ATOM   573  C C   . ARG A 1 75  ? -8.245  10.689  -6.782  1.00 17.61 ? 75  ARG A C   1 
ATOM   574  O O   . ARG A 1 75  ? -9.293  11.064  -6.240  1.00 18.66 ? 75  ARG A O   1 
ATOM   575  C CB  . ARG A 1 75  ? -7.076  11.663  -8.808  1.00 13.33 ? 75  ARG A CB  1 
ATOM   576  C CG  . ARG A 1 75  ? -8.428  11.489  -9.524  1.00 20.52 ? 75  ARG A CG  1 
ATOM   577  C CD  . ARG A 1 75  ? -8.343  11.440  -11.013 1.00 21.12 ? 75  ARG A CD  1 
ATOM   578  N NE  . ARG A 1 75  ? -7.721  10.228  -11.556 1.00 17.09 ? 75  ARG A NE  1 
ATOM   579  C CZ  . ARG A 1 75  ? -8.203  8.986   -11.457 1.00 20.68 ? 75  ARG A CZ  1 
ATOM   580  N NH1 . ARG A 1 75  ? -9.318  8.729   -10.801 1.00 17.70 ? 75  ARG A NH1 1 
ATOM   581  N NH2 . ARG A 1 75  ? -7.543  7.986   -12.011 1.00 23.58 ? 75  ARG A NH2 1 
ATOM   582  N N   . ILE A 1 76  ? -7.868  9.406   -6.815  1.00 15.14 ? 76  ILE A N   1 
ATOM   583  C CA  . ILE A 1 76  ? -8.731  8.335   -6.289  1.00 14.82 ? 76  ILE A CA  1 
ATOM   584  C C   . ILE A 1 76  ? -9.073  8.552   -4.810  1.00 13.68 ? 76  ILE A C   1 
ATOM   585  O O   . ILE A 1 76  ? -10.225 8.411   -4.402  1.00 19.57 ? 76  ILE A O   1 
ATOM   586  C CB  . ILE A 1 76  ? -8.042  6.935   -6.504  1.00 15.14 ? 76  ILE A CB  1 
ATOM   587  C CG1 . ILE A 1 76  ? -7.814  6.713   -8.006  1.00 15.56 ? 76  ILE A CG1 1 
ATOM   588  C CG2 . ILE A 1 76  ? -8.885  5.829   -5.837  1.00 20.42 ? 76  ILE A CG2 1 
ATOM   589  C CD1 . ILE A 1 76  ? -7.112  5.371   -8.370  1.00 20.82 ? 76  ILE A CD1 1 
ATOM   590  N N   . GLU A 1 77  ? -8.087  8.906   -3.987  1.00 12.73 ? 77  GLU A N   1 
ATOM   591  C CA  . GLU A 1 77  ? -8.350  9.215   -2.577  1.00 12.40 ? 77  GLU A CA  1 
ATOM   592  C C   . GLU A 1 77  ? -9.337  10.371  -2.389  1.00 18.07 ? 77  GLU A C   1 
ATOM   593  O O   . GLU A 1 77  ? -10.126 10.398  -1.423  1.00 21.10 ? 77  GLU A O   1 
ATOM   594  C CB  . GLU A 1 77  ? -7.052  9.614   -1.860  1.00 14.34 ? 77  GLU A CB  1 
ATOM   595  C CG  . GLU A 1 77  ? -6.008  8.517   -1.680  1.00 25.85 ? 77  GLU A CG  1 
ATOM   596  C CD  . GLU A 1 77  ? -4.731  9.018   -0.973  1.00 29.74 ? 77  GLU A CD  1 
ATOM   597  O OE1 . GLU A 1 77  ? -4.292  10.165  -1.225  1.00 24.59 ? 77  GLU A OE1 1 
ATOM   598  O OE2 . GLU A 1 77  ? -4.155  8.261   -0.155  1.00 21.43 ? 77  GLU A OE2 1 
ATOM   599  N N   . LEU A 1 78  ? -9.241  11.353  -3.278  1.00 19.37 ? 78  LEU A N   1 
ATOM   600  C CA  . LEU A 1 78  ? -10.142 12.513  -3.244  1.00 24.72 ? 78  LEU A CA  1 
ATOM   601  C C   . LEU A 1 78  ? -11.531 12.083  -3.679  1.00 17.76 ? 78  LEU A C   1 
ATOM   602  O O   . LEU A 1 78  ? -12.522 12.399  -3.025  1.00 29.69 ? 78  LEU A O   1 
ATOM   603  C CB  . LEU A 1 78  ? -9.646  13.613  -4.189  1.00 26.36 ? 78  LEU A CB  1 
ATOM   604  C CG  . LEU A 1 78  ? -8.584  14.536  -3.605  1.00 18.15 ? 78  LEU A CG  1 
ATOM   605  C CD1 . LEU A 1 78  ? -8.040  15.398  -4.686  1.00 19.37 ? 78  LEU A CD1 1 
ATOM   606  C CD2 . LEU A 1 78  ? -9.117  15.356  -2.400  1.00 22.74 ? 78  LEU A CD2 1 
ATOM   607  N N   . GLN A 1 79  ? -11.599 11.358  -4.783  1.00 24.76 ? 79  GLN A N   1 
ATOM   608  C CA  . GLN A 1 79  ? -12.887 10.910  -5.323  1.00 24.53 ? 79  GLN A CA  1 
ATOM   609  C C   . GLN A 1 79  ? -13.585 9.868   -4.418  1.00 40.67 ? 79  GLN A C   1 
ATOM   610  O O   . GLN A 1 79  ? -14.809 9.923   -4.239  1.00 32.99 ? 79  GLN A O   1 
ATOM   611  C CB  . GLN A 1 79  ? -12.687 10.392  -6.741  1.00 19.09 ? 79  GLN A CB  1 
ATOM   612  C CG  . GLN A 1 79  ? -12.215 11.451  -7.701  1.00 25.76 ? 79  GLN A CG  1 
ATOM   613  C CD  . GLN A 1 79  ? -11.927 10.921  -9.085  1.00 23.17 ? 79  GLN A CD  1 
ATOM   614  O OE1 . GLN A 1 79  ? -11.421 9.810   -9.243  1.00 26.51 ? 79  GLN A OE1 1 
ATOM   615  N NE2 . GLN A 1 79  ? -12.244 11.718  -10.114 1.00 21.09 ? 79  GLN A NE2 1 
ATOM   616  N N   . GLN A 1 80  ? -12.807 8.964   -3.807  1.00 33.35 ? 80  GLN A N   1 
ATOM   617  C CA  . GLN A 1 80  ? -13.363 7.868   -3.005  1.00 28.06 ? 80  GLN A CA  1 
ATOM   618  C C   . GLN A 1 80  ? -13.288 8.077   -1.494  1.00 43.32 ? 80  GLN A C   1 
ATOM   619  O O   . GLN A 1 80  ? -13.943 7.352   -0.750  1.00 49.27 ? 80  GLN A O   1 
ATOM   620  C CB  . GLN A 1 80  ? -12.661 6.534   -3.317  1.00 24.80 ? 80  GLN A CB  1 
ATOM   621  C CG  . GLN A 1 80  ? -12.560 6.158   -4.780  1.00 25.82 ? 80  GLN A CG  1 
ATOM   622  C CD  . GLN A 1 80  ? -13.871 5.730   -5.372  1.00 42.00 ? 80  GLN A CD  1 
ATOM   623  O OE1 . GLN A 1 80  ? -14.842 5.483   -4.650  1.00 33.84 ? 80  GLN A OE1 1 
ATOM   624  N NE2 . GLN A 1 80  ? -13.917 5.651   -6.701  1.00 45.19 ? 80  GLN A NE2 1 
ATOM   625  N N   . GLY A 1 81  ? -12.489 9.043   -1.034  1.00 52.17 ? 81  GLY A N   1 
ATOM   626  C CA  . GLY A 1 81  ? -12.293 9.260   0.395   1.00 39.15 ? 81  GLY A CA  1 
ATOM   627  C C   . GLY A 1 81  ? -12.845 10.581  0.915   1.00 48.10 ? 81  GLY A C   1 
ATOM   628  O O   . GLY A 1 81  ? -13.678 11.198  0.251   1.00 54.71 ? 81  GLY A O   1 
ATOM   629  N N   . ARG A 1 82  ? -12.403 10.996  2.108   1.00 65.09 ? 82  ARG A N   1 
ATOM   630  C CA  . ARG A 1 82  ? -12.819 12.279  2.706   1.00 38.98 ? 82  ARG A CA  1 
ATOM   631  C C   . ARG A 1 82  ? -11.998 12.678  3.938   1.00 44.61 ? 82  ARG A C   1 
ATOM   632  O O   . ARG A 1 82  ? -11.655 11.844  4.779   1.00 43.76 ? 82  ARG A O   1 
ATOM   633  C CB  . ARG A 1 82  ? -14.307 12.255  3.071   1.00 43.39 ? 82  ARG A CB  1 
ATOM   634  C CG  . ARG A 1 82  ? -14.649 11.397  4.281   1.00 52.59 ? 82  ARG A CG  1 
ATOM   635  C CD  . ARG A 1 82  ? -15.758 12.024  5.112   1.00 55.49 ? 82  ARG A CD  1 
ATOM   636  N NE  . ARG A 1 82  ? -15.963 11.328  6.379   1.00 47.62 ? 82  ARG A NE  1 
ATOM   637  C CZ  . ARG A 1 82  ? -15.215 11.504  7.470   1.00 54.67 ? 82  ARG A CZ  1 
ATOM   638  N NH1 . ARG A 1 82  ? -14.186 12.349  7.457   1.00 62.01 ? 82  ARG A NH1 1 
ATOM   639  N NH2 . ARG A 1 82  ? -15.491 10.820  8.576   1.00 44.00 ? 82  ARG A NH2 1 
ATOM   640  N N   . GLU A 1 87  ? -8.488  13.085  11.168  1.00 65.62 ? 87  GLU A N   1 
ATOM   641  C CA  . GLU A 1 87  ? -7.671  12.615  10.051  1.00 71.63 ? 87  GLU A CA  1 
ATOM   642  C C   . GLU A 1 87  ? -6.372  11.935  10.500  1.00 80.29 ? 87  GLU A C   1 
ATOM   643  O O   . GLU A 1 87  ? -6.175  10.749  10.225  1.00 75.81 ? 87  GLU A O   1 
ATOM   644  C CB  . GLU A 1 87  ? -7.335  13.777  9.112   1.00 82.32 ? 87  GLU A CB  1 
ATOM   645  C CG  . GLU A 1 87  ? -6.588  13.355  7.846   1.00 79.31 ? 87  GLU A CG  1 
ATOM   646  C CD  . GLU A 1 87  ? -5.199  13.980  7.721   1.00 86.54 ? 87  GLU A CD  1 
ATOM   647  O OE1 . GLU A 1 87  ? -4.736  14.615  8.695   1.00 87.44 ? 87  GLU A OE1 1 
ATOM   648  O OE2 . GLU A 1 87  ? -4.571  13.834  6.644   1.00 83.12 ? 87  GLU A OE2 1 
ATOM   649  N N   . ARG A 1 88  ? -5.507  12.679  11.201  1.00 81.72 ? 88  ARG A N   1 
ATOM   650  C CA  . ARG A 1 88  ? -4.104  12.273  11.428  1.00 77.98 ? 88  ARG A CA  1 
ATOM   651  C C   . ARG A 1 88  ? -3.886  10.858  11.981  1.00 74.02 ? 88  ARG A C   1 
ATOM   652  O O   . ARG A 1 88  ? -3.326  10.009  11.280  1.00 87.68 ? 88  ARG A O   1 
ATOM   653  C CB  . ARG A 1 88  ? -3.352  13.283  12.301  1.00 80.39 ? 88  ARG A CB  1 
ATOM   654  C CG  . ARG A 1 88  ? -1.985  12.765  12.764  1.00 78.19 ? 88  ARG A CG  1 
ATOM   655  C CD  . ARG A 1 88  ? -0.941  13.872  12.852  1.00 81.68 ? 88  ARG A CD  1 
ATOM   656  N NE  . ARG A 1 88  ? -1.274  14.838  13.894  1.00 81.97 ? 88  ARG A NE  1 
ATOM   657  C CZ  . ARG A 1 88  ? -0.832  14.777  15.147  1.00 81.28 ? 88  ARG A CZ  1 
ATOM   658  N NH1 . ARG A 1 88  ? -0.017  13.808  15.536  1.00 76.13 ? 88  ARG A NH1 1 
ATOM   659  N NH2 . ARG A 1 88  ? -1.205  15.697  16.027  1.00 81.56 ? 88  ARG A NH2 1 
ATOM   660  N N   . TRP A 1 89  ? -4.290  10.599  13.224  1.00 67.63 ? 89  TRP A N   1 
ATOM   661  C CA  . TRP A 1 89  ? -4.165  9.243   13.771  1.00 68.81 ? 89  TRP A CA  1 
ATOM   662  C C   . TRP A 1 89  ? -5.430  8.422   13.512  1.00 60.51 ? 89  TRP A C   1 
ATOM   663  O O   . TRP A 1 89  ? -5.790  7.546   14.305  1.00 46.32 ? 89  TRP A O   1 
ATOM   664  C CB  . TRP A 1 89  ? -3.848  9.262   15.270  1.00 61.86 ? 89  TRP A CB  1 
ATOM   665  C CG  . TRP A 1 89  ? -2.464  9.748   15.587  1.00 73.88 ? 89  TRP A CG  1 
ATOM   666  C CD1 . TRP A 1 89  ? -2.129  10.764  16.436  1.00 76.66 ? 89  TRP A CD1 1 
ATOM   667  C CD2 . TRP A 1 89  ? -1.227  9.242   15.058  1.00 72.26 ? 89  TRP A CD2 1 
ATOM   668  N NE1 . TRP A 1 89  ? -0.765  10.921  16.472  1.00 80.34 ? 89  TRP A NE1 1 
ATOM   669  C CE2 . TRP A 1 89  ? -0.187  10.004  15.634  1.00 70.86 ? 89  TRP A CE2 1 
ATOM   670  C CE3 . TRP A 1 89  ? -0.897  8.223   14.157  1.00 69.69 ? 89  TRP A CE3 1 
ATOM   671  C CZ2 . TRP A 1 89  ? 1.157   9.776   15.341  1.00 55.90 ? 89  TRP A CZ2 1 
ATOM   672  C CZ3 . TRP A 1 89  ? 0.437   8.001   13.864  1.00 72.42 ? 89  TRP A CZ3 1 
ATOM   673  C CH2 . TRP A 1 89  ? 1.449   8.775   14.455  1.00 75.26 ? 89  TRP A CH2 1 
ATOM   674  N N   . GLY A 1 90  ? -6.091  8.710   12.392  1.00 58.53 ? 90  GLY A N   1 
ATOM   675  C CA  . GLY A 1 90  ? -7.333  8.057   12.035  1.00 62.50 ? 90  GLY A CA  1 
ATOM   676  C C   . GLY A 1 90  ? -8.505  8.834   12.590  1.00 62.39 ? 90  GLY A C   1 
ATOM   677  O O   . GLY A 1 90  ? -8.328  9.620   13.523  1.00 36.84 ? 90  GLY A O   1 
ATOM   678  N N   . PRO A 1 91  ? -9.713  8.607   12.038  1.00 67.88 ? 91  PRO A N   1 
ATOM   679  C CA  . PRO A 1 91  ? -10.020 7.660   10.950  1.00 57.81 ? 91  PRO A CA  1 
ATOM   680  C C   . PRO A 1 91  ? -9.539  8.076   9.546   1.00 56.34 ? 91  PRO A C   1 
ATOM   681  O O   . PRO A 1 91  ? -9.285  9.259   9.276   1.00 53.66 ? 91  PRO A O   1 
ATOM   682  C CB  . PRO A 1 91  ? -11.560 7.575   10.974  1.00 57.36 ? 91  PRO A CB  1 
ATOM   683  C CG  . PRO A 1 91  ? -11.963 8.084   12.317  1.00 59.66 ? 91  PRO A CG  1 
ATOM   684  C CD  . PRO A 1 91  ? -10.938 9.120   12.675  1.00 53.14 ? 91  PRO A CD  1 
ATOM   685  N N   . ARG A 1 92  ? -9.434  7.077   8.665   1.00 42.72 ? 92  ARG A N   1 
ATOM   686  C CA  . ARG A 1 92  ? -8.915  7.244   7.303   1.00 39.64 ? 92  ARG A CA  1 
ATOM   687  C C   . ARG A 1 92  ? -9.875  6.608   6.310   1.00 55.05 ? 92  ARG A C   1 
ATOM   688  O O   . ARG A 1 92  ? -9.909  5.386   6.150   1.00 44.74 ? 92  ARG A O   1 
ATOM   689  C CB  . ARG A 1 92  ? -7.569  6.545   7.162   1.00 42.37 ? 92  ARG A CB  1 
ATOM   690  C CG  . ARG A 1 92  ? -6.576  6.899   8.250   1.00 43.00 ? 92  ARG A CG  1 
ATOM   691  C CD  . ARG A 1 92  ? -6.235  8.352   8.229   1.00 37.66 ? 92  ARG A CD  1 
ATOM   692  N NE  . ARG A 1 92  ? -5.672  8.761   6.943   1.00 62.35 ? 92  ARG A NE  1 
ATOM   693  C CZ  . ARG A 1 92  ? -5.030  9.907   6.733   1.00 68.71 ? 92  ARG A CZ  1 
ATOM   694  N NH1 . ARG A 1 92  ? -4.851  10.762  7.733   1.00 72.83 ? 92  ARG A NH1 1 
ATOM   695  N NH2 . ARG A 1 92  ? -4.550  10.192  5.527   1.00 46.18 ? 92  ARG A NH2 1 
ATOM   696  N N   . THR A 1 93  ? -10.649 7.425   5.625   1.00 37.37 ? 93  THR A N   1 
ATOM   697  C CA  . THR A 1 93  ? -11.608 6.878   4.692   1.00 40.39 ? 93  THR A CA  1 
ATOM   698  C C   . THR A 1 93  ? -10.889 6.034   3.629   1.00 31.47 ? 93  THR A C   1 
ATOM   699  O O   . THR A 1 93  ? -11.390 4.970   3.227   1.00 39.20 ? 93  THR A O   1 
ATOM   700  C CB  . THR A 1 93  ? -12.441 7.992   4.058   1.00 24.89 ? 93  THR A CB  1 
ATOM   701  O OG1 . THR A 1 93  ? -13.220 8.624   5.082   1.00 38.71 ? 93  THR A OG1 1 
ATOM   702  C CG2 . THR A 1 93  ? -13.375 7.438   3.001   1.00 48.24 ? 93  THR A CG2 1 
ATOM   703  N N   . LEU A 1 94  ? -9.716  6.489   3.191   1.00 24.23 ? 94  LEU A N   1 
ATOM   704  C CA  . LEU A 1 94  ? -8.962  5.766   2.161   1.00 20.08 ? 94  LEU A CA  1 
ATOM   705  C C   . LEU A 1 94  ? -7.557  6.291   1.900   1.00 30.56 ? 94  LEU A C   1 
ATOM   706  O O   . LEU A 1 94  ? -7.367  7.382   1.354   1.00 21.81 ? 94  LEU A O   1 
ATOM   707  C CB  . LEU A 1 94  ? -9.733  5.715   0.848   1.00 15.16 ? 94  LEU A CB  1 
ATOM   708  C CG  . LEU A 1 94  ? -9.039  4.937   -0.273  1.00 20.31 ? 94  LEU A CG  1 
ATOM   709  C CD1 . LEU A 1 94  ? -9.099  3.407   0.047   1.00 24.27 ? 94  LEU A CD1 1 
ATOM   710  C CD2 . LEU A 1 94  ? -9.635  5.235   -1.620  1.00 23.14 ? 94  LEU A CD2 1 
ATOM   711  N N   . ASP A 1 95  ? -6.563  5.482   2.263   1.00 16.77 ? 95  ASP A N   1 
ATOM   712  C CA  . ASP A 1 95  ? -5.189  5.795   1.877   1.00 19.31 ? 95  ASP A CA  1 
ATOM   713  C C   . ASP A 1 95  ? -4.640  4.888   0.811   1.00 19.50 ? 95  ASP A C   1 
ATOM   714  O O   . ASP A 1 95  ? -4.847  3.674   0.831   1.00 18.45 ? 95  ASP A O   1 
ATOM   715  C CB  . ASP A 1 95  ? -4.299  5.725   3.107   1.00 23.23 ? 95  ASP A CB  1 
ATOM   716  C CG  . ASP A 1 95  ? -4.788  6.608   4.196   1.00 28.82 ? 95  ASP A CG  1 
ATOM   717  O OD1 . ASP A 1 95  ? -4.930  7.834   3.939   1.00 31.98 ? 95  ASP A OD1 1 
ATOM   718  O OD2 . ASP A 1 95  ? -5.073  6.080   5.289   1.00 31.18 ? 95  ASP A OD2 1 
ATOM   719  N N   . LEU A 1 96  ? -3.949  5.492   -0.134  1.00 13.84 ? 96  LEU A N   1 
ATOM   720  C CA  . LEU A 1 96  ? -3.171  4.769   -1.121  1.00 17.90 ? 96  LEU A CA  1 
ATOM   721  C C   . LEU A 1 96  ? -1.731  5.229   -1.039  1.00 28.59 ? 96  LEU A C   1 
ATOM   722  O O   . LEU A 1 96  ? -1.438  6.390   -1.290  1.00 24.52 ? 96  LEU A O   1 
ATOM   723  C CB  . LEU A 1 96  ? -3.717  5.020   -2.512  1.00 18.29 ? 96  LEU A CB  1 
ATOM   724  C CG  . LEU A 1 96  ? -5.145  4.521   -2.705  1.00 20.72 ? 96  LEU A CG  1 
ATOM   725  C CD1 . LEU A 1 96  ? -5.716  5.155   -3.952  1.00 24.29 ? 96  LEU A CD1 1 
ATOM   726  C CD2 . LEU A 1 96  ? -5.192  2.996   -2.815  1.00 22.38 ? 96  LEU A CD2 1 
ATOM   727  N N   . ASP A 1 97  ? -0.825  4.328   -0.677  1.00 16.31 ? 97  ASP A N   1 
ATOM   728  C CA  . ASP A 1 97  ? 0.588   4.669   -0.527  1.00 14.82 ? 97  ASP A CA  1 
ATOM   729  C C   . ASP A 1 97  ? 1.388   3.889   -1.521  1.00 17.91 ? 97  ASP A C   1 
ATOM   730  O O   . ASP A 1 97  ? 1.224   2.674   -1.615  1.00 24.92 ? 97  ASP A O   1 
ATOM   731  C CB  . ASP A 1 97  ? 1.049   4.337   0.885   1.00 19.58 ? 97  ASP A CB  1 
ATOM   732  C CG  . ASP A 1 97  ? 0.431   5.238   1.903   1.00 31.86 ? 97  ASP A CG  1 
ATOM   733  O OD1 . ASP A 1 97  ? 0.185   6.403   1.541   1.00 39.58 ? 97  ASP A OD1 1 
ATOM   734  O OD2 . ASP A 1 97  ? 0.201   4.797   3.048   1.00 47.26 ? 97  ASP A OD2 1 
ATOM   735  N N   . ILE A 1 98  ? 2.231   4.574   -2.278  1.00 12.86 ? 98  ILE A N   1 
ATOM   736  C CA  . ILE A 1 98  ? 3.147   3.917   -3.181  1.00 13.52 ? 98  ILE A CA  1 
ATOM   737  C C   . ILE A 1 98  ? 4.306   3.400   -2.334  1.00 20.02 ? 98  ILE A C   1 
ATOM   738  O O   . ILE A 1 98  ? 5.056   4.177   -1.753  1.00 16.50 ? 98  ILE A O   1 
ATOM   739  C CB  . ILE A 1 98  ? 3.620   4.857   -4.267  1.00 15.11 ? 98  ILE A CB  1 
ATOM   740  C CG1 . ILE A 1 98  ? 2.441   5.415   -5.062  1.00 20.39 ? 98  ILE A CG1 1 
ATOM   741  C CG2 . ILE A 1 98  ? 4.598   4.192   -5.211  1.00 12.34 ? 98  ILE A CG2 1 
ATOM   742  C CD1 . ILE A 1 98  ? 2.882   6.444   -6.053  1.00 21.91 ? 98  ILE A CD1 1 
ATOM   743  N N   . MET A 1 99  ? 4.420   2.084   -2.203  1.00 11.33 ? 99  MET A N   1 
ATOM   744  C CA  . MET A 1 99  ? 5.460   1.504   -1.354  1.00 16.81 ? 99  MET A CA  1 
ATOM   745  C C   . MET A 1 99  ? 6.737   1.413   -2.129  1.00 15.01 ? 99  MET A C   1 
ATOM   746  O O   . MET A 1 99  ? 7.832   1.836   -1.650  1.00 16.29 ? 99  MET A O   1 
ATOM   747  C CB  . MET A 1 99  ? 5.021   0.134   -0.840  1.00 9.87  ? 99  MET A CB  1 
ATOM   748  C CG  . MET A 1 99  ? 4.091   0.222   0.303   1.00 15.15 ? 99  MET A CG  1 
ATOM   749  S SD  . MET A 1 99  ? 3.656   -1.354  1.093   1.00 16.15 ? 99  MET A SD  1 
ATOM   750  C CE  . MET A 1 99  ? 2.801   -2.164  -0.265  1.00 22.30 ? 99  MET A CE  1 
ATOM   751  N N   . LEU A 1 100 ? 6.627   0.809   -3.312  1.00 15.64 ? 100 LEU A N   1 
ATOM   752  C CA  A LEU A 1 100 ? 7.740   0.693   -4.244  0.50 8.96  ? 100 LEU A CA  1 
ATOM   753  C CA  B LEU A 1 100 ? 7.737   0.693   -4.243  0.50 8.96  ? 100 LEU A CA  1 
ATOM   754  C C   . LEU A 1 100 ? 7.345   1.054   -5.661  1.00 15.51 ? 100 LEU A C   1 
ATOM   755  O O   . LEU A 1 100 ? 6.198   0.864   -6.088  1.00 15.35 ? 100 LEU A O   1 
ATOM   756  C CB  A LEU A 1 100 ? 8.275   -0.748  -4.326  0.50 20.18 ? 100 LEU A CB  1 
ATOM   757  C CB  B LEU A 1 100 ? 8.261   -0.749  -4.301  0.50 20.20 ? 100 LEU A CB  1 
ATOM   758  C CG  A LEU A 1 100 ? 9.135   -1.376  -3.228  0.50 18.92 ? 100 LEU A CG  1 
ATOM   759  C CG  B LEU A 1 100 ? 9.352   -1.194  -3.329  0.50 19.48 ? 100 LEU A CG  1 
ATOM   760  C CD1 A LEU A 1 100 ? 9.970   -0.338  -2.452  0.50 10.94 ? 100 LEU A CD1 1 
ATOM   761  C CD1 B LEU A 1 100 ? 8.713   -1.693  -2.080  0.50 18.05 ? 100 LEU A CD1 1 
ATOM   762  C CD2 A LEU A 1 100 ? 8.250   -2.202  -2.342  0.50 11.09 ? 100 LEU A CD2 1 
ATOM   763  C CD2 B LEU A 1 100 ? 10.205  -2.274  -3.969  0.50 24.24 ? 100 LEU A CD2 1 
ATOM   764  N N   . PHE A 1 101 ? 8.317   1.503   -6.417  1.00 10.59 ? 101 PHE A N   1 
ATOM   765  C CA  . PHE A 1 101 ? 8.084   1.784   -7.811  1.00 21.15 ? 101 PHE A CA  1 
ATOM   766  C C   . PHE A 1 101 ? 9.208   1.171   -8.595  1.00 17.24 ? 101 PHE A C   1 
ATOM   767  O O   . PHE A 1 101 ? 10.286  1.760   -8.759  1.00 21.44 ? 101 PHE A O   1 
ATOM   768  C CB  . PHE A 1 101 ? 7.978   3.297   -8.097  1.00 17.23 ? 101 PHE A CB  1 
ATOM   769  C CG  . PHE A 1 101 ? 7.495   3.599   -9.477  1.00 18.24 ? 101 PHE A CG  1 
ATOM   770  C CD1 . PHE A 1 101 ? 8.396   3.661   -10.541 1.00 13.92 ? 101 PHE A CD1 1 
ATOM   771  C CD2 . PHE A 1 101 ? 6.137   3.763   -9.741  1.00 15.73 ? 101 PHE A CD2 1 
ATOM   772  C CE1 . PHE A 1 101 ? 7.963   3.927   -11.831 1.00 25.62 ? 101 PHE A CE1 1 
ATOM   773  C CE2 . PHE A 1 101 ? 5.706   4.019   -11.035 1.00 13.67 ? 101 PHE A CE2 1 
ATOM   774  C CZ  . PHE A 1 101 ? 6.620   4.094   -12.076 1.00 23.42 ? 101 PHE A CZ  1 
ATOM   775  N N   . GLY A 1 102 ? 8.982   -0.048  -9.096  1.00 16.29 ? 102 GLY A N   1 
ATOM   776  C CA  . GLY A 1 102 ? 10.073  -0.786  -9.703  1.00 20.88 ? 102 GLY A CA  1 
ATOM   777  C C   . GLY A 1 102 ? 11.269  -0.772  -8.757  1.00 15.03 ? 102 GLY A C   1 
ATOM   778  O O   . GLY A 1 102 ? 11.106  -0.926  -7.553  1.00 17.91 ? 102 GLY A O   1 
ATOM   779  N N   A ASN A 1 103 ? 12.463  -0.562  -9.289  0.68 15.64 ? 103 ASN A N   1 
ATOM   780  N N   B ASN A 1 103 ? 12.455  -0.537  -9.298  0.32 15.79 ? 103 ASN A N   1 
ATOM   781  C CA  A ASN A 1 103 ? 13.655  -0.483  -8.437  0.68 18.11 ? 103 ASN A CA  1 
ATOM   782  C CA  B ASN A 1 103 ? 13.662  -0.438  -8.479  0.32 18.21 ? 103 ASN A CA  1 
ATOM   783  C C   A ASN A 1 103 ? 14.062  0.961   -8.156  0.68 21.41 ? 103 ASN A C   1 
ATOM   784  C C   B ASN A 1 103 ? 14.164  1.004   -8.475  0.32 21.45 ? 103 ASN A C   1 
ATOM   785  O O   A ASN A 1 103 ? 15.146  1.221   -7.636  0.68 15.01 ? 103 ASN A O   1 
ATOM   786  O O   B ASN A 1 103 ? 15.372  1.297   -8.516  0.32 11.71 ? 103 ASN A O   1 
ATOM   787  C CB  A ASN A 1 103 ? 14.834  -1.210  -9.073  0.68 22.54 ? 103 ASN A CB  1 
ATOM   788  C CB  B ASN A 1 103 ? 14.701  -1.413  -8.999  0.32 22.38 ? 103 ASN A CB  1 
ATOM   789  C CG  A ASN A 1 103 ? 15.907  -1.579  -8.060  0.68 20.95 ? 103 ASN A CG  1 
ATOM   790  C CG  B ASN A 1 103 ? 14.100  -2.774  -9.291  0.32 20.97 ? 103 ASN A CG  1 
ATOM   791  O OD1 A ASN A 1 103 ? 15.603  -2.054  -6.963  0.68 17.88 ? 103 ASN A OD1 1 
ATOM   792  O OD1 B ASN A 1 103 ? 13.624  -3.461  -8.386  0.32 26.58 ? 103 ASN A OD1 1 
ATOM   793  N ND2 A ASN A 1 103 ? 17.158  -1.353  -8.418  0.68 23.24 ? 103 ASN A ND2 1 
ATOM   794  N ND2 B ASN A 1 103 ? 14.103  -3.167  -10.561 0.32 27.48 ? 103 ASN A ND2 1 
ATOM   795  N N   . GLU A 1 104 ? 13.197  1.909   -8.481  1.00 19.91 ? 104 GLU A N   1 
ATOM   796  C CA  A GLU A 1 104 ? 13.633  3.285   -8.444  0.44 21.78 ? 104 GLU A CA  1 
ATOM   797  C CA  B GLU A 1 104 ? 13.479  3.338   -8.437  0.56 21.80 ? 104 GLU A CA  1 
ATOM   798  C C   . GLU A 1 104 ? 13.642  3.862   -7.018  1.00 14.37 ? 104 GLU A C   1 
ATOM   799  O O   . GLU A 1 104 ? 12.887  3.454   -6.095  1.00 14.20 ? 104 GLU A O   1 
ATOM   800  C CB  A GLU A 1 104 ? 12.871  4.111   -9.491  0.44 23.02 ? 104 GLU A CB  1 
ATOM   801  C CB  B GLU A 1 104 ? 12.334  4.088   -9.125  0.56 21.14 ? 104 GLU A CB  1 
ATOM   802  C CG  A GLU A 1 104 ? 13.400  3.771   -10.894 0.44 24.73 ? 104 GLU A CG  1 
ATOM   803  C CG  B GLU A 1 104 ? 12.535  5.572   -9.175  0.56 30.26 ? 104 GLU A CG  1 
ATOM   804  C CD  A GLU A 1 104 ? 12.407  3.953   -11.998 0.44 29.77 ? 104 GLU A CD  1 
ATOM   805  C CD  B GLU A 1 104 ? 13.239  6.025   -10.426 0.56 33.55 ? 104 GLU A CD  1 
ATOM   806  O OE1 A GLU A 1 104 ? 11.212  4.121   -11.701 0.44 28.17 ? 104 GLU A OE1 1 
ATOM   807  O OE1 B GLU A 1 104 ? 14.375  6.548   -10.322 0.56 39.32 ? 104 GLU A OE1 1 
ATOM   808  O OE2 A GLU A 1 104 ? 12.833  3.913   -13.174 0.44 39.20 ? 104 GLU A OE2 1 
ATOM   809  O OE2 B GLU A 1 104 ? 12.635  5.870   -11.505 0.56 27.38 ? 104 GLU A OE2 1 
ATOM   810  N N   . VAL A 1 105 ? 14.581  4.789   -6.829  1.00 20.71 ? 105 VAL A N   1 
ATOM   811  C CA  . VAL A 1 105 ? 14.691  5.520   -5.587  1.00 14.46 ? 105 VAL A CA  1 
ATOM   812  C C   . VAL A 1 105 ? 14.329  6.988   -5.821  1.00 15.18 ? 105 VAL A C   1 
ATOM   813  O O   . VAL A 1 105 ? 14.892  7.653   -6.673  1.00 18.00 ? 105 VAL A O   1 
ATOM   814  C CB  . VAL A 1 105 ? 16.122  5.442   -5.008  1.00 20.60 ? 105 VAL A CB  1 
ATOM   815  C CG1 . VAL A 1 105 ? 16.299  6.465   -3.894  1.00 21.32 ? 105 VAL A CG1 1 
ATOM   816  C CG2 . VAL A 1 105 ? 16.384  3.994   -4.528  1.00 21.18 ? 105 VAL A CG2 1 
ATOM   817  N N   . ILE A 1 106 ? 13.351  7.464   -5.085  1.00 18.30 ? 106 ILE A N   1 
ATOM   818  C CA  . ILE A 1 106 ? 12.795  8.785   -5.363  1.00 21.42 ? 106 ILE A CA  1 
ATOM   819  C C   . ILE A 1 106 ? 12.740  9.584   -4.113  1.00 19.07 ? 106 ILE A C   1 
ATOM   820  O O   . ILE A 1 106 ? 12.214  9.164   -3.091  1.00 15.87 ? 106 ILE A O   1 
ATOM   821  C CB  . ILE A 1 106 ? 11.383  8.692   -5.942  1.00 18.28 ? 106 ILE A CB  1 
ATOM   822  C CG1 . ILE A 1 106 ? 11.437  8.071   -7.338  1.00 23.57 ? 106 ILE A CG1 1 
ATOM   823  C CG2 . ILE A 1 106 ? 10.765  10.083  -6.007  1.00 21.69 ? 106 ILE A CG2 1 
ATOM   824  C CD1 . ILE A 1 106 ? 10.136  7.487   -7.780  1.00 24.32 ? 106 ILE A CD1 1 
ATOM   825  N N   . ASN A 1 107 ? 13.279  10.785  -4.184  1.00 19.82 ? 107 ASN A N   1 
ATOM   826  C CA  . ASN A 1 107 ? 13.315  11.622  -3.024  1.00 21.82 ? 107 ASN A CA  1 
ATOM   827  C C   . ASN A 1 107 ? 13.042  13.004  -3.552  1.00 27.68 ? 107 ASN A C   1 
ATOM   828  O O   . ASN A 1 107 ? 13.953  13.709  -3.986  1.00 26.23 ? 107 ASN A O   1 
ATOM   829  C CB  . ASN A 1 107 ? 14.688  11.554  -2.344  1.00 27.04 ? 107 ASN A CB  1 
ATOM   830  C CG  . ASN A 1 107 ? 14.977  10.192  -1.737  1.00 26.33 ? 107 ASN A CG  1 
ATOM   831  O OD1 . ASN A 1 107 ? 15.854  9.462   -2.214  1.00 39.56 ? 107 ASN A OD1 1 
ATOM   832  N ND2 . ASN A 1 107 ? 14.283  9.868   -0.647  1.00 29.47 ? 107 ASN A ND2 1 
ATOM   833  N N   . THR A 1 108 ? 11.772  13.360  -3.580  1.00 21.86 ? 108 THR A N   1 
ATOM   834  C CA  . THR A 1 108 ? 11.404  14.700  -4.024  1.00 29.14 ? 108 THR A CA  1 
ATOM   835  C C   . THR A 1 108 ? 10.467  15.314  -3.027  1.00 22.10 ? 108 THR A C   1 
ATOM   836  O O   . THR A 1 108 ? 10.140  14.730  -1.981  1.00 24.38 ? 108 THR A O   1 
ATOM   837  C CB  . THR A 1 108 ? 10.713  14.702  -5.427  1.00 29.63 ? 108 THR A CB  1 
ATOM   838  O OG1 . THR A 1 108 ? 9.401   14.136  -5.317  1.00 28.22 ? 108 THR A OG1 1 
ATOM   839  C CG2 . THR A 1 108 ? 11.519  13.929  -6.429  1.00 30.30 ? 108 THR A CG2 1 
ATOM   840  N N   . GLU A 1 109 ? 10.010  16.524  -3.341  1.00 26.02 ? 109 GLU A N   1 
ATOM   841  C CA  . GLU A 1 109 ? 9.081   17.211  -2.448  1.00 30.08 ? 109 GLU A CA  1 
ATOM   842  C C   . GLU A 1 109 ? 7.752   16.445  -2.280  1.00 22.65 ? 109 GLU A C   1 
ATOM   843  O O   . GLU A 1 109 ? 7.178   16.400  -1.181  1.00 27.53 ? 109 GLU A O   1 
ATOM   844  C CB  . GLU A 1 109 ? 8.824   18.619  -3.001  1.00 35.11 ? 109 GLU A CB  1 
ATOM   845  C CG  . GLU A 1 109 ? 10.059  19.516  -2.974  1.00 34.99 ? 109 GLU A CG  1 
ATOM   846  C CD  . GLU A 1 109 ? 10.783  19.616  -4.313  1.00 49.52 ? 109 GLU A CD  1 
ATOM   847  O OE1 . GLU A 1 109 ? 10.585  18.739  -5.189  1.00 56.57 ? 109 GLU A OE1 1 
ATOM   848  O OE2 . GLU A 1 109 ? 11.557  20.587  -4.489  1.00 45.71 ? 109 GLU A OE2 1 
ATOM   849  N N   . ARG A 1 110 ? 7.275   15.842  -3.369  1.00 25.65 ? 110 ARG A N   1 
ATOM   850  C CA  . ARG A 1 110 ? 5.971   15.181  -3.375  1.00 26.51 ? 110 ARG A CA  1 
ATOM   851  C C   . ARG A 1 110 ? 6.060   13.712  -2.992  1.00 30.52 ? 110 ARG A C   1 
ATOM   852  O O   . ARG A 1 110 ? 5.139   13.163  -2.398  1.00 33.54 ? 110 ARG A O   1 
ATOM   853  C CB  . ARG A 1 110 ? 5.352   15.224  -4.773  1.00 33.91 ? 110 ARG A CB  1 
ATOM   854  C CG  . ARG A 1 110 ? 4.970   16.595  -5.279  1.00 43.15 ? 110 ARG A CG  1 
ATOM   855  C CD  . ARG A 1 110 ? 4.333   16.454  -6.636  1.00 30.44 ? 110 ARG A CD  1 
ATOM   856  N NE  . ARG A 1 110 ? 3.009   15.864  -6.509  1.00 24.49 ? 110 ARG A NE  1 
ATOM   857  C CZ  . ARG A 1 110 ? 2.336   15.326  -7.527  1.00 21.96 ? 110 ARG A CZ  1 
ATOM   858  N NH1 . ARG A 1 110 ? 2.859   15.288  -8.748  1.00 23.52 ? 110 ARG A NH1 1 
ATOM   859  N NH2 . ARG A 1 110 ? 1.142   14.827  -7.317  1.00 25.98 ? 110 ARG A NH2 1 
ATOM   860  N N   . LEU A 1 111 ? 7.185   13.097  -3.341  1.00 25.03 ? 111 LEU A N   1 
ATOM   861  C CA  . LEU A 1 111 ? 7.274   11.638  -3.404  1.00 30.50 ? 111 LEU A CA  1 
ATOM   862  C C   . LEU A 1 111 ? 8.576   11.091  -2.830  1.00 20.46 ? 111 LEU A C   1 
ATOM   863  O O   . LEU A 1 111 ? 9.661   11.430  -3.286  1.00 24.81 ? 111 LEU A O   1 
ATOM   864  C CB  . LEU A 1 111 ? 7.130   11.200  -4.874  1.00 31.96 ? 111 LEU A CB  1 
ATOM   865  C CG  . LEU A 1 111 ? 6.891   9.717   -5.149  1.00 26.63 ? 111 LEU A CG  1 
ATOM   866  C CD1 . LEU A 1 111 ? 5.807   9.182   -4.267  1.00 22.99 ? 111 LEU A CD1 1 
ATOM   867  C CD2 . LEU A 1 111 ? 6.542   9.475   -6.597  1.00 30.30 ? 111 LEU A CD2 1 
ATOM   868  N N   . THR A 1 112 ? 8.459   10.216  -1.841  1.00 19.37 ? 112 THR A N   1 
ATOM   869  C CA  . THR A 1 112 ? 9.584   9.442   -1.357  1.00 14.42 ? 112 THR A CA  1 
ATOM   870  C C   . THR A 1 112 ? 9.332   7.919   -1.537  1.00 15.38 ? 112 THR A C   1 
ATOM   871  O O   . THR A 1 112 ? 8.396   7.379   -0.963  1.00 19.92 ? 112 THR A O   1 
ATOM   872  C CB  . THR A 1 112 ? 9.822   9.725   0.119   1.00 27.51 ? 112 THR A CB  1 
ATOM   873  O OG1 . THR A 1 112 ? 10.180  11.107  0.278   1.00 36.52 ? 112 THR A OG1 1 
ATOM   874  C CG2 . THR A 1 112 ? 10.949  8.859   0.665   1.00 21.72 ? 112 THR A CG2 1 
ATOM   875  N N   . VAL A 1 113 ? 10.194  7.276   -2.306  1.00 16.97 ? 113 VAL A N   1 
ATOM   876  C CA  . VAL A 1 113 ? 10.061  5.834   -2.592  1.00 17.22 ? 113 VAL A CA  1 
ATOM   877  C C   . VAL A 1 113 ? 11.441  5.235   -2.520  1.00 16.73 ? 113 VAL A C   1 
ATOM   878  O O   . VAL A 1 113 ? 12.378  5.838   -3.033  1.00 17.02 ? 113 VAL A O   1 
ATOM   879  C CB  . VAL A 1 113 ? 9.476   5.612   -4.013  1.00 20.27 ? 113 VAL A CB  1 
ATOM   880  C CG1 . VAL A 1 113 ? 9.443   4.127   -4.382  1.00 18.24 ? 113 VAL A CG1 1 
ATOM   881  C CG2 . VAL A 1 113 ? 8.072   6.211   -4.116  1.00 28.03 ? 113 VAL A CG2 1 
ATOM   882  N N   . PRO A 1 114 ? 11.594  4.051   -1.875  1.00 17.08 ? 114 PRO A N   1 
ATOM   883  C CA  . PRO A 1 114 ? 10.592  3.345   -1.071  1.00 19.89 ? 114 PRO A CA  1 
ATOM   884  C C   . PRO A 1 114 ? 9.884   4.232   -0.062  1.00 27.81 ? 114 PRO A C   1 
ATOM   885  O O   . PRO A 1 114 ? 10.424  5.259   0.365   1.00 21.92 ? 114 PRO A O   1 
ATOM   886  C CB  . PRO A 1 114 ? 11.433  2.276   -0.334  1.00 18.53 ? 114 PRO A CB  1 
ATOM   887  C CG  . PRO A 1 114 ? 12.515  2.004   -1.201  1.00 12.67 ? 114 PRO A CG  1 
ATOM   888  C CD  . PRO A 1 114 ? 12.849  3.285   -1.946  1.00 21.04 ? 114 PRO A CD  1 
ATOM   889  N N   . HIS A 1 115 ? 8.668   3.843   0.302   1.00 12.43 ? 115 HIS A N   1 
ATOM   890  C CA  . HIS A 1 115 ? 7.853   4.618   1.207   1.00 18.25 ? 115 HIS A CA  1 
ATOM   891  C C   . HIS A 1 115 ? 8.646   4.849   2.486   1.00 28.39 ? 115 HIS A C   1 
ATOM   892  O O   . HIS A 1 115 ? 9.271   3.931   2.989   1.00 16.40 ? 115 HIS A O   1 
ATOM   893  C CB  . HIS A 1 115 ? 6.569   3.855   1.465   1.00 15.21 ? 115 HIS A CB  1 
ATOM   894  C CG  . HIS A 1 115 ? 5.629   4.528   2.400   1.00 16.55 ? 115 HIS A CG  1 
ATOM   895  N ND1 . HIS A 1 115 ? 5.731   4.421   3.764   1.00 14.79 ? 115 HIS A ND1 1 
ATOM   896  C CD2 . HIS A 1 115 ? 4.543   5.304   2.163   1.00 15.60 ? 115 HIS A CD2 1 
ATOM   897  C CE1 . HIS A 1 115 ? 4.757   5.104   4.334   1.00 17.23 ? 115 HIS A CE1 1 
ATOM   898  N NE2 . HIS A 1 115 ? 4.012   5.635   3.380   1.00 15.67 ? 115 HIS A NE2 1 
ATOM   899  N N   . TYR A 1 116 ? 8.642   6.081   2.997   1.00 26.88 ? 116 TYR A N   1 
ATOM   900  C CA  . TYR A 1 116 ? 9.556   6.469   4.083   1.00 33.90 ? 116 TYR A CA  1 
ATOM   901  C C   . TYR A 1 116 ? 9.409   5.636   5.374   1.00 33.09 ? 116 TYR A C   1 
ATOM   902  O O   . TYR A 1 116 ? 10.383  5.469   6.121   1.00 36.71 ? 116 TYR A O   1 
ATOM   903  C CB  . TYR A 1 116 ? 9.409   7.974   4.407   1.00 34.66 ? 116 TYR A CB  1 
ATOM   904  C CG  . TYR A 1 116 ? 8.268   8.280   5.333   1.00 27.07 ? 116 TYR A CG  1 
ATOM   905  C CD1 . TYR A 1 116 ? 6.950   8.222   4.880   1.00 35.95 ? 116 TYR A CD1 1 
ATOM   906  C CD2 . TYR A 1 116 ? 8.496   8.605   6.671   1.00 38.94 ? 116 TYR A CD2 1 
ATOM   907  C CE1 . TYR A 1 116 ? 5.888   8.473   5.719   1.00 43.20 ? 116 TYR A CE1 1 
ATOM   908  C CE2 . TYR A 1 116 ? 7.426   8.875   7.533   1.00 46.41 ? 116 TYR A CE2 1 
ATOM   909  C CZ  . TYR A 1 116 ? 6.122   8.801   7.046   1.00 61.95 ? 116 TYR A CZ  1 
ATOM   910  O OH  . TYR A 1 116 ? 5.040   9.055   7.870   1.00 48.72 ? 116 TYR A OH  1 
ATOM   911  N N   . ASP A 1 117 ? 8.217   5.105   5.649   1.00 20.34 ? 117 ASP A N   1 
ATOM   912  C CA  . ASP A 1 117 ? 8.012   4.444   6.926   1.00 15.28 ? 117 ASP A CA  1 
ATOM   913  C C   . ASP A 1 117 ? 7.490   2.996   6.897   1.00 14.06 ? 117 ASP A C   1 
ATOM   914  O O   . ASP A 1 117 ? 7.134   2.445   7.946   1.00 14.32 ? 117 ASP A O   1 
ATOM   915  C CB  . ASP A 1 117 ? 7.096   5.254   7.834   1.00 26.44 ? 117 ASP A CB  1 
ATOM   916  C CG  . ASP A 1 117 ? 7.302   4.915   9.308   1.00 21.41 ? 117 ASP A CG  1 
ATOM   917  O OD1 . ASP A 1 117 ? 8.497   4.790   9.730   1.00 25.98 ? 117 ASP A OD1 1 
ATOM   918  O OD2 . ASP A 1 117 ? 6.289   4.742   10.041  1.00 25.32 ? 117 ASP A OD2 1 
ATOM   919  N N   . MET A 1 118 ? 7.440   2.392   5.728   1.00 16.06 ? 118 MET A N   1 
ATOM   920  C CA  . MET A 1 118 ? 6.876   1.049   5.640   1.00 15.11 ? 118 MET A CA  1 
ATOM   921  C C   . MET A 1 118 ? 7.725   0.045   6.438   1.00 18.13 ? 118 MET A C   1 
ATOM   922  O O   . MET A 1 118 ? 7.176   -0.901  6.988   1.00 12.59 ? 118 MET A O   1 
ATOM   923  C CB  . MET A 1 118 ? 6.725   0.607   4.187   1.00 13.47 ? 118 MET A CB  1 
ATOM   924  C CG  . MET A 1 118 ? 7.984   0.528   3.392   1.00 9.41  ? 118 MET A CG  1 
ATOM   925  S SD  . MET A 1 118 ? 7.949   0.138   1.651   1.00 19.06 ? 118 MET A SD  1 
ATOM   926  C CE  . MET A 1 118 ? 7.463   -1.602  1.718   1.00 18.95 ? 118 MET A CE  1 
ATOM   927  N N   . LYS A 1 119 ? 9.035   0.280   6.554   1.00 17.26 ? 119 LYS A N   1 
ATOM   928  C CA  A LYS A 1 119 ? 9.892   -0.663  7.263   0.50 18.31 ? 119 LYS A CA  1 
ATOM   929  C CA  B LYS A 1 119 ? 9.906   -0.650  7.273   0.50 18.28 ? 119 LYS A CA  1 
ATOM   930  C C   . LYS A 1 119 ? 9.440   -0.796  8.694   1.00 14.61 ? 119 LYS A C   1 
ATOM   931  O O   . LYS A 1 119 ? 9.809   -1.764  9.391   1.00 23.21 ? 119 LYS A O   1 
ATOM   932  C CB  A LYS A 1 119 ? 11.360  -0.289  7.126   0.50 18.88 ? 119 LYS A CB  1 
ATOM   933  C CB  B LYS A 1 119 ? 11.360  -0.168  7.271   0.50 18.54 ? 119 LYS A CB  1 
ATOM   934  C CG  A LYS A 1 119 ? 11.853  -0.677  5.732   0.50 30.74 ? 119 LYS A CG  1 
ATOM   935  C CG  B LYS A 1 119 ? 11.725  0.751   8.442   0.50 17.67 ? 119 LYS A CG  1 
ATOM   936  C CD  A LYS A 1 119 ? 13.280  -0.290  5.450   0.50 51.98 ? 119 LYS A CD  1 
ATOM   937  C CD  B LYS A 1 119 ? 13.007  1.524   8.173   0.50 39.34 ? 119 LYS A CD  1 
ATOM   938  C CE  A LYS A 1 119 ? 13.541  -0.356  3.957   0.50 37.20 ? 119 LYS A CE  1 
ATOM   939  C CE  B LYS A 1 119 ? 14.237  0.760   8.651   0.50 33.00 ? 119 LYS A CE  1 
ATOM   940  N NZ  A LYS A 1 119 ? 12.857  0.752   3.242   0.50 32.49 ? 119 LYS A NZ  1 
ATOM   941  N NZ  B LYS A 1 119 ? 15.419  0.998   7.797   0.50 19.89 ? 119 LYS A NZ  1 
ATOM   942  N N   . ASN A 1 120 ? 8.647   0.169   9.154   1.00 12.84 ? 120 ASN A N   1 
ATOM   943  C CA  . ASN A 1 120 ? 8.134   0.112   10.527  1.00 5.18  ? 120 ASN A CA  1 
ATOM   944  C C   . ASN A 1 120 ? 6.704   -0.376  10.695  1.00 18.10 ? 120 ASN A C   1 
ATOM   945  O O   . ASN A 1 120 ? 6.206   -0.457  11.834  1.00 10.96 ? 120 ASN A O   1 
ATOM   946  C CB  . ASN A 1 120 ? 8.231   1.481   11.210  1.00 14.99 ? 120 ASN A CB  1 
ATOM   947  C CG  . ASN A 1 120 ? 9.654   1.845   11.633  1.00 19.08 ? 120 ASN A CG  1 
ATOM   948  O OD1 . ASN A 1 120 ? 10.319  1.086   12.323  1.00 16.69 ? 120 ASN A OD1 1 
ATOM   949  N ND2 . ASN A 1 120 ? 10.103  3.027   11.249  1.00 14.14 ? 120 ASN A ND2 1 
ATOM   950  N N   . ARG A 1 121 ? 6.035   -0.711  9.585   1.00 20.94 ? 121 ARG A N   1 
ATOM   951  C CA  . ARG A 1 121 ? 4.580   -0.936  9.607   1.00 15.23 ? 121 ARG A CA  1 
ATOM   952  C C   . ARG A 1 121 ? 4.194   -2.344  9.162   1.00 14.11 ? 121 ARG A C   1 
ATOM   953  O O   . ARG A 1 121 ? 4.273   -2.662  7.967   1.00 17.04 ? 121 ARG A O   1 
ATOM   954  C CB  . ARG A 1 121 ? 3.902   0.107   8.707   1.00 14.65 ? 121 ARG A CB  1 
ATOM   955  C CG  . ARG A 1 121 ? 4.104   1.516   9.236   1.00 17.90 ? 121 ARG A CG  1 
ATOM   956  C CD  . ARG A 1 121 ? 3.729   2.558   8.194   1.00 27.64 ? 121 ARG A CD  1 
ATOM   957  N NE  . ARG A 1 121 ? 4.077   3.909   8.648   1.00 34.21 ? 121 ARG A NE  1 
ATOM   958  C CZ  . ARG A 1 121 ? 3.237   4.940   8.766   1.00 56.82 ? 121 ARG A CZ  1 
ATOM   959  N NH1 . ARG A 1 121 ? 1.944   4.839   8.457   1.00 32.53 ? 121 ARG A NH1 1 
ATOM   960  N NH2 . ARG A 1 121 ? 3.705   6.104   9.196   1.00 52.29 ? 121 ARG A NH2 1 
ATOM   961  N N   . GLY A 1 122 ? 3.880   -3.206  10.128  1.00 15.92 ? 122 GLY A N   1 
ATOM   962  C CA  . GLY A 1 122 ? 3.604   -4.604  9.823   1.00 14.78 ? 122 GLY A CA  1 
ATOM   963  C C   . GLY A 1 122 ? 2.366   -4.708  8.952   1.00 18.42 ? 122 GLY A C   1 
ATOM   964  O O   . GLY A 1 122 ? 2.245   -5.641  8.148   1.00 15.73 ? 122 GLY A O   1 
ATOM   965  N N   . PHE A 1 123 ? 1.472   -3.728  9.063   1.00 18.06 ? 123 PHE A N   1 
ATOM   966  C CA  . PHE A 1 123 ? 0.212   -3.737  8.264   1.00 15.61 ? 123 PHE A CA  1 
ATOM   967  C C   . PHE A 1 123 ? 0.482   -3.372  6.833   1.00 15.07 ? 123 PHE A C   1 
ATOM   968  O O   . PHE A 1 123 ? -0.352  -3.625  5.942   1.00 17.04 ? 123 PHE A O   1 
ATOM   969  C CB  . PHE A 1 123 ? -0.891  -2.882  8.896   1.00 19.11 ? 123 PHE A CB  1 
ATOM   970  C CG  . PHE A 1 123 ? -0.501  -1.443  9.151   1.00 21.24 ? 123 PHE A CG  1 
ATOM   971  C CD1 . PHE A 1 123 ? -0.391  -0.541  8.096   1.00 20.46 ? 123 PHE A CD1 1 
ATOM   972  C CD2 . PHE A 1 123 ? -0.281  -0.993  10.441  1.00 21.27 ? 123 PHE A CD2 1 
ATOM   973  C CE1 . PHE A 1 123 ? -0.055  0.799   8.325   1.00 25.13 ? 123 PHE A CE1 1 
ATOM   974  C CE2 . PHE A 1 123 ? 0.062   0.363   10.676  1.00 23.44 ? 123 PHE A CE2 1 
ATOM   975  C CZ  . PHE A 1 123 ? 0.179   1.237   9.606   1.00 25.20 ? 123 PHE A CZ  1 
ATOM   976  N N   . MET A 1 124 ? 1.682   -2.834  6.579   1.00 12.40 ? 124 MET A N   1 
ATOM   977  C CA  . MET A 1 124 ? 2.183   -2.674  5.228   1.00 12.66 ? 124 MET A CA  1 
ATOM   978  C C   . MET A 1 124 ? 3.032   -3.812  4.733   1.00 15.66 ? 124 MET A C   1 
ATOM   979  O O   . MET A 1 124 ? 2.931   -4.238  3.568   1.00 17.01 ? 124 MET A O   1 
ATOM   980  C CB  . MET A 1 124 ? 2.964   -1.355  5.092   1.00 16.50 ? 124 MET A CB  1 
ATOM   981  C CG  . MET A 1 124 ? 2.078   -0.130  5.170   1.00 18.99 ? 124 MET A CG  1 
ATOM   982  S SD  . MET A 1 124 ? 3.032   1.440   5.238   1.00 17.34 ? 124 MET A SD  1 
ATOM   983  C CE  . MET A 1 124 ? 3.535   1.541   3.616   1.00 9.34  ? 124 MET A CE  1 
ATOM   984  N N   . LEU A 1 125 ? 3.915   -4.301  5.597   1.00 12.96 ? 125 LEU A N   1 
ATOM   985  C CA  . LEU A 1 125 ? 4.858   -5.332  5.201   1.00 10.98 ? 125 LEU A CA  1 
ATOM   986  C C   . LEU A 1 125 ? 4.281   -6.730  4.989   1.00 7.01  ? 125 LEU A C   1 
ATOM   987  O O   . LEU A 1 125 ? 4.688   -7.446  4.078   1.00 11.46 ? 125 LEU A O   1 
ATOM   988  C CB  . LEU A 1 125 ? 5.942   -5.442  6.272   1.00 14.52 ? 125 LEU A CB  1 
ATOM   989  C CG  . LEU A 1 125 ? 6.725   -4.153  6.469   1.00 14.95 ? 125 LEU A CG  1 
ATOM   990  C CD1 . LEU A 1 125 ? 7.647   -4.407  7.635   1.00 19.06 ? 125 LEU A CD1 1 
ATOM   991  C CD2 . LEU A 1 125 ? 7.481   -3.806  5.192   1.00 14.26 ? 125 LEU A CD2 1 
ATOM   992  N N   . TRP A 1 126 ? 3.370   -7.127  5.846   1.00 10.72 ? 126 TRP A N   1 
ATOM   993  C CA  . TRP A 1 126 ? 2.857   -8.492  5.755   1.00 11.34 ? 126 TRP A CA  1 
ATOM   994  C C   . TRP A 1 126 ? 2.045   -8.687  4.478   1.00 23.27 ? 126 TRP A C   1 
ATOM   995  O O   . TRP A 1 126 ? 2.290   -9.633  3.746   1.00 12.72 ? 126 TRP A O   1 
ATOM   996  C CB  . TRP A 1 126 ? 2.084   -8.833  7.009   1.00 11.21 ? 126 TRP A CB  1 
ATOM   997  C CG  . TRP A 1 126 ? 2.934   -9.453  8.073   1.00 19.04 ? 126 TRP A CG  1 
ATOM   998  C CD1 . TRP A 1 126 ? 3.158   -8.962  9.323   1.00 21.02 ? 126 TRP A CD1 1 
ATOM   999  C CD2 . TRP A 1 126 ? 3.652   -10.703 7.996   1.00 17.43 ? 126 TRP A CD2 1 
ATOM   1000 N NE1 . TRP A 1 126 ? 3.996   -9.807  10.023  1.00 19.31 ? 126 TRP A NE1 1 
ATOM   1001 C CE2 . TRP A 1 126 ? 4.308   -10.884 9.236   1.00 19.45 ? 126 TRP A CE2 1 
ATOM   1002 C CE3 . TRP A 1 126 ? 3.816   -11.672 6.999   1.00 20.64 ? 126 TRP A CE3 1 
ATOM   1003 C CZ2 . TRP A 1 126 ? 5.101   -12.007 9.509   1.00 25.46 ? 126 TRP A CZ2 1 
ATOM   1004 C CZ3 . TRP A 1 126 ? 4.607   -12.794 7.269   1.00 26.77 ? 126 TRP A CZ3 1 
ATOM   1005 C CH2 . TRP A 1 126 ? 5.235   -12.946 8.512   1.00 23.62 ? 126 TRP A CH2 1 
ATOM   1006 N N   . PRO A 1 127 ? 1.147   -7.742  4.140   1.00 16.49 ? 127 PRO A N   1 
ATOM   1007 C CA  . PRO A 1 127 ? 0.397   -7.988  2.894   1.00 13.85 ? 127 PRO A CA  1 
ATOM   1008 C C   . PRO A 1 127 ? 1.295   -7.992  1.710   1.00 9.77  ? 127 PRO A C   1 
ATOM   1009 O O   . PRO A 1 127 ? 1.128   -8.788  0.810   1.00 11.95 ? 127 PRO A O   1 
ATOM   1010 C CB  . PRO A 1 127 ? -0.559  -6.783  2.833   1.00 11.07 ? 127 PRO A CB  1 
ATOM   1011 C CG  . PRO A 1 127 ? -0.868  -6.529  4.284   1.00 12.75 ? 127 PRO A CG  1 
ATOM   1012 C CD  . PRO A 1 127 ? 0.470   -6.748  4.992   1.00 15.84 ? 127 PRO A CD  1 
ATOM   1013 N N   . LEU A 1 128 ? 2.289   -7.117  1.698   1.00 9.90  ? 128 LEU A N   1 
ATOM   1014 C CA  . LEU A 1 128 ? 3.258   -7.126  0.645   1.00 8.46  ? 128 LEU A CA  1 
ATOM   1015 C C   . LEU A 1 128 ? 4.015   -8.454  0.546   1.00 13.47 ? 128 LEU A C   1 
ATOM   1016 O O   . LEU A 1 128 ? 4.332   -8.896  -0.557  1.00 11.96 ? 128 LEU A O   1 
ATOM   1017 C CB  . LEU A 1 128 ? 4.239   -5.960  0.801   1.00 9.48  ? 128 LEU A CB  1 
ATOM   1018 C CG  . LEU A 1 128 ? 5.269   -5.803  -0.304  1.00 9.13  ? 128 LEU A CG  1 
ATOM   1019 C CD1 . LEU A 1 128 ? 4.725   -5.498  -1.664  1.00 13.80 ? 128 LEU A CD1 1 
ATOM   1020 C CD2 . LEU A 1 128 ? 6.298   -4.729  0.091   1.00 13.38 ? 128 LEU A CD2 1 
ATOM   1021 N N   . PHE A 1 129 ? 4.349   -9.040  1.686   1.00 12.08 ? 129 PHE A N   1 
ATOM   1022 C CA  . PHE A 1 129 ? 5.170   -10.288 1.709   1.00 7.03  ? 129 PHE A CA  1 
ATOM   1023 C C   . PHE A 1 129 ? 4.286   -11.430 1.164   1.00 8.82  ? 129 PHE A C   1 
ATOM   1024 O O   . PHE A 1 129 ? 4.766   -12.403 0.591   1.00 13.50 ? 129 PHE A O   1 
ATOM   1025 C CB  . PHE A 1 129 ? 5.557   -10.575 3.145   1.00 14.07 ? 129 PHE A CB  1 
ATOM   1026 C CG  . PHE A 1 129 ? 6.325   -11.868 3.322   1.00 13.13 ? 129 PHE A CG  1 
ATOM   1027 C CD1 . PHE A 1 129 ? 7.602   -11.995 2.812   1.00 13.82 ? 129 PHE A CD1 1 
ATOM   1028 C CD2 . PHE A 1 129 ? 5.763   -12.920 4.019   1.00 21.50 ? 129 PHE A CD2 1 
ATOM   1029 C CE1 . PHE A 1 129 ? 8.317   -13.158 2.987   1.00 16.48 ? 129 PHE A CE1 1 
ATOM   1030 C CE2 . PHE A 1 129 ? 6.472   -14.099 4.190   1.00 19.28 ? 129 PHE A CE2 1 
ATOM   1031 C CZ  . PHE A 1 129 ? 7.750   -14.203 3.673   1.00 13.17 ? 129 PHE A CZ  1 
ATOM   1032 N N   . GLU A 1 130 ? 2.983   -11.325 1.376   1.00 12.76 ? 130 GLU A N   1 
ATOM   1033 C CA  . GLU A 1 130 ? 2.066   -12.291 0.733   1.00 12.58 ? 130 GLU A CA  1 
ATOM   1034 C C   . GLU A 1 130 ? 2.208   -12.333 -0.799  1.00 19.40 ? 130 GLU A C   1 
ATOM   1035 O O   . GLU A 1 130 ? 2.282   -13.407 -1.411  1.00 19.52 ? 130 GLU A O   1 
ATOM   1036 C CB  . GLU A 1 130 ? 0.630   -12.038 1.169   1.00 15.09 ? 130 GLU A CB  1 
ATOM   1037 C CG  . GLU A 1 130 ? -0.339  -13.086 0.582   1.00 23.41 ? 130 GLU A CG  1 
ATOM   1038 C CD  . GLU A 1 130 ? -1.770  -12.852 0.971   1.00 34.69 ? 130 GLU A CD  1 
ATOM   1039 O OE1 . GLU A 1 130 ? -2.159  -11.686 1.120   1.00 18.33 ? 130 GLU A OE1 1 
ATOM   1040 O OE2 . GLU A 1 130 ? -2.517  -13.831 1.131   1.00 38.25 ? 130 GLU A OE2 1 
ATOM   1041 N N   . ILE A 1 131 ? 2.270   -11.172 -1.439  1.00 11.23 ? 131 ILE A N   1 
ATOM   1042 C CA  . ILE A 1 131 ? 2.333   -11.122 -2.894  1.00 9.05  ? 131 ILE A CA  1 
ATOM   1043 C C   . ILE A 1 131 ? 3.679   -11.039 -3.506  1.00 12.81 ? 131 ILE A C   1 
ATOM   1044 O O   . ILE A 1 131 ? 3.806   -11.246 -4.706  1.00 11.15 ? 131 ILE A O   1 
ATOM   1045 C CB  . ILE A 1 131 ? 1.451   -9.977  -3.494  1.00 18.50 ? 131 ILE A CB  1 
ATOM   1046 C CG1 . ILE A 1 131 ? 1.916   -8.603  -2.998  1.00 14.65 ? 131 ILE A CG1 1 
ATOM   1047 C CG2 . ILE A 1 131 ? -0.013  -10.224 -3.133  1.00 12.71 ? 131 ILE A CG2 1 
ATOM   1048 C CD1 . ILE A 1 131 ? 0.981   -7.422  -3.514  1.00 18.46 ? 131 ILE A CD1 1 
ATOM   1049 N N   . ALA A 1 132 ? 4.709   -10.737 -2.700  1.00 13.49 ? 132 ALA A N   1 
ATOM   1050 C CA  . ALA A 1 132 ? 6.040   -10.521 -3.249  1.00 17.09 ? 132 ALA A CA  1 
ATOM   1051 C C   . ALA A 1 132 ? 7.069   -11.027 -2.227  1.00 17.87 ? 132 ALA A C   1 
ATOM   1052 O O   . ALA A 1 132 ? 7.851   -10.256 -1.672  1.00 12.74 ? 132 ALA A O   1 
ATOM   1053 C CB  . ALA A 1 132 ? 6.257   -9.022  -3.572  1.00 19.25 ? 132 ALA A CB  1 
ATOM   1054 N N   . PRO A 1 133 ? 7.043   -12.333 -1.939  1.00 17.77 ? 133 PRO A N   1 
ATOM   1055 C CA  . PRO A 1 133 ? 7.888   -12.807 -0.824  1.00 16.03 ? 133 PRO A CA  1 
ATOM   1056 C C   . PRO A 1 133 ? 9.389   -12.649 -1.072  1.00 13.53 ? 133 PRO A C   1 
ATOM   1057 O O   . PRO A 1 133 ? 10.199  -12.563 -0.139  1.00 16.20 ? 133 PRO A O   1 
ATOM   1058 C CB  . PRO A 1 133 ? 7.457   -14.300 -0.667  1.00 15.82 ? 133 PRO A CB  1 
ATOM   1059 C CG  . PRO A 1 133 ? 6.898   -14.678 -1.997  1.00 20.84 ? 133 PRO A CG  1 
ATOM   1060 C CD  . PRO A 1 133 ? 6.168   -13.409 -2.464  1.00 17.33 ? 133 PRO A CD  1 
ATOM   1061 N N   . GLU A 1 134 ? 9.773   -12.612 -2.326  1.00 11.84 ? 134 GLU A N   1 
ATOM   1062 C CA  . GLU A 1 134 ? 11.168  -12.527 -2.690  1.00 14.35 ? 134 GLU A CA  1 
ATOM   1063 C C   . GLU A 1 134 ? 11.657  -11.104 -2.900  1.00 14.39 ? 134 GLU A C   1 
ATOM   1064 O O   . GLU A 1 134 ? 12.758  -10.908 -3.383  1.00 16.46 ? 134 GLU A O   1 
ATOM   1065 C CB  . GLU A 1 134 ? 11.360  -13.265 -4.001  1.00 27.41 ? 134 GLU A CB  1 
ATOM   1066 C CG  . GLU A 1 134 ? 10.809  -14.683 -3.973  1.00 35.52 ? 134 GLU A CG  1 
ATOM   1067 C CD  . GLU A 1 134 ? 11.563  -15.538 -2.986  1.00 47.50 ? 134 GLU A CD  1 
ATOM   1068 O OE1 . GLU A 1 134 ? 12.808  -15.407 -2.961  1.00 42.71 ? 134 GLU A OE1 1 
ATOM   1069 O OE2 . GLU A 1 134 ? 10.927  -16.304 -2.221  1.00 48.71 ? 134 GLU A OE2 1 
ATOM   1070 N N   . LEU A 1 135 ? 10.805  -10.126 -2.598  1.00 15.19 ? 135 LEU A N   1 
ATOM   1071 C CA  . LEU A 1 135 ? 11.071  -8.721  -2.944  1.00 12.61 ? 135 LEU A CA  1 
ATOM   1072 C C   . LEU A 1 135 ? 12.404  -8.251  -2.339  1.00 11.02 ? 135 LEU A C   1 
ATOM   1073 O O   . LEU A 1 135 ? 12.657  -8.497  -1.169  1.00 13.64 ? 135 LEU A O   1 
ATOM   1074 C CB  . LEU A 1 135 ? 9.942   -7.858  -2.382  1.00 12.00 ? 135 LEU A CB  1 
ATOM   1075 C CG  . LEU A 1 135 ? 9.959   -6.407  -2.871  1.00 22.69 ? 135 LEU A CG  1 
ATOM   1076 C CD1 . LEU A 1 135 ? 8.560   -5.936  -3.285  1.00 27.35 ? 135 LEU A CD1 1 
ATOM   1077 C CD2 . LEU A 1 135 ? 10.465  -5.535  -1.777  1.00 19.32 ? 135 LEU A CD2 1 
ATOM   1078 N N   . VAL A 1 136 ? 13.239  -7.614  -3.161  1.00 12.01 ? 136 VAL A N   1 
ATOM   1079 C CA  . VAL A 1 136 ? 14.470  -6.940  -2.706  1.00 15.62 ? 136 VAL A CA  1 
ATOM   1080 C C   . VAL A 1 136 ? 14.253  -5.450  -2.980  1.00 19.23 ? 136 VAL A C   1 
ATOM   1081 O O   . VAL A 1 136 ? 13.814  -5.080  -4.083  1.00 16.53 ? 136 VAL A O   1 
ATOM   1082 C CB  . VAL A 1 136 ? 15.716  -7.418  -3.493  1.00 21.92 ? 136 VAL A CB  1 
ATOM   1083 C CG1 . VAL A 1 136 ? 16.971  -6.652  -3.087  1.00 28.59 ? 136 VAL A CG1 1 
ATOM   1084 C CG2 . VAL A 1 136 ? 15.946  -8.915  -3.268  1.00 23.49 ? 136 VAL A CG2 1 
ATOM   1085 N N   . PHE A 1 137 ? 14.531  -4.626  -1.972  1.00 18.56 ? 137 PHE A N   1 
ATOM   1086 C CA  . PHE A 1 137 ? 14.487  -3.164  -2.111  1.00 21.19 ? 137 PHE A CA  1 
ATOM   1087 C C   . PHE A 1 137 ? 15.678  -2.640  -2.919  1.00 17.01 ? 137 PHE A C   1 
ATOM   1088 O O   . PHE A 1 137 ? 16.681  -3.330  -3.090  1.00 18.69 ? 137 PHE A O   1 
ATOM   1089 C CB  . PHE A 1 137 ? 14.438  -2.496  -0.737  1.00 19.48 ? 137 PHE A CB  1 
ATOM   1090 C CG  . PHE A 1 137 ? 13.182  -2.798  0.045   1.00 14.89 ? 137 PHE A CG  1 
ATOM   1091 C CD1 . PHE A 1 137 ? 13.084  -3.922  0.828   1.00 18.93 ? 137 PHE A CD1 1 
ATOM   1092 C CD2 . PHE A 1 137 ? 12.089  -1.950  -0.014  1.00 26.16 ? 137 PHE A CD2 1 
ATOM   1093 C CE1 . PHE A 1 137 ? 11.929  -4.214  1.529   1.00 15.52 ? 137 PHE A CE1 1 
ATOM   1094 C CE2 . PHE A 1 137 ? 10.926  -2.238  0.686   1.00 23.68 ? 137 PHE A CE2 1 
ATOM   1095 C CZ  . PHE A 1 137 ? 10.848  -3.365  1.472   1.00 25.15 ? 137 PHE A CZ  1 
ATOM   1096 N N   . PRO A 1 138 ? 15.588  -1.386  -3.405  1.00 17.24 ? 138 PRO A N   1 
ATOM   1097 C CA  . PRO A 1 138 ? 16.628  -0.868  -4.301  1.00 13.91 ? 138 PRO A CA  1 
ATOM   1098 C C   . PRO A 1 138 ? 18.028  -0.836  -3.679  1.00 12.86 ? 138 PRO A C   1 
ATOM   1099 O O   . PRO A 1 138 ? 19.038  -0.867  -4.415  1.00 20.76 ? 138 PRO A O   1 
ATOM   1100 C CB  . PRO A 1 138 ? 16.145  0.558   -4.603  1.00 17.74 ? 138 PRO A CB  1 
ATOM   1101 C CG  . PRO A 1 138 ? 14.650  0.456   -4.480  1.00 19.66 ? 138 PRO A CG  1 
ATOM   1102 C CD  . PRO A 1 138 ? 14.369  -0.558  -3.422  1.00 22.85 ? 138 PRO A CD  1 
ATOM   1103 N N   . ASP A 1 139 ? 18.082  -0.777  -2.357  1.00 17.28 ? 139 ASP A N   1 
ATOM   1104 C CA  . ASP A 1 139 ? 19.372  -0.691  -1.667  1.00 27.23 ? 139 ASP A CA  1 
ATOM   1105 C C   . ASP A 1 139 ? 19.909  -2.073  -1.300  1.00 33.36 ? 139 ASP A C   1 
ATOM   1106 O O   . ASP A 1 139 ? 21.022  -2.194  -0.796  1.00 27.53 ? 139 ASP A O   1 
ATOM   1107 C CB  . ASP A 1 139 ? 19.259  0.179   -0.412  1.00 23.53 ? 139 ASP A CB  1 
ATOM   1108 C CG  . ASP A 1 139 ? 18.423  -0.452  0.667   1.00 31.17 ? 139 ASP A CG  1 
ATOM   1109 O OD1 . ASP A 1 139 ? 17.711  -1.445  0.382   1.00 31.26 ? 139 ASP A OD1 1 
ATOM   1110 O OD2 . ASP A 1 139 ? 18.465  0.034   1.817   1.00 24.91 ? 139 ASP A OD2 1 
ATOM   1111 N N   . GLY A 1 140 ? 19.123  -3.118  -1.567  1.00 21.85 ? 140 GLY A N   1 
ATOM   1112 C CA  . GLY A 1 140 ? 19.568  -4.501  -1.342  1.00 22.22 ? 140 GLY A CA  1 
ATOM   1113 C C   . GLY A 1 140 ? 18.994  -5.154  -0.101  1.00 19.73 ? 140 GLY A C   1 
ATOM   1114 O O   . GLY A 1 140 ? 19.213  -6.365  0.155   1.00 24.69 ? 140 GLY A O   1 
ATOM   1115 N N   . GLU A 1 141 ? 18.258  -4.387  0.692   1.00 17.99 ? 141 GLU A N   1 
ATOM   1116 C CA  . GLU A 1 141 ? 17.516  -4.974  1.787   1.00 13.91 ? 141 GLU A CA  1 
ATOM   1117 C C   . GLU A 1 141 ? 16.457  -5.930  1.244   1.00 13.34 ? 141 GLU A C   1 
ATOM   1118 O O   . GLU A 1 141 ? 16.022  -5.793  0.102   1.00 18.73 ? 141 GLU A O   1 
ATOM   1119 C CB  . GLU A 1 141 ? 16.882  -3.927  2.665   1.00 21.00 ? 141 GLU A CB  1 
ATOM   1120 C CG  . GLU A 1 141 ? 17.879  -2.943  3.268   1.00 24.26 ? 141 GLU A CG  1 
ATOM   1121 C CD  . GLU A 1 141 ? 17.175  -1.816  4.020   1.00 34.52 ? 141 GLU A CD  1 
ATOM   1122 O OE1 . GLU A 1 141 ? 16.498  -2.122  5.024   1.00 31.19 ? 141 GLU A OE1 1 
ATOM   1123 O OE2 . GLU A 1 141 ? 17.313  -0.636  3.608   1.00 27.42 ? 141 GLU A OE2 1 
ATOM   1124 N N   . MET A 1 142 ? 16.104  -6.927  2.066   1.00 21.78 ? 142 MET A N   1 
ATOM   1125 C CA  . MET A 1 142 ? 15.171  -7.980  1.666   1.00 15.03 ? 142 MET A CA  1 
ATOM   1126 C C   . MET A 1 142 ? 13.969  -7.872  2.523   1.00 14.72 ? 142 MET A C   1 
ATOM   1127 O O   . MET A 1 142 ? 14.066  -7.745  3.748   1.00 16.01 ? 142 MET A O   1 
ATOM   1128 C CB  . MET A 1 142 ? 15.831  -9.374  1.830   1.00 20.71 ? 142 MET A CB  1 
ATOM   1129 C CG  . MET A 1 142 ? 16.872  -9.671  0.773   1.00 25.02 ? 142 MET A CG  1 
ATOM   1130 S SD  . MET A 1 142 ? 18.063  -10.960 1.299   1.00 51.72 ? 142 MET A SD  1 
ATOM   1131 C CE  . MET A 1 142 ? 18.916  -10.151 2.670   1.00 54.22 ? 142 MET A CE  1 
ATOM   1132 N N   . LEU A 1 143 ? 12.796  -7.876  1.891   1.00 14.51 ? 143 LEU A N   1 
ATOM   1133 C CA  . LEU A 1 143 ? 11.574  -7.806  2.648   1.00 11.62 ? 143 LEU A CA  1 
ATOM   1134 C C   . LEU A 1 143 ? 11.495  -8.902  3.691   1.00 14.52 ? 143 LEU A C   1 
ATOM   1135 O O   . LEU A 1 143 ? 11.064  -8.684  4.839   1.00 9.59  ? 143 LEU A O   1 
ATOM   1136 C CB  . LEU A 1 143 ? 10.349  -7.885  1.701   1.00 20.34 ? 143 LEU A CB  1 
ATOM   1137 C CG  . LEU A 1 143 ? 8.964   -7.890  2.365   1.00 17.95 ? 143 LEU A CG  1 
ATOM   1138 C CD1 . LEU A 1 143 ? 8.709   -6.667  3.255   1.00 26.64 ? 143 LEU A CD1 1 
ATOM   1139 C CD2 . LEU A 1 143 ? 7.880   -8.044  1.283   1.00 13.80 ? 143 LEU A CD2 1 
ATOM   1140 N N   . ARG A 1 144 ? 11.850  -10.114 3.279   1.00 15.68 ? 144 ARG A N   1 
ATOM   1141 C CA  . ARG A 1 144 ? 11.847  -11.253 4.189   1.00 24.06 ? 144 ARG A CA  1 
ATOM   1142 C C   . ARG A 1 144 ? 12.732  -11.009 5.431   1.00 16.33 ? 144 ARG A C   1 
ATOM   1143 O O   . ARG A 1 144 ? 12.376  -11.354 6.556   1.00 15.05 ? 144 ARG A O   1 
ATOM   1144 C CB  . ARG A 1 144 ? 12.363  -12.446 3.395   1.00 23.69 ? 144 ARG A CB  1 
ATOM   1145 C CG  . ARG A 1 144 ? 12.466  -13.723 4.140   1.00 24.74 ? 144 ARG A CG  1 
ATOM   1146 C CD  . ARG A 1 144 ? 13.618  -14.505 3.561   1.00 33.44 ? 144 ARG A CD  1 
ATOM   1147 N NE  . ARG A 1 144 ? 14.871  -13.819 3.863   1.00 28.28 ? 144 ARG A NE  1 
ATOM   1148 C CZ  . ARG A 1 144 ? 15.709  -13.336 2.955   1.00 32.29 ? 144 ARG A CZ  1 
ATOM   1149 N NH1 . ARG A 1 144 ? 15.440  -13.451 1.657   1.00 36.42 ? 144 ARG A NH1 1 
ATOM   1150 N NH2 . ARG A 1 144 ? 16.831  -12.732 3.356   1.00 41.47 ? 144 ARG A NH2 1 
ATOM   1151 N N   . GLN A 1 145 ? 13.856  -10.361 5.196   1.00 15.37 ? 145 GLN A N   1 
ATOM   1152 C CA  . GLN A 1 145 ? 14.836  -10.057 6.260   1.00 21.12 ? 145 GLN A CA  1 
ATOM   1153 C C   . GLN A 1 145 ? 14.265  -9.050  7.226   1.00 15.73 ? 145 GLN A C   1 
ATOM   1154 O O   . GLN A 1 145 ? 14.400  -9.165  8.450   1.00 22.82 ? 145 GLN A O   1 
ATOM   1155 C CB  . GLN A 1 145 ? 16.119  -9.501  5.642   1.00 28.26 ? 145 GLN A CB  1 
ATOM   1156 C CG  . GLN A 1 145 ? 17.275  -9.372  6.649   1.00 40.52 ? 145 GLN A CG  1 
ATOM   1157 C CD  . GLN A 1 145 ? 18.009  -10.693 6.891   1.00 40.09 ? 145 GLN A CD  1 
ATOM   1158 O OE1 . GLN A 1 145 ? 17.551  -11.554 7.649   1.00 38.15 ? 145 GLN A OE1 1 
ATOM   1159 N NE2 . GLN A 1 145 ? 19.164  -10.842 6.253   1.00 42.28 ? 145 GLN A NE2 1 
ATOM   1160 N N   . ILE A 1 146 ? 13.563  -8.060  6.676   1.00 24.20 ? 146 ILE A N   1 
ATOM   1161 C CA  . ILE A 1 146 ? 12.974  -7.064  7.530   1.00 15.37 ? 146 ILE A CA  1 
ATOM   1162 C C   . ILE A 1 146 ? 11.977  -7.676  8.461   1.00 14.46 ? 146 ILE A C   1 
ATOM   1163 O O   . ILE A 1 146 ? 11.942  -7.347  9.618   1.00 11.58 ? 146 ILE A O   1 
ATOM   1164 C CB  . ILE A 1 146 ? 12.296  -5.913  6.738   1.00 17.20 ? 146 ILE A CB  1 
ATOM   1165 C CG1 . ILE A 1 146 ? 13.328  -5.084  6.010   1.00 22.04 ? 146 ILE A CG1 1 
ATOM   1166 C CG2 . ILE A 1 146 ? 11.522  -5.034  7.720   1.00 15.12 ? 146 ILE A CG2 1 
ATOM   1167 C CD1 . ILE A 1 146 ? 12.751  -4.162  4.963   1.00 27.43 ? 146 ILE A CD1 1 
ATOM   1168 N N   . LEU A 1 147 ? 11.119  -8.569  7.965   1.00 10.52 ? 147 LEU A N   1 
ATOM   1169 C CA  . LEU A 1 147 ? 10.139  -9.211  8.836   1.00 11.30 ? 147 LEU A CA  1 
ATOM   1170 C C   . LEU A 1 147 ? 10.801  -10.153 9.854   1.00 12.54 ? 147 LEU A C   1 
ATOM   1171 O O   . LEU A 1 147 ? 10.316  -10.310 10.963  1.00 12.99 ? 147 LEU A O   1 
ATOM   1172 C CB  . LEU A 1 147 ? 9.154   -10.026 7.989   1.00 13.60 ? 147 LEU A CB  1 
ATOM   1173 C CG  . LEU A 1 147 ? 8.138   -9.161  7.226   1.00 12.35 ? 147 LEU A CG  1 
ATOM   1174 C CD1 . LEU A 1 147 ? 7.416   -9.988  6.165   1.00 23.42 ? 147 LEU A CD1 1 
ATOM   1175 C CD2 . LEU A 1 147 ? 7.134   -8.588  8.141   1.00 12.39 ? 147 LEU A CD2 1 
ATOM   1176 N N   . HIS A 1 148 ? 11.897  -10.760 9.459   1.00 14.50 ? 148 HIS A N   1 
ATOM   1177 C CA  . HIS A 1 148 ? 12.583  -11.687 10.369  1.00 21.27 ? 148 HIS A CA  1 
ATOM   1178 C C   . HIS A 1 148 ? 13.222  -10.895 11.515  1.00 24.61 ? 148 HIS A C   1 
ATOM   1179 O O   . HIS A 1 148 ? 13.056  -11.207 12.701  1.00 27.28 ? 148 HIS A O   1 
ATOM   1180 C CB  . HIS A 1 148 ? 13.636  -12.502 9.627   1.00 25.00 ? 148 HIS A CB  1 
ATOM   1181 C CG  . HIS A 1 148 ? 13.553  -13.967 9.919   1.00 36.19 ? 148 HIS A CG  1 
ATOM   1182 N ND1 . HIS A 1 148 ? 14.508  -14.645 10.649  1.00 42.27 ? 148 HIS A ND1 1 
ATOM   1183 C CD2 . HIS A 1 148 ? 12.601  -14.877 9.608   1.00 43.12 ? 148 HIS A CD2 1 
ATOM   1184 C CE1 . HIS A 1 148 ? 14.154  -15.915 10.752  1.00 47.67 ? 148 HIS A CE1 1 
ATOM   1185 N NE2 . HIS A 1 148 ? 12.999  -16.081 10.130  1.00 42.57 ? 148 HIS A NE2 1 
ATOM   1186 N N   . THR A 1 149 ? 13.947  -9.864  11.132  1.00 21.80 ? 149 THR A N   1 
ATOM   1187 C CA  . THR A 1 149 ? 14.594  -8.957  12.083  1.00 23.57 ? 149 THR A CA  1 
ATOM   1188 C C   . THR A 1 149 ? 13.602  -8.371  13.088  1.00 29.31 ? 149 THR A C   1 
ATOM   1189 O O   . THR A 1 149 ? 13.874  -8.376  14.285  1.00 29.83 ? 149 THR A O   1 
ATOM   1190 C CB  . THR A 1 149 ? 15.342  -7.843  11.310  1.00 26.78 ? 149 THR A CB  1 
ATOM   1191 O OG1 . THR A 1 149 ? 16.393  -8.447  10.551  1.00 29.48 ? 149 THR A OG1 1 
ATOM   1192 C CG2 . THR A 1 149 ? 15.927  -6.757  12.237  1.00 23.66 ? 149 THR A CG2 1 
ATOM   1193 N N   . ARG A 1 150 ? 12.447  -7.869  12.627  1.00 17.46 ? 150 ARG A N   1 
ATOM   1194 C CA  . ARG A 1 150 ? 11.516  -7.178  13.531  1.00 12.46 ? 150 ARG A CA  1 
ATOM   1195 C C   . ARG A 1 150 ? 10.470  -8.042  14.219  1.00 23.34 ? 150 ARG A C   1 
ATOM   1196 O O   . ARG A 1 150 ? 9.903   -7.664  15.253  1.00 21.33 ? 150 ARG A O   1 
ATOM   1197 C CB  . ARG A 1 150 ? 10.801  -6.029  12.778  1.00 19.43 ? 150 ARG A CB  1 
ATOM   1198 C CG  . ARG A 1 150 ? 11.703  -4.955  12.226  1.00 21.95 ? 150 ARG A CG  1 
ATOM   1199 C CD  . ARG A 1 150 ? 12.280  -4.073  13.325  1.00 14.54 ? 150 ARG A CD  1 
ATOM   1200 N NE  . ARG A 1 150 ? 11.270  -3.535  14.235  1.00 20.39 ? 150 ARG A NE  1 
ATOM   1201 C CZ  . ARG A 1 150 ? 10.656  -2.371  14.031  1.00 18.08 ? 150 ARG A CZ  1 
ATOM   1202 N NH1 . ARG A 1 150 ? 10.968  -1.651  12.978  1.00 13.80 ? 150 ARG A NH1 1 
ATOM   1203 N NH2 . ARG A 1 150 ? 9.751   -1.944  14.874  1.00 17.59 ? 150 ARG A NH2 1 
ATOM   1204 N N   . ALA A 1 151 ? 10.159  -9.194  13.658  1.00 24.45 ? 151 ALA A N   1 
ATOM   1205 C CA  . ALA A 1 151 ? 9.163   -10.041 14.314  1.00 18.83 ? 151 ALA A CA  1 
ATOM   1206 C C   . ALA A 1 151 ? 7.820   -9.358  14.507  1.00 20.50 ? 151 ALA A C   1 
ATOM   1207 O O   . ALA A 1 151 ? 7.197   -9.510  15.562  1.00 33.31 ? 151 ALA A O   1 
ATOM   1208 C CB  . ALA A 1 151 ? 9.683   -10.513 15.678  1.00 31.80 ? 151 ALA A CB  1 
ATOM   1209 N N   . PHE A 1 152 ? 7.377   -8.593  13.512  1.00 17.56 ? 152 PHE A N   1 
ATOM   1210 C CA  . PHE A 1 152 ? 6.036   -8.005  13.556  1.00 19.84 ? 152 PHE A CA  1 
ATOM   1211 C C   . PHE A 1 152 ? 4.983   -9.117  13.659  1.00 18.98 ? 152 PHE A C   1 
ATOM   1212 O O   . PHE A 1 152 ? 5.105   -10.143 12.993  1.00 20.77 ? 152 PHE A O   1 
ATOM   1213 C CB  . PHE A 1 152 ? 5.783   -7.217  12.279  1.00 15.91 ? 152 PHE A CB  1 
ATOM   1214 C CG  . PHE A 1 152 ? 6.644   -5.978  12.114  1.00 9.24  ? 152 PHE A CG  1 
ATOM   1215 C CD1 . PHE A 1 152 ? 6.405   -4.856  12.884  1.00 27.32 ? 152 PHE A CD1 1 
ATOM   1216 C CD2 . PHE A 1 152 ? 7.604   -5.915  11.118  1.00 17.71 ? 152 PHE A CD2 1 
ATOM   1217 C CE1 . PHE A 1 152 ? 7.145   -3.702  12.701  1.00 22.05 ? 152 PHE A CE1 1 
ATOM   1218 C CE2 . PHE A 1 152 ? 8.369   -4.748  10.941  1.00 16.09 ? 152 PHE A CE2 1 
ATOM   1219 C CZ  . PHE A 1 152 ? 8.112   -3.657  11.722  1.00 19.54 ? 152 PHE A CZ  1 
ATOM   1220 N N   . ASP A 1 153 ? 3.954   -8.903  14.462  1.00 19.39 ? 153 ASP A N   1 
ATOM   1221 C CA  . ASP A 1 153 ? 2.869   -9.881  14.590  1.00 32.82 ? 153 ASP A CA  1 
ATOM   1222 C C   . ASP A 1 153 ? 2.201   -10.105 13.250  1.00 31.35 ? 153 ASP A C   1 
ATOM   1223 O O   . ASP A 1 153 ? 2.001   -9.160  12.505  1.00 22.52 ? 153 ASP A O   1 
ATOM   1224 C CB  . ASP A 1 153 ? 1.814   -9.381  15.559  1.00 25.67 ? 153 ASP A CB  1 
ATOM   1225 C CG  . ASP A 1 153 ? 2.249   -9.496  17.009  1.00 55.98 ? 153 ASP A CG  1 
ATOM   1226 O OD1 . ASP A 1 153 ? 3.186   -10.280 17.287  1.00 61.74 ? 153 ASP A OD1 1 
ATOM   1227 O OD2 . ASP A 1 153 ? 1.646   -8.811  17.869  1.00 55.62 ? 153 ASP A OD2 1 
ATOM   1228 N N   . LYS A 1 154 ? 1.879   -11.358 12.945  1.00 25.01 ? 154 LYS A N   1 
ATOM   1229 C CA  . LYS A 1 154 ? 1.141   -11.695 11.733  1.00 30.43 ? 154 LYS A CA  1 
ATOM   1230 C C   . LYS A 1 154 ? -0.283  -11.172 11.842  1.00 22.00 ? 154 LYS A C   1 
ATOM   1231 O O   . LYS A 1 154 ? -0.799  -10.948 12.924  1.00 24.50 ? 154 LYS A O   1 
ATOM   1232 C CB  . LYS A 1 154 ? 1.134   -13.205 11.510  1.00 27.31 ? 154 LYS A CB  1 
ATOM   1233 C CG  . LYS A 1 154 ? 2.525   -13.779 11.268  1.00 27.03 ? 154 LYS A CG  1 
ATOM   1234 C CD  . LYS A 1 154 ? 2.491   -15.269 10.929  1.00 37.26 ? 154 LYS A CD  1 
ATOM   1235 C CE  . LYS A 1 154 ? 2.258   -15.483 9.443   1.00 38.79 ? 154 LYS A CE  1 
ATOM   1236 N NZ  . LYS A 1 154 ? 2.543   -16.890 9.028   1.00 40.52 ? 154 LYS A NZ  1 
ATOM   1237 N N   . LEU A 1 155 ? -0.904  -10.944 10.699  1.00 26.13 ? 155 LEU A N   1 
ATOM   1238 C CA  . LEU A 1 155 ? -2.212  -10.314 10.660  1.00 17.38 ? 155 LEU A CA  1 
ATOM   1239 C C   . LEU A 1 155 ? -3.322  -11.315 10.404  1.00 20.36 ? 155 LEU A C   1 
ATOM   1240 O O   . LEU A 1 155 ? -3.149  -12.272 9.672   1.00 24.03 ? 155 LEU A O   1 
ATOM   1241 C CB  . LEU A 1 155 ? -2.243  -9.311  9.510   1.00 23.44 ? 155 LEU A CB  1 
ATOM   1242 C CG  . LEU A 1 155 ? -1.120  -8.293  9.435   1.00 28.62 ? 155 LEU A CG  1 
ATOM   1243 C CD1 . LEU A 1 155 ? -1.325  -7.444  8.163   1.00 27.26 ? 155 LEU A CD1 1 
ATOM   1244 C CD2 . LEU A 1 155 ? -1.086  -7.445  10.698  1.00 17.80 ? 155 LEU A CD2 1 
ATOM   1245 N N   . ASN A 1 156 ? -4.460  -11.066 11.007  1.00 20.79 ? 156 ASN A N   1 
ATOM   1246 C CA  . ASN A 1 156 ? -5.670  -11.816 10.723  1.00 25.80 ? 156 ASN A CA  1 
ATOM   1247 C C   . ASN A 1 156 ? -6.325  -11.310 9.444   1.00 19.49 ? 156 ASN A C   1 
ATOM   1248 O O   . ASN A 1 156 ? -6.336  -10.109 9.204   1.00 17.76 ? 156 ASN A O   1 
ATOM   1249 C CB  . ASN A 1 156 ? -6.615  -11.656 11.908  1.00 28.47 ? 156 ASN A CB  1 
ATOM   1250 C CG  . ASN A 1 156 ? -6.000  -12.181 13.192  1.00 38.17 ? 156 ASN A CG  1 
ATOM   1251 O OD1 . ASN A 1 156 ? -5.424  -13.274 13.196  1.00 33.92 ? 156 ASN A OD1 1 
ATOM   1252 N ND2 . ASN A 1 156 ? -6.077  -11.398 14.271  1.00 35.29 ? 156 ASN A ND2 1 
ATOM   1253 N N   . LYS A 1 157 ? -6.831  -12.221 8.615   1.00 21.02 ? 157 LYS A N   1 
ATOM   1254 C CA  . LYS A 1 157 ? -7.571  -11.850 7.405   1.00 25.85 ? 157 LYS A CA  1 
ATOM   1255 C C   . LYS A 1 157 ? -8.884  -11.171 7.757   1.00 20.73 ? 157 LYS A C   1 
ATOM   1256 O O   . LYS A 1 157 ? -9.426  -11.389 8.830   1.00 18.61 ? 157 LYS A O   1 
ATOM   1257 C CB  . LYS A 1 157 ? -7.830  -13.089 6.530   1.00 27.13 ? 157 LYS A CB  1 
ATOM   1258 C CG  . LYS A 1 157 ? -6.575  -13.620 5.877   1.00 27.79 ? 157 LYS A CG  1 
ATOM   1259 C CD  . LYS A 1 157 ? -6.843  -14.916 5.157   1.00 37.09 ? 157 LYS A CD  1 
ATOM   1260 C CE  . LYS A 1 157 ? -5.547  -15.595 4.734   1.00 47.36 ? 157 LYS A CE  1 
ATOM   1261 N NZ  . LYS A 1 157 ? -4.823  -14.806 3.705   1.00 57.16 ? 157 LYS A NZ  1 
ATOM   1262 N N   . TRP A 1 158 ? -9.420  -10.368 6.833   1.00 23.07 ? 158 TRP A N   1 
ATOM   1263 C CA  . TRP A 1 158 ? -10.684 -9.663  7.091   1.00 21.78 ? 158 TRP A CA  1 
ATOM   1264 C C   . TRP A 1 158 ? -11.845 -10.649 7.231   1.00 25.83 ? 158 TRP A C   1 
ATOM   1265 O O   . TRP A 1 158 ? -12.686 -10.548 8.156   1.00 23.51 ? 158 TRP A O   1 
ATOM   1266 C CB  . TRP A 1 158 ? -10.985 -8.684  5.954   1.00 24.64 ? 158 TRP A CB  1 
ATOM   1267 C CG  . TRP A 1 158 ? -12.134 -7.796  6.267   1.00 22.66 ? 158 TRP A CG  1 
ATOM   1268 C CD1 . TRP A 1 158 ? -13.423 -7.934  5.826   1.00 31.77 ? 158 TRP A CD1 1 
ATOM   1269 C CD2 . TRP A 1 158 ? -12.114 -6.634  7.091   1.00 23.15 ? 158 TRP A CD2 1 
ATOM   1270 N NE1 . TRP A 1 158 ? -14.207 -6.928  6.330   1.00 25.80 ? 158 TRP A NE1 1 
ATOM   1271 C CE2 . TRP A 1 158 ? -13.431 -6.114  7.114   1.00 22.94 ? 158 TRP A CE2 1 
ATOM   1272 C CE3 . TRP A 1 158 ? -11.108 -5.972  7.816   1.00 27.78 ? 158 TRP A CE3 1 
ATOM   1273 C CZ2 . TRP A 1 158 ? -13.765 -4.974  7.826   1.00 31.56 ? 158 TRP A CZ2 1 
ATOM   1274 C CZ3 . TRP A 1 158 ? -11.448 -4.846  8.534   1.00 24.83 ? 158 TRP A CZ3 1 
ATOM   1275 C CH2 . TRP A 1 158 ? -12.763 -4.354  8.534   1.00 36.32 ? 158 TRP A CH2 1 
ATOM   1276 O OXT . TRP A 1 158 ? -11.933 -11.565 6.406   1.00 28.54 ? 158 TRP A OXT 1 
HETATM 1277 C C1  . J1C B 2 .   ? 1.523   13.123  1.943   1.00 61.74 ? 171 J1C A C1  1 
HETATM 1278 N N1  . J1C B 2 .   ? 3.784   11.102  -0.067  1.00 41.71 ? 171 J1C A N1  1 
HETATM 1279 O O1  . J1C B 2 .   ? 2.540   12.166  1.664   1.00 46.43 ? 171 J1C A O1  1 
HETATM 1280 S S1  . J1C B 2 .   ? -0.801  11.511  2.848   1.00 76.08 ? 171 J1C A S1  1 
HETATM 1281 C C2  . J1C B 2 .   ? 0.804   13.352  0.573   1.00 49.97 ? 171 J1C A C2  1 
HETATM 1282 N N2  . J1C B 2 .   ? 5.704   9.856   -0.437  1.00 32.19 ? 171 J1C A N2  1 
HETATM 1283 O O2  . J1C B 2 .   ? 0.705   14.729  0.375   1.00 60.40 ? 171 J1C A O2  1 
HETATM 1284 C C3  . J1C B 2 .   ? 1.781   12.676  -0.498  1.00 43.76 ? 171 J1C A C3  1 
HETATM 1285 N N3  . J1C B 2 .   ? 5.498   6.891   -1.378  1.00 17.33 ? 171 J1C A N3  1 
HETATM 1286 O O3  . J1C B 2 .   ? 2.124   13.566  -1.535  1.00 52.36 ? 171 J1C A O3  1 
HETATM 1287 C C4  . J1C B 2 .   ? 3.021   12.324  0.347   1.00 27.41 ? 171 J1C A C4  1 
HETATM 1288 N N4  . J1C B 2 .   ? 3.180   7.200   -1.313  1.00 26.79 ? 171 J1C A N4  1 
HETATM 1289 O O4  . J1C B 2 .   ? -2.922  7.526   8.678   1.00 49.12 ? 171 J1C A O4  1 
HETATM 1290 C C5  . J1C B 2 .   ? 5.215   11.042  -0.064  1.00 30.52 ? 171 J1C A C5  1 
HETATM 1291 N N5  . J1C B 2 .   ? 2.137   9.314   -0.633  1.00 42.57 ? 171 J1C A N5  1 
HETATM 1292 O O5  . J1C B 2 .   ? -3.522  1.607   7.284   1.00 24.01 ? 171 J1C A O5  1 
HETATM 1293 C C6  . J1C B 2 .   ? 4.575   9.065   -0.697  1.00 44.05 ? 171 J1C A C6  1 
HETATM 1294 N N6  . J1C B 2 .   ? -0.192  7.676   3.880   1.00 73.48 ? 171 J1C A N6  1 
HETATM 1295 C C7  . J1C B 2 .   ? 4.442   7.712   -1.127  1.00 32.91 ? 171 J1C A C7  1 
HETATM 1296 C C8  . J1C B 2 .   ? 2.146   8.031   -1.054  1.00 42.62 ? 171 J1C A C8  1 
HETATM 1297 N N8  . J1C B 2 .   ? -3.509  1.730   11.379  1.00 37.88 ? 171 J1C A N8  1 
HETATM 1298 C C9  . J1C B 2 .   ? 3.387   9.818   -0.467  1.00 40.44 ? 171 J1C A C9  1 
HETATM 1299 N N9  . J1C B 2 .   ? -3.928  -0.598  11.244  1.00 25.21 ? 171 J1C A N9  1 
HETATM 1300 C C10 . J1C B 2 .   ? 0.616   12.698  3.166   1.00 34.12 ? 171 J1C A C10 1 
HETATM 1301 N N10 . J1C B 2 .   ? -3.699  0.579   9.249   1.00 18.22 ? 171 J1C A N10 1 
HETATM 1302 C C11 . J1C B 2 .   ? -0.252  9.953   1.850   1.00 61.40 ? 171 J1C A C11 1 
HETATM 1303 N N11 . J1C B 2 .   ? -3.086  4.111   8.545   1.00 37.55 ? 171 J1C A N11 1 
HETATM 1304 C C12 . J1C B 2 .   ? 1.028   9.356   2.403   1.00 59.53 ? 171 J1C A C12 1 
HETATM 1305 N N12 . J1C B 2 .   ? -3.123  4.069   11.347  1.00 28.77 ? 171 J1C A N12 1 
HETATM 1306 C C13 . J1C B 2 .   ? 0.779   8.826   3.824   1.00 71.43 ? 171 J1C A C13 1 
HETATM 1307 C C14 . J1C B 2 .   ? -1.453  7.903   3.032   1.00 31.91 ? 171 J1C A C14 1 
HETATM 1308 C C15 . J1C B 2 .   ? -1.294  8.810   1.764   1.00 43.36 ? 171 J1C A C15 1 
HETATM 1309 C C16 . J1C B 2 .   ? -0.341  7.172   5.332   1.00 41.41 ? 171 J1C A C16 1 
HETATM 1310 C C18 . J1C B 2 .   ? -2.588  6.410   8.278   1.00 45.95 ? 171 J1C A C18 1 
HETATM 1311 C C19 . J1C B 2 .   ? -3.707  0.613   10.624  1.00 26.36 ? 171 J1C A C19 1 
HETATM 1312 C C20 . J1C B 2 .   ? -3.506  1.763   8.497   1.00 24.91 ? 171 J1C A C20 1 
HETATM 1313 C C21 . J1C B 2 .   ? -2.872  5.222   9.172   1.00 43.39 ? 171 J1C A C21 1 
HETATM 1314 C C22 . J1C B 2 .   ? -2.917  5.393   10.688  1.00 41.48 ? 171 J1C A C22 1 
HETATM 1315 C C23 . J1C B 2 .   ? -4.011  6.304   11.241  1.00 33.25 ? 171 J1C A C23 1 
HETATM 1316 C C24 . J1C B 2 .   ? -1.572  5.976   11.162  1.00 41.01 ? 171 J1C A C24 1 
HETATM 1317 C C25 . J1C B 2 .   ? -3.308  2.902   10.664  1.00 30.02 ? 171 J1C A C25 1 
HETATM 1318 C C26 . J1C B 2 .   ? -3.287  2.955   9.278   1.00 26.38 ? 171 J1C A C26 1 
HETATM 1319 C C27 . J1C B 2 .   ? -1.645  7.399   6.139   1.00 45.36 ? 171 J1C A C27 1 
HETATM 1320 N N28 . J1C B 2 .   ? -1.948  6.256   7.045   1.00 37.65 ? 171 J1C A N28 1 
HETATM 1321 C C   . ACT C 3 .   ? -1.752  2.476   4.392   1.00 43.47 ? 191 ACT A C   1 
HETATM 1322 O O   . ACT C 3 .   ? -2.116  3.308   5.272   1.00 45.86 ? 191 ACT A O   1 
HETATM 1323 O OXT . ACT C 3 .   ? -2.140  2.655   3.214   1.00 34.88 ? 191 ACT A OXT 1 
HETATM 1324 C CH3 . ACT C 3 .   ? -0.879  1.304   4.708   1.00 26.95 ? 191 ACT A CH3 1 
HETATM 1325 O O   . HOH D 4 .   ? 12.261  -10.915 0.506   1.00 17.28 ? 201 HOH A O   1 
HETATM 1326 O O   . HOH D 4 .   ? 11.074  1.356   -5.539  1.00 14.88 ? 202 HOH A O   1 
HETATM 1327 O O   . HOH D 4 .   ? -1.303  -2.003  3.712   1.00 15.08 ? 203 HOH A O   1 
HETATM 1328 O O   . HOH D 4 .   ? 4.398   -15.074 1.167   1.00 19.94 ? 204 HOH A O   1 
HETATM 1329 O O   . HOH D 4 .   ? 10.680  2.328   4.962   1.00 20.61 ? 205 HOH A O   1 
HETATM 1330 O O   . HOH D 4 .   ? -6.237  0.607   -16.988 1.00 33.26 ? 206 HOH A O   1 
HETATM 1331 O O   . HOH D 4 .   ? -17.569 -1.207  -4.130  1.00 19.67 ? 207 HOH A O   1 
HETATM 1332 O O   . HOH D 4 .   ? -8.977  5.455   -12.079 1.00 18.47 ? 208 HOH A O   1 
HETATM 1333 O O   . HOH D 4 .   ? 12.200  -2.118  10.804  1.00 18.95 ? 209 HOH A O   1 
HETATM 1334 O O   . HOH D 4 .   ? -9.160  9.382   1.025   1.00 28.56 ? 210 HOH A O   1 
HETATM 1335 O O   . HOH D 4 .   ? 8.451   -12.338 -4.570  1.00 22.18 ? 211 HOH A O   1 
HETATM 1336 O O   . HOH D 4 .   ? 7.481   -0.239  14.402  1.00 20.73 ? 212 HOH A O   1 
HETATM 1337 O O   . HOH D 4 .   ? -17.246 0.562   2.347   1.00 26.05 ? 213 HOH A O   1 
HETATM 1338 O O   . HOH D 4 .   ? -13.595 -1.567  10.228  1.00 29.84 ? 214 HOH A O   1 
HETATM 1339 O O   . HOH D 4 .   ? -5.411  11.841  -12.264 1.00 31.57 ? 215 HOH A O   1 
HETATM 1340 O O   . HOH D 4 .   ? 14.186  -14.016 -0.348  1.00 35.66 ? 216 HOH A O   1 
HETATM 1341 O O   . HOH D 4 .   ? 15.814  0.730   -0.450  1.00 28.33 ? 217 HOH A O   1 
HETATM 1342 O O   . HOH D 4 .   ? 14.035  6.777   -0.876  1.00 26.72 ? 218 HOH A O   1 
HETATM 1343 O O   . HOH D 4 .   ? 14.780  0.102   1.605   1.00 39.87 ? 219 HOH A O   1 
HETATM 1344 O O   . HOH D 4 .   ? 7.136   2.556   14.714  1.00 24.32 ? 220 HOH A O   1 
HETATM 1345 O O   . HOH D 4 .   ? 16.564  5.364   -8.915  1.00 27.12 ? 221 HOH A O   1 
HETATM 1346 O O   . HOH D 4 .   ? 12.695  -7.901  -5.917  1.00 24.87 ? 222 HOH A O   1 
HETATM 1347 O O   . HOH D 4 .   ? -4.739  -8.598  12.774  1.00 31.74 ? 223 HOH A O   1 
HETATM 1348 O O   . HOH D 4 .   ? -14.219 2.748   -8.834  1.00 32.91 ? 224 HOH A O   1 
HETATM 1349 O O   . HOH D 4 .   ? 13.663  -2.947  -5.886  1.00 28.25 ? 225 HOH A O   1 
HETATM 1350 O O   . HOH D 4 .   ? -12.016 7.175   -8.580  1.00 25.72 ? 226 HOH A O   1 
HETATM 1351 O O   . HOH D 4 .   ? 0.684   3.827   6.419   1.00 31.48 ? 227 HOH A O   1 
HETATM 1352 O O   . HOH D 4 .   ? 3.274   -2.551  13.172  1.00 29.28 ? 228 HOH A O   1 
HETATM 1353 O O   . HOH D 4 .   ? 13.083  -0.175  -11.972 1.00 31.56 ? 229 HOH A O   1 
HETATM 1354 O O   . HOH D 4 .   ? 17.746  -6.967  4.670   1.00 29.95 ? 230 HOH A O   1 
HETATM 1355 O O   . HOH D 4 .   ? 8.607   -18.036 -2.777  1.00 39.29 ? 231 HOH A O   1 
HETATM 1356 O O   . HOH D 4 .   ? 7.124   8.139   1.585   1.00 25.10 ? 232 HOH A O   1 
HETATM 1357 O O   . HOH D 4 .   ? 10.191  -5.353  16.491  1.00 27.12 ? 233 HOH A O   1 
HETATM 1358 O O   . HOH D 4 .   ? -10.843 -11.947 4.062   1.00 33.68 ? 234 HOH A O   1 
HETATM 1359 O O   . HOH D 4 .   ? 16.616  3.785   -0.436  1.00 39.97 ? 235 HOH A O   1 
HETATM 1360 O O   . HOH D 4 .   ? 11.442  -14.626 0.881   1.00 28.77 ? 236 HOH A O   1 
HETATM 1361 O O   . HOH D 4 .   ? 8.000   13.152  0.217   1.00 25.54 ? 237 HOH A O   1 
HETATM 1362 O O   . HOH D 4 .   ? 2.051   -6.401  12.370  1.00 29.32 ? 238 HOH A O   1 
HETATM 1363 O O   . HOH D 4 .   ? 6.005   4.076   12.866  1.00 36.66 ? 239 HOH A O   1 
HETATM 1364 O O   . HOH D 4 .   ? 13.147  5.752   1.138   1.00 24.98 ? 240 HOH A O   1 
HETATM 1365 O O   . HOH D 4 .   ? 17.866  3.310   -8.575  1.00 35.68 ? 241 HOH A O   1 
HETATM 1366 O O   . HOH D 4 .   ? 1.519   -12.297 4.539   1.00 29.66 ? 242 HOH A O   1 
HETATM 1367 O O   . HOH D 4 .   ? -6.813  -14.675 9.567   1.00 25.27 ? 243 HOH A O   1 
HETATM 1368 O O   . HOH D 4 .   ? 7.799   14.206  -7.708  1.00 30.95 ? 244 HOH A O   1 
HETATM 1369 O O   . HOH D 4 .   ? 2.771   -15.922 -0.673  1.00 33.85 ? 245 HOH A O   1 
HETATM 1370 O O   . HOH D 4 .   ? 2.070   -13.321 15.300  1.00 38.30 ? 246 HOH A O   1 
HETATM 1371 O O   . HOH D 4 .   ? 10.496  6.825   10.650  1.00 35.31 ? 247 HOH A O   1 
HETATM 1372 O O   . HOH D 4 .   ? 12.368  -4.745  -10.139 1.00 38.87 ? 248 HOH A O   1 
HETATM 1373 O O   . HOH D 4 .   ? 2.987   15.712  -11.850 1.00 45.37 ? 249 HOH A O   1 
HETATM 1374 O O   . HOH D 4 .   ? 0.020   -11.880 8.324   1.00 35.61 ? 250 HOH A O   1 
HETATM 1375 O O   . HOH D 4 .   ? 18.984  -2.271  -6.656  1.00 36.73 ? 251 HOH A O   1 
HETATM 1376 O O   . HOH D 4 .   ? -9.102  -11.801 2.273   1.00 28.61 ? 252 HOH A O   1 
HETATM 1377 O O   . HOH D 4 .   ? 0.658   -3.532  12.430  1.00 34.04 ? 253 HOH A O   1 
HETATM 1378 O O   . HOH D 4 .   ? 16.523  -13.004 10.912  1.00 39.59 ? 254 HOH A O   1 
HETATM 1379 O O   . HOH D 4 .   ? 3.043   15.953  1.754   1.00 49.05 ? 255 HOH A O   1 
HETATM 1380 O O   . HOH D 4 .   ? 8.880   -10.574 -6.373  1.00 41.52 ? 256 HOH A O   1 
HETATM 1381 O O   . HOH D 4 .   ? -6.862  -4.389  -13.489 1.00 36.74 ? 257 HOH A O   1 
HETATM 1382 O O   . HOH D 4 .   ? 14.404  3.418   2.107   1.00 44.28 ? 258 HOH A O   1 
HETATM 1383 O O   . HOH D 4 .   ? -18.706 2.290   7.223   1.00 44.35 ? 259 HOH A O   1 
HETATM 1384 O O   . HOH D 4 .   ? -1.898  -1.566  13.807  1.00 39.65 ? 260 HOH A O   1 
HETATM 1385 O O   . HOH D 4 .   ? 11.549  5.111   8.887   1.00 31.86 ? 261 HOH A O   1 
HETATM 1386 O O   . HOH D 4 .   ? 15.703  1.359   -12.234 1.00 42.13 ? 262 HOH A O   1 
HETATM 1387 O O   . HOH D 4 .   ? -5.407  3.674   6.527   1.00 34.70 ? 263 HOH A O   1 
HETATM 1388 O O   . HOH D 4 .   ? 6.347   -18.494 -1.693  1.00 27.80 ? 264 HOH A O   1 
HETATM 1389 O O   . HOH D 4 .   ? -12.888 -0.120  18.854  1.00 44.93 ? 265 HOH A O   1 
HETATM 1390 O O   . HOH D 4 .   ? -17.319 0.561   -7.105  1.00 39.64 ? 266 HOH A O   1 
HETATM 1391 O O   . HOH D 4 .   ? 17.836  -4.186  -5.759  1.00 40.01 ? 267 HOH A O   1 
HETATM 1392 O O   . HOH D 4 .   ? 14.624  -17.130 -2.716  1.00 41.22 ? 268 HOH A O   1 
HETATM 1393 O O   . HOH D 4 .   ? -14.140 -7.667  -3.016  1.00 29.94 ? 269 HOH A O   1 
HETATM 1394 O O   . HOH D 4 .   ? 2.426   -14.932 4.357   1.00 37.27 ? 270 HOH A O   1 
HETATM 1395 O O   . HOH D 4 .   ? 2.125   15.937  -4.061  1.00 38.00 ? 271 HOH A O   1 
HETATM 1396 O O   . HOH D 4 .   ? -2.773  -16.733 3.167   1.00 40.54 ? 272 HOH A O   1 
HETATM 1397 O O   . HOH D 4 .   ? 6.740   3.052   -15.634 1.00 34.47 ? 273 HOH A O   1 
HETATM 1398 O O   . HOH D 4 .   ? -7.572  -3.358  -15.784 1.00 39.74 ? 274 HOH A O   1 
HETATM 1399 O O   . HOH D 4 .   ? 20.006  -7.419  4.339   1.00 34.86 ? 275 HOH A O   1 
HETATM 1400 O O   . HOH D 4 .   ? 11.063  -10.661 -6.622  1.00 37.12 ? 276 HOH A O   1 
HETATM 1401 O O   . HOH D 4 .   ? 0.874   -15.431 14.858  1.00 37.86 ? 277 HOH A O   1 
HETATM 1402 O O   . HOH D 4 .   ? -1.598  8.555   -3.173  1.00 25.10 ? 278 HOH A O   1 
HETATM 1403 O O   . HOH D 4 .   ? 15.261  -12.657 -2.589  1.00 32.71 ? 279 HOH A O   1 
HETATM 1404 O O   . HOH D 4 .   ? 14.373  -6.824  16.230  1.00 38.44 ? 280 HOH A O   1 
HETATM 1405 O O   . HOH D 4 .   ? 0.325   -17.597 13.471  1.00 49.70 ? 281 HOH A O   1 
HETATM 1406 O O   . HOH D 4 .   ? -18.660 -2.019  2.548   1.00 39.15 ? 282 HOH A O   1 
HETATM 1407 O O   . HOH D 4 .   ? -24.373 -3.625  -1.266  1.00 33.95 ? 283 HOH A O   1 
HETATM 1408 O O   . HOH D 4 .   ? 7.061   -12.438 -6.470  1.00 43.26 ? 284 HOH A O   1 
HETATM 1409 O O   . HOH D 4 .   ? 3.461   -5.866  15.783  1.00 33.41 ? 285 HOH A O   1 
HETATM 1410 O O   . HOH D 4 .   ? 9.480   -3.530  -12.061 1.00 27.99 ? 286 HOH A O   1 
HETATM 1411 O O   . HOH D 4 .   ? -10.723 -11.183 10.763  1.00 27.52 ? 287 HOH A O   1 
HETATM 1412 O O   . HOH D 4 .   ? -17.441 -4.021  5.046   1.00 35.93 ? 288 HOH A O   1 
HETATM 1413 O O   . HOH D 4 .   ? 15.118  -3.152  9.509   1.00 36.33 ? 289 HOH A O   1 
HETATM 1414 O O   . HOH D 4 .   ? 3.341   -13.164 17.922  1.00 45.39 ? 290 HOH A O   1 
HETATM 1415 O O   . HOH D 4 .   ? 0.892   -19.068 11.837  1.00 44.14 ? 291 HOH A O   1 
# 
loop_
_pdbx_poly_seq_scheme.asym_id 
_pdbx_poly_seq_scheme.entity_id 
_pdbx_poly_seq_scheme.seq_id 
_pdbx_poly_seq_scheme.mon_id 
_pdbx_poly_seq_scheme.ndb_seq_num 
_pdbx_poly_seq_scheme.pdb_seq_num 
_pdbx_poly_seq_scheme.auth_seq_num 
_pdbx_poly_seq_scheme.pdb_mon_id 
_pdbx_poly_seq_scheme.auth_mon_id 
_pdbx_poly_seq_scheme.pdb_strand_id 
_pdbx_poly_seq_scheme.pdb_ins_code 
_pdbx_poly_seq_scheme.hetero 
A 1 1   THR 1   1   1   THR THR A . n 
A 1 2   VAL 2   2   2   VAL VAL A . n 
A 1 3   ALA 3   3   3   ALA ALA A . n 
A 1 4   TYR 4   4   4   TYR TYR A . n 
A 1 5   ILE 5   5   5   ILE ILE A . n 
A 1 6   ALA 6   6   6   ALA ALA A . n 
A 1 7   ILE 7   7   7   ILE ILE A . n 
A 1 8   GLY 8   8   8   GLY GLY A . n 
A 1 9   SER 9   9   9   SER SER A . n 
A 1 10  ASN 10  10  10  ASN ASN A . n 
A 1 11  LEU 11  11  11  LEU LEU A . n 
A 1 12  ALA 12  12  12  ALA ALA A . n 
A 1 13  SER 13  13  13  SER SER A . n 
A 1 14  PRO 14  14  14  PRO PRO A . n 
A 1 15  LEU 15  15  15  LEU LEU A . n 
A 1 16  GLU 16  16  16  GLU GLU A . n 
A 1 17  GLN 17  17  17  GLN GLN A . n 
A 1 18  VAL 18  18  18  VAL VAL A . n 
A 1 19  ASN 19  19  19  ASN ASN A . n 
A 1 20  ALA 20  20  20  ALA ALA A . n 
A 1 21  ALA 21  21  21  ALA ALA A . n 
A 1 22  LEU 22  22  22  LEU LEU A . n 
A 1 23  LYS 23  23  23  LYS LYS A . n 
A 1 24  ALA 24  24  24  ALA ALA A . n 
A 1 25  LEU 25  25  25  LEU LEU A . n 
A 1 26  GLY 26  26  26  GLY GLY A . n 
A 1 27  ASP 27  27  27  ASP ASP A . n 
A 1 28  ILE 28  28  28  ILE ILE A . n 
A 1 29  PRO 29  29  29  PRO PRO A . n 
A 1 30  GLU 30  30  30  GLU GLU A . n 
A 1 31  SER 31  31  31  SER SER A . n 
A 1 32  HIS 32  32  32  HIS HIS A . n 
A 1 33  ILE 33  33  33  ILE ILE A . n 
A 1 34  LEU 34  34  34  LEU LEU A . n 
A 1 35  THR 35  35  35  THR THR A . n 
A 1 36  VAL 36  36  36  VAL VAL A . n 
A 1 37  SER 37  37  37  SER SER A . n 
A 1 38  SER 38  38  38  SER SER A . n 
A 1 39  PHE 39  39  39  PHE PHE A . n 
A 1 40  TYR 40  40  40  TYR TYR A . n 
A 1 41  ARG 41  41  41  ARG ARG A . n 
A 1 42  THR 42  42  42  THR THR A . n 
A 1 43  PRO 43  43  43  PRO PRO A . n 
A 1 44  PRO 44  44  44  PRO PRO A . n 
A 1 45  LEU 45  45  45  LEU LEU A . n 
A 1 46  GLY 46  46  46  GLY GLY A . n 
A 1 47  PRO 47  47  47  PRO PRO A . n 
A 1 48  GLN 48  48  48  GLN GLN A . n 
A 1 49  ASP 49  49  49  ASP ASP A . n 
A 1 50  GLN 50  50  50  GLN GLN A . n 
A 1 51  PRO 51  51  51  PRO PRO A . n 
A 1 52  ASP 52  52  52  ASP ASP A . n 
A 1 53  TYR 53  53  53  TYR TYR A . n 
A 1 54  LEU 54  54  54  LEU LEU A . n 
A 1 55  ASN 55  55  55  ASN ASN A . n 
A 1 56  ALA 56  56  56  ALA ALA A . n 
A 1 57  ALA 57  57  57  ALA ALA A . n 
A 1 58  VAL 58  58  58  VAL VAL A . n 
A 1 59  ALA 59  59  59  ALA ALA A . n 
A 1 60  LEU 60  60  60  LEU LEU A . n 
A 1 61  GLU 61  61  61  GLU GLU A . n 
A 1 62  THR 62  62  62  THR THR A . n 
A 1 63  SER 63  63  63  SER SER A . n 
A 1 64  LEU 64  64  64  LEU LEU A . n 
A 1 65  ALA 65  65  65  ALA ALA A . n 
A 1 66  PRO 66  66  66  PRO PRO A . n 
A 1 67  GLU 67  67  67  GLU GLU A . n 
A 1 68  GLU 68  68  68  GLU GLU A . n 
A 1 69  LEU 69  69  69  LEU LEU A . n 
A 1 70  LEU 70  70  70  LEU LEU A . n 
A 1 71  ASN 71  71  71  ASN ASN A . n 
A 1 72  HIS 72  72  72  HIS HIS A . n 
A 1 73  THR 73  73  73  THR THR A . n 
A 1 74  GLN 74  74  74  GLN GLN A . n 
A 1 75  ARG 75  75  75  ARG ARG A . n 
A 1 76  ILE 76  76  76  ILE ILE A . n 
A 1 77  GLU 77  77  77  GLU GLU A . n 
A 1 78  LEU 78  78  78  LEU LEU A . n 
A 1 79  GLN 79  79  79  GLN GLN A . n 
A 1 80  GLN 80  80  80  GLN GLN A . n 
A 1 81  GLY 81  81  81  GLY GLY A . n 
A 1 82  ARG 82  82  82  ARG ARG A . n 
A 1 83  VAL 83  83  ?   ?   ?   A . n 
A 1 84  ARG 84  84  ?   ?   ?   A . n 
A 1 85  LYS 85  85  ?   ?   ?   A . n 
A 1 86  ALA 86  86  ?   ?   ?   A . n 
A 1 87  GLU 87  87  87  GLU GLU A . n 
A 1 88  ARG 88  88  88  ARG ARG A . n 
A 1 89  TRP 89  89  89  TRP TRP A . n 
A 1 90  GLY 90  90  90  GLY GLY A . n 
A 1 91  PRO 91  91  91  PRO PRO A . n 
A 1 92  ARG 92  92  92  ARG ARG A . n 
A 1 93  THR 93  93  93  THR THR A . n 
A 1 94  LEU 94  94  94  LEU LEU A . n 
A 1 95  ASP 95  95  95  ASP ASP A . n 
A 1 96  LEU 96  96  96  LEU LEU A . n 
A 1 97  ASP 97  97  97  ASP ASP A . n 
A 1 98  ILE 98  98  98  ILE ILE A . n 
A 1 99  MET 99  99  99  MET MET A . n 
A 1 100 LEU 100 100 100 LEU LEU A . n 
A 1 101 PHE 101 101 101 PHE PHE A . n 
A 1 102 GLY 102 102 102 GLY GLY A . n 
A 1 103 ASN 103 103 103 ASN ASN A . n 
A 1 104 GLU 104 104 104 GLU GLU A . n 
A 1 105 VAL 105 105 105 VAL VAL A . n 
A 1 106 ILE 106 106 106 ILE ILE A . n 
A 1 107 ASN 107 107 107 ASN ASN A . n 
A 1 108 THR 108 108 108 THR THR A . n 
A 1 109 GLU 109 109 109 GLU GLU A . n 
A 1 110 ARG 110 110 110 ARG ARG A . n 
A 1 111 LEU 111 111 111 LEU LEU A . n 
A 1 112 THR 112 112 112 THR THR A . n 
A 1 113 VAL 113 113 113 VAL VAL A . n 
A 1 114 PRO 114 114 114 PRO PRO A . n 
A 1 115 HIS 115 115 115 HIS HIS A . n 
A 1 116 TYR 116 116 116 TYR TYR A . n 
A 1 117 ASP 117 117 117 ASP ASP A . n 
A 1 118 MET 118 118 118 MET MET A . n 
A 1 119 LYS 119 119 119 LYS LYS A . n 
A 1 120 ASN 120 120 120 ASN ASN A . n 
A 1 121 ARG 121 121 121 ARG ARG A . n 
A 1 122 GLY 122 122 122 GLY GLY A . n 
A 1 123 PHE 123 123 123 PHE PHE A . n 
A 1 124 MET 124 124 124 MET MET A . n 
A 1 125 LEU 125 125 125 LEU LEU A . n 
A 1 126 TRP 126 126 126 TRP TRP A . n 
A 1 127 PRO 127 127 127 PRO PRO A . n 
A 1 128 LEU 128 128 128 LEU LEU A . n 
A 1 129 PHE 129 129 129 PHE PHE A . n 
A 1 130 GLU 130 130 130 GLU GLU A . n 
A 1 131 ILE 131 131 131 ILE ILE A . n 
A 1 132 ALA 132 132 132 ALA ALA A . n 
A 1 133 PRO 133 133 133 PRO PRO A . n 
A 1 134 GLU 134 134 134 GLU GLU A . n 
A 1 135 LEU 135 135 135 LEU LEU A . n 
A 1 136 VAL 136 136 136 VAL VAL A . n 
A 1 137 PHE 137 137 137 PHE PHE A . n 
A 1 138 PRO 138 138 138 PRO PRO A . n 
A 1 139 ASP 139 139 139 ASP ASP A . n 
A 1 140 GLY 140 140 140 GLY GLY A . n 
A 1 141 GLU 141 141 141 GLU GLU A . n 
A 1 142 MET 142 142 142 MET MET A . n 
A 1 143 LEU 143 143 143 LEU LEU A . n 
A 1 144 ARG 144 144 144 ARG ARG A . n 
A 1 145 GLN 145 145 145 GLN GLN A . n 
A 1 146 ILE 146 146 146 ILE ILE A . n 
A 1 147 LEU 147 147 147 LEU LEU A . n 
A 1 148 HIS 148 148 148 HIS HIS A . n 
A 1 149 THR 149 149 149 THR THR A . n 
A 1 150 ARG 150 150 150 ARG ARG A . n 
A 1 151 ALA 151 151 151 ALA ALA A . n 
A 1 152 PHE 152 152 152 PHE PHE A . n 
A 1 153 ASP 153 153 153 ASP ASP A . n 
A 1 154 LYS 154 154 154 LYS LYS A . n 
A 1 155 LEU 155 155 155 LEU LEU A . n 
A 1 156 ASN 156 156 156 ASN ASN A . n 
A 1 157 LYS 157 157 157 LYS LYS A . n 
A 1 158 TRP 158 158 158 TRP TRP A . n 
# 
loop_
_pdbx_nonpoly_scheme.asym_id 
_pdbx_nonpoly_scheme.entity_id 
_pdbx_nonpoly_scheme.mon_id 
_pdbx_nonpoly_scheme.ndb_seq_num 
_pdbx_nonpoly_scheme.pdb_seq_num 
_pdbx_nonpoly_scheme.auth_seq_num 
_pdbx_nonpoly_scheme.pdb_mon_id 
_pdbx_nonpoly_scheme.auth_mon_id 
_pdbx_nonpoly_scheme.pdb_strand_id 
_pdbx_nonpoly_scheme.pdb_ins_code 
B 2 J1C 1  171 171 J1C J1C A . 
C 3 ACT 1  191 191 ACT ACT A . 
D 4 HOH 1  201 201 HOH HOH A . 
D 4 HOH 2  202 202 HOH HOH A . 
D 4 HOH 3  203 203 HOH HOH A . 
D 4 HOH 4  204 204 HOH HOH A . 
D 4 HOH 5  205 205 HOH HOH A . 
D 4 HOH 6  206 206 HOH HOH A . 
D 4 HOH 7  207 207 HOH HOH A . 
D 4 HOH 8  208 208 HOH HOH A . 
D 4 HOH 9  209 209 HOH HOH A . 
D 4 HOH 10 210 210 HOH HOH A . 
D 4 HOH 11 211 211 HOH HOH A . 
D 4 HOH 12 212 212 HOH HOH A . 
D 4 HOH 13 213 213 HOH HOH A . 
D 4 HOH 14 214 214 HOH HOH A . 
D 4 HOH 15 215 215 HOH HOH A . 
D 4 HOH 16 216 216 HOH HOH A . 
D 4 HOH 17 217 217 HOH HOH A . 
D 4 HOH 18 218 218 HOH HOH A . 
D 4 HOH 19 219 219 HOH HOH A . 
D 4 HOH 20 220 220 HOH HOH A . 
D 4 HOH 21 221 221 HOH HOH A . 
D 4 HOH 22 222 222 HOH HOH A . 
D 4 HOH 23 223 223 HOH HOH A . 
D 4 HOH 24 224 224 HOH HOH A . 
D 4 HOH 25 225 225 HOH HOH A . 
D 4 HOH 26 226 226 HOH HOH A . 
D 4 HOH 27 227 227 HOH HOH A . 
D 4 HOH 28 228 228 HOH HOH A . 
D 4 HOH 29 229 229 HOH HOH A . 
D 4 HOH 30 230 230 HOH HOH A . 
D 4 HOH 31 231 231 HOH HOH A . 
D 4 HOH 32 232 232 HOH HOH A . 
D 4 HOH 33 233 233 HOH HOH A . 
D 4 HOH 34 234 234 HOH HOH A . 
D 4 HOH 35 235 235 HOH HOH A . 
D 4 HOH 36 236 236 HOH HOH A . 
D 4 HOH 37 237 237 HOH HOH A . 
D 4 HOH 38 238 238 HOH HOH A . 
D 4 HOH 39 239 239 HOH HOH A . 
D 4 HOH 40 240 240 HOH HOH A . 
D 4 HOH 41 241 241 HOH HOH A . 
D 4 HOH 42 242 242 HOH HOH A . 
D 4 HOH 43 243 243 HOH HOH A . 
D 4 HOH 44 244 244 HOH HOH A . 
D 4 HOH 45 245 245 HOH HOH A . 
D 4 HOH 46 246 246 HOH HOH A . 
D 4 HOH 47 247 247 HOH HOH A . 
D 4 HOH 48 248 248 HOH HOH A . 
D 4 HOH 49 249 249 HOH HOH A . 
D 4 HOH 50 250 250 HOH HOH A . 
D 4 HOH 51 251 251 HOH HOH A . 
D 4 HOH 52 252 252 HOH HOH A . 
D 4 HOH 53 253 253 HOH HOH A . 
D 4 HOH 54 254 254 HOH HOH A . 
D 4 HOH 55 255 255 HOH HOH A . 
D 4 HOH 56 256 256 HOH HOH A . 
D 4 HOH 57 257 257 HOH HOH A . 
D 4 HOH 58 258 258 HOH HOH A . 
D 4 HOH 59 259 259 HOH HOH A . 
D 4 HOH 60 260 260 HOH HOH A . 
D 4 HOH 61 261 261 HOH HOH A . 
D 4 HOH 62 262 262 HOH HOH A . 
D 4 HOH 63 263 263 HOH HOH A . 
D 4 HOH 64 264 264 HOH HOH A . 
D 4 HOH 65 265 265 HOH HOH A . 
D 4 HOH 66 266 266 HOH HOH A . 
D 4 HOH 67 267 267 HOH HOH A . 
D 4 HOH 68 268 268 HOH HOH A . 
D 4 HOH 69 269 269 HOH HOH A . 
D 4 HOH 70 270 270 HOH HOH A . 
D 4 HOH 71 271 271 HOH HOH A . 
D 4 HOH 72 272 272 HOH HOH A . 
D 4 HOH 73 273 273 HOH HOH A . 
D 4 HOH 74 274 274 HOH HOH A . 
D 4 HOH 75 275 275 HOH HOH A . 
D 4 HOH 76 276 276 HOH HOH A . 
D 4 HOH 77 277 277 HOH HOH A . 
D 4 HOH 78 278 278 HOH HOH A . 
D 4 HOH 79 279 279 HOH HOH A . 
D 4 HOH 80 280 280 HOH HOH A . 
D 4 HOH 81 281 281 HOH HOH A . 
D 4 HOH 82 282 282 HOH HOH A . 
D 4 HOH 83 283 283 HOH HOH A . 
D 4 HOH 84 284 284 HOH HOH A . 
D 4 HOH 85 285 285 HOH HOH A . 
D 4 HOH 86 286 286 HOH HOH A . 
D 4 HOH 87 287 287 HOH HOH A . 
D 4 HOH 88 288 288 HOH HOH A . 
D 4 HOH 89 289 289 HOH HOH A . 
D 4 HOH 90 290 290 HOH HOH A . 
D 4 HOH 91 291 291 HOH HOH A . 
# 
_pdbx_struct_assembly.id                   1 
_pdbx_struct_assembly.details              author_and_software_defined_assembly 
_pdbx_struct_assembly.method_details       PISA 
_pdbx_struct_assembly.oligomeric_details   monomeric 
_pdbx_struct_assembly.oligomeric_count     1 
# 
_pdbx_struct_assembly_gen.assembly_id       1 
_pdbx_struct_assembly_gen.oper_expression   1 
_pdbx_struct_assembly_gen.asym_id_list      A,B,C,D 
# 
_pdbx_struct_oper_list.id                   1 
_pdbx_struct_oper_list.type                 'identity operation' 
_pdbx_struct_oper_list.name                 1_555 
_pdbx_struct_oper_list.symmetry_operation   x,y,z 
_pdbx_struct_oper_list.matrix[1][1]         1.0000000000 
_pdbx_struct_oper_list.matrix[1][2]         0.0000000000 
_pdbx_struct_oper_list.matrix[1][3]         0.0000000000 
_pdbx_struct_oper_list.vector[1]            0.0000000000 
_pdbx_struct_oper_list.matrix[2][1]         0.0000000000 
_pdbx_struct_oper_list.matrix[2][2]         1.0000000000 
_pdbx_struct_oper_list.matrix[2][3]         0.0000000000 
_pdbx_struct_oper_list.vector[2]            0.0000000000 
_pdbx_struct_oper_list.matrix[3][1]         0.0000000000 
_pdbx_struct_oper_list.matrix[3][2]         0.0000000000 
_pdbx_struct_oper_list.matrix[3][3]         1.0000000000 
_pdbx_struct_oper_list.vector[3]            0.0000000000 
# 
loop_
_pdbx_audit_revision_history.ordinal 
_pdbx_audit_revision_history.data_content_type 
_pdbx_audit_revision_history.major_revision 
_pdbx_audit_revision_history.minor_revision 
_pdbx_audit_revision_history.revision_date 
1 'Structure model' 1 0 2012-01-04 
2 'Structure model' 1 1 2012-01-18 
3 'Structure model' 1 2 2023-08-30 
4 'Structure model' 1 3 2023-09-13 
# 
_pdbx_audit_revision_details.ordinal             1 
_pdbx_audit_revision_details.revision_ordinal    1 
_pdbx_audit_revision_details.data_content_type   'Structure model' 
_pdbx_audit_revision_details.provider            repository 
_pdbx_audit_revision_details.type                'Initial release' 
_pdbx_audit_revision_details.description         ? 
_pdbx_audit_revision_details.details             ? 
# 
loop_
_pdbx_audit_revision_group.ordinal 
_pdbx_audit_revision_group.revision_ordinal 
_pdbx_audit_revision_group.data_content_type 
_pdbx_audit_revision_group.group 
1 2 'Structure model' 'Database references'    
2 3 'Structure model' 'Data collection'        
3 3 'Structure model' 'Database references'    
4 3 'Structure model' 'Derived calculations'   
5 3 'Structure model' 'Structure summary'      
6 4 'Structure model' 'Refinement description' 
# 
loop_
_pdbx_audit_revision_category.ordinal 
_pdbx_audit_revision_category.revision_ordinal 
_pdbx_audit_revision_category.data_content_type 
_pdbx_audit_revision_category.category 
1 3 'Structure model' audit_author                  
2 3 'Structure model' chem_comp_atom                
3 3 'Structure model' chem_comp_bond                
4 3 'Structure model' citation_author               
5 3 'Structure model' database_2                    
6 3 'Structure model' struct_site                   
7 4 'Structure model' pdbx_initial_refinement_model 
# 
loop_
_pdbx_audit_revision_item.ordinal 
_pdbx_audit_revision_item.revision_ordinal 
_pdbx_audit_revision_item.data_content_type 
_pdbx_audit_revision_item.item 
1 3 'Structure model' '_audit_author.identifier_ORCID'      
2 3 'Structure model' '_citation_author.identifier_ORCID'   
3 3 'Structure model' '_database_2.pdbx_DOI'                
4 3 'Structure model' '_database_2.pdbx_database_accession' 
5 3 'Structure model' '_struct_site.pdbx_auth_asym_id'      
6 3 'Structure model' '_struct_site.pdbx_auth_comp_id'      
7 3 'Structure model' '_struct_site.pdbx_auth_seq_id'       
# 
loop_
_software.pdbx_ordinal 
_software.name 
_software.version 
_software.date 
_software.type 
_software.contact_author 
_software.contact_author_email 
_software.classification 
_software.location 
_software.language 
_software.citation_id 
1 SCALEPACK   .         ?               program 'Zbyszek Otwinowski' hkl@hkl-xray.com         'data scaling'    
http://www.hkl-xray.com/                  ?   ? 
2 PHENIX      1.7.2_869 ?               package 'Paul D. Adams'      PDAdams@lbl.gov          refinement        
http://www.phenix-online.org/             C++ ? 
3 PDB_EXTRACT 3.10      'June 10, 2010' package PDB                  deposit@deposit.rcsb.org 'data extraction' 
http://sw-tools.pdb.org/apps/PDB_EXTRACT/ C++ ? 
4 MAR345dtb   .         ?               ?       ?                    ?                        'data collection' ? ?   ? 
5 HKL-2000    .         ?               ?       ?                    ?                        'data reduction'  ? ?   ? 
6 HKL-2000    .         ?               ?       ?                    ?                        'data scaling'    ? ?   ? 
7 PHENIX      .         ?               ?       ?                    ?                        phasing           ? ?   ? 
# 
loop_
_pdbx_validate_torsion.id 
_pdbx_validate_torsion.PDB_model_num 
_pdbx_validate_torsion.auth_comp_id 
_pdbx_validate_torsion.auth_asym_id 
_pdbx_validate_torsion.auth_seq_id 
_pdbx_validate_torsion.PDB_ins_code 
_pdbx_validate_torsion.label_alt_id 
_pdbx_validate_torsion.phi 
_pdbx_validate_torsion.psi 
1 1 LEU A 45  ? ? -69.05  96.34  
2 1 TRP A 89  ? ? -91.08  31.65  
3 1 LEU A 94  ? ? -171.73 112.19 
4 1 PRO A 114 ? ? -48.00  154.29 
# 
loop_
_pdbx_unobs_or_zero_occ_atoms.id 
_pdbx_unobs_or_zero_occ_atoms.PDB_model_num 
_pdbx_unobs_or_zero_occ_atoms.polymer_flag 
_pdbx_unobs_or_zero_occ_atoms.occupancy_flag 
_pdbx_unobs_or_zero_occ_atoms.auth_asym_id 
_pdbx_unobs_or_zero_occ_atoms.auth_comp_id 
_pdbx_unobs_or_zero_occ_atoms.auth_seq_id 
_pdbx_unobs_or_zero_occ_atoms.PDB_ins_code 
_pdbx_unobs_or_zero_occ_atoms.auth_atom_id 
_pdbx_unobs_or_zero_occ_atoms.label_alt_id 
_pdbx_unobs_or_zero_occ_atoms.label_asym_id 
_pdbx_unobs_or_zero_occ_atoms.label_comp_id 
_pdbx_unobs_or_zero_occ_atoms.label_seq_id 
_pdbx_unobs_or_zero_occ_atoms.label_atom_id 
1 1 Y 0 A VAL 2 ? CA  B A VAL 2 CA  
2 1 Y 0 A VAL 2 ? CB  B A VAL 2 CB  
3 1 Y 0 A VAL 2 ? CG1 B A VAL 2 CG1 
4 1 Y 0 A VAL 2 ? CG2 B A VAL 2 CG2 
# 
loop_
_pdbx_unobs_or_zero_occ_residues.id 
_pdbx_unobs_or_zero_occ_residues.PDB_model_num 
_pdbx_unobs_or_zero_occ_residues.polymer_flag 
_pdbx_unobs_or_zero_occ_residues.occupancy_flag 
_pdbx_unobs_or_zero_occ_residues.auth_asym_id 
_pdbx_unobs_or_zero_occ_residues.auth_comp_id 
_pdbx_unobs_or_zero_occ_residues.auth_seq_id 
_pdbx_unobs_or_zero_occ_residues.PDB_ins_code 
_pdbx_unobs_or_zero_occ_residues.label_asym_id 
_pdbx_unobs_or_zero_occ_residues.label_comp_id 
_pdbx_unobs_or_zero_occ_residues.label_seq_id 
1 1 Y 1 A VAL 83 ? A VAL 83 
2 1 Y 1 A ARG 84 ? A ARG 84 
3 1 Y 1 A LYS 85 ? A LYS 85 
4 1 Y 1 A ALA 86 ? A ALA 86 
# 
loop_
_chem_comp_atom.comp_id 
_chem_comp_atom.atom_id 
_chem_comp_atom.type_symbol 
_chem_comp_atom.pdbx_aromatic_flag 
_chem_comp_atom.pdbx_stereo_config 
_chem_comp_atom.pdbx_ordinal 
ACT C    C N N 1   
ACT O    O N N 2   
ACT OXT  O N N 3   
ACT CH3  C N N 4   
ACT H1   H N N 5   
ACT H2   H N N 6   
ACT H3   H N N 7   
ALA N    N N N 8   
ALA CA   C N S 9   
ALA C    C N N 10  
ALA O    O N N 11  
ALA CB   C N N 12  
ALA OXT  O N N 13  
ALA H    H N N 14  
ALA H2   H N N 15  
ALA HA   H N N 16  
ALA HB1  H N N 17  
ALA HB2  H N N 18  
ALA HB3  H N N 19  
ALA HXT  H N N 20  
ARG N    N N N 21  
ARG CA   C N S 22  
ARG C    C N N 23  
ARG O    O N N 24  
ARG CB   C N N 25  
ARG CG   C N N 26  
ARG CD   C N N 27  
ARG NE   N N N 28  
ARG CZ   C N N 29  
ARG NH1  N N N 30  
ARG NH2  N N N 31  
ARG OXT  O N N 32  
ARG H    H N N 33  
ARG H2   H N N 34  
ARG HA   H N N 35  
ARG HB2  H N N 36  
ARG HB3  H N N 37  
ARG HG2  H N N 38  
ARG HG3  H N N 39  
ARG HD2  H N N 40  
ARG HD3  H N N 41  
ARG HE   H N N 42  
ARG HH11 H N N 43  
ARG HH12 H N N 44  
ARG HH21 H N N 45  
ARG HH22 H N N 46  
ARG HXT  H N N 47  
ASN N    N N N 48  
ASN CA   C N S 49  
ASN C    C N N 50  
ASN O    O N N 51  
ASN CB   C N N 52  
ASN CG   C N N 53  
ASN OD1  O N N 54  
ASN ND2  N N N 55  
ASN OXT  O N N 56  
ASN H    H N N 57  
ASN H2   H N N 58  
ASN HA   H N N 59  
ASN HB2  H N N 60  
ASN HB3  H N N 61  
ASN HD21 H N N 62  
ASN HD22 H N N 63  
ASN HXT  H N N 64  
ASP N    N N N 65  
ASP CA   C N S 66  
ASP C    C N N 67  
ASP O    O N N 68  
ASP CB   C N N 69  
ASP CG   C N N 70  
ASP OD1  O N N 71  
ASP OD2  O N N 72  
ASP OXT  O N N 73  
ASP H    H N N 74  
ASP H2   H N N 75  
ASP HA   H N N 76  
ASP HB2  H N N 77  
ASP HB3  H N N 78  
ASP HD2  H N N 79  
ASP HXT  H N N 80  
GLN N    N N N 81  
GLN CA   C N S 82  
GLN C    C N N 83  
GLN O    O N N 84  
GLN CB   C N N 85  
GLN CG   C N N 86  
GLN CD   C N N 87  
GLN OE1  O N N 88  
GLN NE2  N N N 89  
GLN OXT  O N N 90  
GLN H    H N N 91  
GLN H2   H N N 92  
GLN HA   H N N 93  
GLN HB2  H N N 94  
GLN HB3  H N N 95  
GLN HG2  H N N 96  
GLN HG3  H N N 97  
GLN HE21 H N N 98  
GLN HE22 H N N 99  
GLN HXT  H N N 100 
GLU N    N N N 101 
GLU CA   C N S 102 
GLU C    C N N 103 
GLU O    O N N 104 
GLU CB   C N N 105 
GLU CG   C N N 106 
GLU CD   C N N 107 
GLU OE1  O N N 108 
GLU OE2  O N N 109 
GLU OXT  O N N 110 
GLU H    H N N 111 
GLU H2   H N N 112 
GLU HA   H N N 113 
GLU HB2  H N N 114 
GLU HB3  H N N 115 
GLU HG2  H N N 116 
GLU HG3  H N N 117 
GLU HE2  H N N 118 
GLU HXT  H N N 119 
GLY N    N N N 120 
GLY CA   C N N 121 
GLY C    C N N 122 
GLY O    O N N 123 
GLY OXT  O N N 124 
GLY H    H N N 125 
GLY H2   H N N 126 
GLY HA2  H N N 127 
GLY HA3  H N N 128 
GLY HXT  H N N 129 
HIS N    N N N 130 
HIS CA   C N S 131 
HIS C    C N N 132 
HIS O    O N N 133 
HIS CB   C N N 134 
HIS CG   C Y N 135 
HIS ND1  N Y N 136 
HIS CD2  C Y N 137 
HIS CE1  C Y N 138 
HIS NE2  N Y N 139 
HIS OXT  O N N 140 
HIS H    H N N 141 
HIS H2   H N N 142 
HIS HA   H N N 143 
HIS HB2  H N N 144 
HIS HB3  H N N 145 
HIS HD1  H N N 146 
HIS HD2  H N N 147 
HIS HE1  H N N 148 
HIS HE2  H N N 149 
HIS HXT  H N N 150 
HOH O    O N N 151 
HOH H1   H N N 152 
HOH H2   H N N 153 
ILE N    N N N 154 
ILE CA   C N S 155 
ILE C    C N N 156 
ILE O    O N N 157 
ILE CB   C N S 158 
ILE CG1  C N N 159 
ILE CG2  C N N 160 
ILE CD1  C N N 161 
ILE OXT  O N N 162 
ILE H    H N N 163 
ILE H2   H N N 164 
ILE HA   H N N 165 
ILE HB   H N N 166 
ILE HG12 H N N 167 
ILE HG13 H N N 168 
ILE HG21 H N N 169 
ILE HG22 H N N 170 
ILE HG23 H N N 171 
ILE HD11 H N N 172 
ILE HD12 H N N 173 
ILE HD13 H N N 174 
ILE HXT  H N N 175 
J1C C1   C N S 176 
J1C N1   N Y N 177 
J1C O1   O N N 178 
J1C S1   S N N 179 
J1C C2   C N S 180 
J1C N2   N Y N 181 
J1C O2   O N N 182 
J1C C3   C N R 183 
J1C N3   N N N 184 
J1C O3   O N N 185 
J1C C4   C N R 186 
J1C N4   N Y N 187 
J1C O4   O N N 188 
J1C C5   C Y N 189 
J1C N5   N Y N 190 
J1C O5   O N N 191 
J1C C6   C Y N 192 
J1C N6   N N N 193 
J1C C7   C Y N 194 
J1C C8   C Y N 195 
J1C N8   N N N 196 
J1C C9   C Y N 197 
J1C N9   N N N 198 
J1C C10  C N N 199 
J1C N10  N N N 200 
J1C C11  C N N 201 
J1C N11  N N N 202 
J1C C12  C N N 203 
J1C N12  N N N 204 
J1C C13  C N N 205 
J1C C14  C N N 206 
J1C C15  C N N 207 
J1C C16  C N N 208 
J1C C18  C N N 209 
J1C C19  C N N 210 
J1C C20  C N N 211 
J1C C21  C N N 212 
J1C C22  C N N 213 
J1C C23  C N N 214 
J1C C24  C N N 215 
J1C C25  C N N 216 
J1C C26  C N N 217 
J1C C27  C N N 218 
J1C N28  N N N 219 
J1C H1   H N N 220 
J1C H2   H N N 221 
J1C HO2  H N N 222 
J1C H3   H N N 223 
J1C HN3  H N N 224 
J1C HN3A H N N 225 
J1C HO3  H N N 226 
J1C H4   H N N 227 
J1C H5   H N N 228 
J1C H8   H N N 229 
J1C HN9  H N N 230 
J1C HN9A H N N 231 
J1C H10  H N N 232 
J1C H10A H N N 233 
J1C HN10 H N N 234 
J1C H11  H N N 235 
J1C H12  H N N 236 
J1C H12A H N N 237 
J1C HN12 H N N 238 
J1C H13  H N N 239 
J1C H13A H N N 240 
J1C H14  H N N 241 
J1C H14A H N N 242 
J1C H15  H N N 243 
J1C H15A H N N 244 
J1C H16  H N N 245 
J1C H16A H N N 246 
J1C H23  H N N 247 
J1C H23A H N N 248 
J1C H23B H N N 249 
J1C H24  H N N 250 
J1C H24A H N N 251 
J1C H24B H N N 252 
J1C H27  H N N 253 
J1C H27A H N N 254 
J1C HN28 H N N 255 
LEU N    N N N 256 
LEU CA   C N S 257 
LEU C    C N N 258 
LEU O    O N N 259 
LEU CB   C N N 260 
LEU CG   C N N 261 
LEU CD1  C N N 262 
LEU CD2  C N N 263 
LEU OXT  O N N 264 
LEU H    H N N 265 
LEU H2   H N N 266 
LEU HA   H N N 267 
LEU HB2  H N N 268 
LEU HB3  H N N 269 
LEU HG   H N N 270 
LEU HD11 H N N 271 
LEU HD12 H N N 272 
LEU HD13 H N N 273 
LEU HD21 H N N 274 
LEU HD22 H N N 275 
LEU HD23 H N N 276 
LEU HXT  H N N 277 
LYS N    N N N 278 
LYS CA   C N S 279 
LYS C    C N N 280 
LYS O    O N N 281 
LYS CB   C N N 282 
LYS CG   C N N 283 
LYS CD   C N N 284 
LYS CE   C N N 285 
LYS NZ   N N N 286 
LYS OXT  O N N 287 
LYS H    H N N 288 
LYS H2   H N N 289 
LYS HA   H N N 290 
LYS HB2  H N N 291 
LYS HB3  H N N 292 
LYS HG2  H N N 293 
LYS HG3  H N N 294 
LYS HD2  H N N 295 
LYS HD3  H N N 296 
LYS HE2  H N N 297 
LYS HE3  H N N 298 
LYS HZ1  H N N 299 
LYS HZ2  H N N 300 
LYS HZ3  H N N 301 
LYS HXT  H N N 302 
MET N    N N N 303 
MET CA   C N S 304 
MET C    C N N 305 
MET O    O N N 306 
MET CB   C N N 307 
MET CG   C N N 308 
MET SD   S N N 309 
MET CE   C N N 310 
MET OXT  O N N 311 
MET H    H N N 312 
MET H2   H N N 313 
MET HA   H N N 314 
MET HB2  H N N 315 
MET HB3  H N N 316 
MET HG2  H N N 317 
MET HG3  H N N 318 
MET HE1  H N N 319 
MET HE2  H N N 320 
MET HE3  H N N 321 
MET HXT  H N N 322 
PHE N    N N N 323 
PHE CA   C N S 324 
PHE C    C N N 325 
PHE O    O N N 326 
PHE CB   C N N 327 
PHE CG   C Y N 328 
PHE CD1  C Y N 329 
PHE CD2  C Y N 330 
PHE CE1  C Y N 331 
PHE CE2  C Y N 332 
PHE CZ   C Y N 333 
PHE OXT  O N N 334 
PHE H    H N N 335 
PHE H2   H N N 336 
PHE HA   H N N 337 
PHE HB2  H N N 338 
PHE HB3  H N N 339 
PHE HD1  H N N 340 
PHE HD2  H N N 341 
PHE HE1  H N N 342 
PHE HE2  H N N 343 
PHE HZ   H N N 344 
PHE HXT  H N N 345 
PRO N    N N N 346 
PRO CA   C N S 347 
PRO C    C N N 348 
PRO O    O N N 349 
PRO CB   C N N 350 
PRO CG   C N N 351 
PRO CD   C N N 352 
PRO OXT  O N N 353 
PRO H    H N N 354 
PRO HA   H N N 355 
PRO HB2  H N N 356 
PRO HB3  H N N 357 
PRO HG2  H N N 358 
PRO HG3  H N N 359 
PRO HD2  H N N 360 
PRO HD3  H N N 361 
PRO HXT  H N N 362 
SER N    N N N 363 
SER CA   C N S 364 
SER C    C N N 365 
SER O    O N N 366 
SER CB   C N N 367 
SER OG   O N N 368 
SER OXT  O N N 369 
SER H    H N N 370 
SER H2   H N N 371 
SER HA   H N N 372 
SER HB2  H N N 373 
SER HB3  H N N 374 
SER HG   H N N 375 
SER HXT  H N N 376 
THR N    N N N 377 
THR CA   C N S 378 
THR C    C N N 379 
THR O    O N N 380 
THR CB   C N R 381 
THR OG1  O N N 382 
THR CG2  C N N 383 
THR OXT  O N N 384 
THR H    H N N 385 
THR H2   H N N 386 
THR HA   H N N 387 
THR HB   H N N 388 
THR HG1  H N N 389 
THR HG21 H N N 390 
THR HG22 H N N 391 
THR HG23 H N N 392 
THR HXT  H N N 393 
TRP N    N N N 394 
TRP CA   C N S 395 
TRP C    C N N 396 
TRP O    O N N 397 
TRP CB   C N N 398 
TRP CG   C Y N 399 
TRP CD1  C Y N 400 
TRP CD2  C Y N 401 
TRP NE1  N Y N 402 
TRP CE2  C Y N 403 
TRP CE3  C Y N 404 
TRP CZ2  C Y N 405 
TRP CZ3  C Y N 406 
TRP CH2  C Y N 407 
TRP OXT  O N N 408 
TRP H    H N N 409 
TRP H2   H N N 410 
TRP HA   H N N 411 
TRP HB2  H N N 412 
TRP HB3  H N N 413 
TRP HD1  H N N 414 
TRP HE1  H N N 415 
TRP HE3  H N N 416 
TRP HZ2  H N N 417 
TRP HZ3  H N N 418 
TRP HH2  H N N 419 
TRP HXT  H N N 420 
TYR N    N N N 421 
TYR CA   C N S 422 
TYR C    C N N 423 
TYR O    O N N 424 
TYR CB   C N N 425 
TYR CG   C Y N 426 
TYR CD1  C Y N 427 
TYR CD2  C Y N 428 
TYR CE1  C Y N 429 
TYR CE2  C Y N 430 
TYR CZ   C Y N 431 
TYR OH   O N N 432 
TYR OXT  O N N 433 
TYR H    H N N 434 
TYR H2   H N N 435 
TYR HA   H N N 436 
TYR HB2  H N N 437 
TYR HB3  H N N 438 
TYR HD1  H N N 439 
TYR HD2  H N N 440 
TYR HE1  H N N 441 
TYR HE2  H N N 442 
TYR HH   H N N 443 
TYR HXT  H N N 444 
VAL N    N N N 445 
VAL CA   C N S 446 
VAL C    C N N 447 
VAL O    O N N 448 
VAL CB   C N N 449 
VAL CG1  C N N 450 
VAL CG2  C N N 451 
VAL OXT  O N N 452 
VAL H    H N N 453 
VAL H2   H N N 454 
VAL HA   H N N 455 
VAL HB   H N N 456 
VAL HG11 H N N 457 
VAL HG12 H N N 458 
VAL HG13 H N N 459 
VAL HG21 H N N 460 
VAL HG22 H N N 461 
VAL HG23 H N N 462 
VAL HXT  H N N 463 
# 
loop_
_chem_comp_bond.comp_id 
_chem_comp_bond.atom_id_1 
_chem_comp_bond.atom_id_2 
_chem_comp_bond.value_order 
_chem_comp_bond.pdbx_aromatic_flag 
_chem_comp_bond.pdbx_stereo_config 
_chem_comp_bond.pdbx_ordinal 
ACT C   O    doub N N 1   
ACT C   OXT  sing N N 2   
ACT C   CH3  sing N N 3   
ACT CH3 H1   sing N N 4   
ACT CH3 H2   sing N N 5   
ACT CH3 H3   sing N N 6   
ALA N   CA   sing N N 7   
ALA N   H    sing N N 8   
ALA N   H2   sing N N 9   
ALA CA  C    sing N N 10  
ALA CA  CB   sing N N 11  
ALA CA  HA   sing N N 12  
ALA C   O    doub N N 13  
ALA C   OXT  sing N N 14  
ALA CB  HB1  sing N N 15  
ALA CB  HB2  sing N N 16  
ALA CB  HB3  sing N N 17  
ALA OXT HXT  sing N N 18  
ARG N   CA   sing N N 19  
ARG N   H    sing N N 20  
ARG N   H2   sing N N 21  
ARG CA  C    sing N N 22  
ARG CA  CB   sing N N 23  
ARG CA  HA   sing N N 24  
ARG C   O    doub N N 25  
ARG C   OXT  sing N N 26  
ARG CB  CG   sing N N 27  
ARG CB  HB2  sing N N 28  
ARG CB  HB3  sing N N 29  
ARG CG  CD   sing N N 30  
ARG CG  HG2  sing N N 31  
ARG CG  HG3  sing N N 32  
ARG CD  NE   sing N N 33  
ARG CD  HD2  sing N N 34  
ARG CD  HD3  sing N N 35  
ARG NE  CZ   sing N N 36  
ARG NE  HE   sing N N 37  
ARG CZ  NH1  sing N N 38  
ARG CZ  NH2  doub N N 39  
ARG NH1 HH11 sing N N 40  
ARG NH1 HH12 sing N N 41  
ARG NH2 HH21 sing N N 42  
ARG NH2 HH22 sing N N 43  
ARG OXT HXT  sing N N 44  
ASN N   CA   sing N N 45  
ASN N   H    sing N N 46  
ASN N   H2   sing N N 47  
ASN CA  C    sing N N 48  
ASN CA  CB   sing N N 49  
ASN CA  HA   sing N N 50  
ASN C   O    doub N N 51  
ASN C   OXT  sing N N 52  
ASN CB  CG   sing N N 53  
ASN CB  HB2  sing N N 54  
ASN CB  HB3  sing N N 55  
ASN CG  OD1  doub N N 56  
ASN CG  ND2  sing N N 57  
ASN ND2 HD21 sing N N 58  
ASN ND2 HD22 sing N N 59  
ASN OXT HXT  sing N N 60  
ASP N   CA   sing N N 61  
ASP N   H    sing N N 62  
ASP N   H2   sing N N 63  
ASP CA  C    sing N N 64  
ASP CA  CB   sing N N 65  
ASP CA  HA   sing N N 66  
ASP C   O    doub N N 67  
ASP C   OXT  sing N N 68  
ASP CB  CG   sing N N 69  
ASP CB  HB2  sing N N 70  
ASP CB  HB3  sing N N 71  
ASP CG  OD1  doub N N 72  
ASP CG  OD2  sing N N 73  
ASP OD2 HD2  sing N N 74  
ASP OXT HXT  sing N N 75  
GLN N   CA   sing N N 76  
GLN N   H    sing N N 77  
GLN N   H2   sing N N 78  
GLN CA  C    sing N N 79  
GLN CA  CB   sing N N 80  
GLN CA  HA   sing N N 81  
GLN C   O    doub N N 82  
GLN C   OXT  sing N N 83  
GLN CB  CG   sing N N 84  
GLN CB  HB2  sing N N 85  
GLN CB  HB3  sing N N 86  
GLN CG  CD   sing N N 87  
GLN CG  HG2  sing N N 88  
GLN CG  HG3  sing N N 89  
GLN CD  OE1  doub N N 90  
GLN CD  NE2  sing N N 91  
GLN NE2 HE21 sing N N 92  
GLN NE2 HE22 sing N N 93  
GLN OXT HXT  sing N N 94  
GLU N   CA   sing N N 95  
GLU N   H    sing N N 96  
GLU N   H2   sing N N 97  
GLU CA  C    sing N N 98  
GLU CA  CB   sing N N 99  
GLU CA  HA   sing N N 100 
GLU C   O    doub N N 101 
GLU C   OXT  sing N N 102 
GLU CB  CG   sing N N 103 
GLU CB  HB2  sing N N 104 
GLU CB  HB3  sing N N 105 
GLU CG  CD   sing N N 106 
GLU CG  HG2  sing N N 107 
GLU CG  HG3  sing N N 108 
GLU CD  OE1  doub N N 109 
GLU CD  OE2  sing N N 110 
GLU OE2 HE2  sing N N 111 
GLU OXT HXT  sing N N 112 
GLY N   CA   sing N N 113 
GLY N   H    sing N N 114 
GLY N   H2   sing N N 115 
GLY CA  C    sing N N 116 
GLY CA  HA2  sing N N 117 
GLY CA  HA3  sing N N 118 
GLY C   O    doub N N 119 
GLY C   OXT  sing N N 120 
GLY OXT HXT  sing N N 121 
HIS N   CA   sing N N 122 
HIS N   H    sing N N 123 
HIS N   H2   sing N N 124 
HIS CA  C    sing N N 125 
HIS CA  CB   sing N N 126 
HIS CA  HA   sing N N 127 
HIS C   O    doub N N 128 
HIS C   OXT  sing N N 129 
HIS CB  CG   sing N N 130 
HIS CB  HB2  sing N N 131 
HIS CB  HB3  sing N N 132 
HIS CG  ND1  sing Y N 133 
HIS CG  CD2  doub Y N 134 
HIS ND1 CE1  doub Y N 135 
HIS ND1 HD1  sing N N 136 
HIS CD2 NE2  sing Y N 137 
HIS CD2 HD2  sing N N 138 
HIS CE1 NE2  sing Y N 139 
HIS CE1 HE1  sing N N 140 
HIS NE2 HE2  sing N N 141 
HIS OXT HXT  sing N N 142 
HOH O   H1   sing N N 143 
HOH O   H2   sing N N 144 
ILE N   CA   sing N N 145 
ILE N   H    sing N N 146 
ILE N   H2   sing N N 147 
ILE CA  C    sing N N 148 
ILE CA  CB   sing N N 149 
ILE CA  HA   sing N N 150 
ILE C   O    doub N N 151 
ILE C   OXT  sing N N 152 
ILE CB  CG1  sing N N 153 
ILE CB  CG2  sing N N 154 
ILE CB  HB   sing N N 155 
ILE CG1 CD1  sing N N 156 
ILE CG1 HG12 sing N N 157 
ILE CG1 HG13 sing N N 158 
ILE CG2 HG21 sing N N 159 
ILE CG2 HG22 sing N N 160 
ILE CG2 HG23 sing N N 161 
ILE CD1 HD11 sing N N 162 
ILE CD1 HD12 sing N N 163 
ILE CD1 HD13 sing N N 164 
ILE OXT HXT  sing N N 165 
J1C C1  O1   sing N N 166 
J1C C1  C2   sing N N 167 
J1C C1  C10  sing N N 168 
J1C N1  C4   sing N N 169 
J1C N1  C5   sing Y N 170 
J1C N1  C9   sing Y N 171 
J1C O1  C4   sing N N 172 
J1C S1  C10  sing N N 173 
J1C S1  C11  sing N N 174 
J1C C2  O2   sing N N 175 
J1C C2  C3   sing N N 176 
J1C N2  C5   doub Y N 177 
J1C N2  C6   sing Y N 178 
J1C C3  O3   sing N N 179 
J1C C3  C4   sing N N 180 
J1C N3  C7   sing N N 181 
J1C N4  C7   doub Y N 182 
J1C N4  C8   sing Y N 183 
J1C O4  C18  doub N N 184 
J1C N5  C8   doub Y N 185 
J1C N5  C9   sing Y N 186 
J1C O5  C20  doub N N 187 
J1C C6  C7   sing Y N 188 
J1C C6  C9   doub Y N 189 
J1C N6  C13  sing N N 190 
J1C N6  C14  sing N N 191 
J1C N6  C16  sing N N 192 
J1C N8  C19  doub N N 193 
J1C N8  C25  sing N N 194 
J1C N9  C19  sing N N 195 
J1C N10 C19  sing N N 196 
J1C N10 C20  sing N N 197 
J1C C11 C12  sing N N 198 
J1C C11 C15  sing N N 199 
J1C N11 C21  doub N N 200 
J1C N11 C26  sing N N 201 
J1C C12 C13  sing N N 202 
J1C N12 C22  sing N N 203 
J1C N12 C25  sing N N 204 
J1C C14 C15  sing N N 205 
J1C C16 C27  sing N N 206 
J1C C18 C21  sing N N 207 
J1C C18 N28  sing N N 208 
J1C C20 C26  sing N N 209 
J1C C21 C22  sing N N 210 
J1C C22 C23  sing N N 211 
J1C C22 C24  sing N N 212 
J1C C25 C26  doub N N 213 
J1C C27 N28  sing N N 214 
J1C C1  H1   sing N N 215 
J1C C2  H2   sing N N 216 
J1C O2  HO2  sing N N 217 
J1C C3  H3   sing N N 218 
J1C N3  HN3  sing N N 219 
J1C N3  HN3A sing N N 220 
J1C O3  HO3  sing N N 221 
J1C C4  H4   sing N N 222 
J1C C5  H5   sing N N 223 
J1C C8  H8   sing N N 224 
J1C N9  HN9  sing N N 225 
J1C N9  HN9A sing N N 226 
J1C C10 H10  sing N N 227 
J1C C10 H10A sing N N 228 
J1C N10 HN10 sing N N 229 
J1C C11 H11  sing N N 230 
J1C C12 H12  sing N N 231 
J1C C12 H12A sing N N 232 
J1C N12 HN12 sing N N 233 
J1C C13 H13  sing N N 234 
J1C C13 H13A sing N N 235 
J1C C14 H14  sing N N 236 
J1C C14 H14A sing N N 237 
J1C C15 H15  sing N N 238 
J1C C15 H15A sing N N 239 
J1C C16 H16  sing N N 240 
J1C C16 H16A sing N N 241 
J1C C23 H23  sing N N 242 
J1C C23 H23A sing N N 243 
J1C C23 H23B sing N N 244 
J1C C24 H24  sing N N 245 
J1C C24 H24A sing N N 246 
J1C C24 H24B sing N N 247 
J1C C27 H27  sing N N 248 
J1C C27 H27A sing N N 249 
J1C N28 HN28 sing N N 250 
LEU N   CA   sing N N 251 
LEU N   H    sing N N 252 
LEU N   H2   sing N N 253 
LEU CA  C    sing N N 254 
LEU CA  CB   sing N N 255 
LEU CA  HA   sing N N 256 
LEU C   O    doub N N 257 
LEU C   OXT  sing N N 258 
LEU CB  CG   sing N N 259 
LEU CB  HB2  sing N N 260 
LEU CB  HB3  sing N N 261 
LEU CG  CD1  sing N N 262 
LEU CG  CD2  sing N N 263 
LEU CG  HG   sing N N 264 
LEU CD1 HD11 sing N N 265 
LEU CD1 HD12 sing N N 266 
LEU CD1 HD13 sing N N 267 
LEU CD2 HD21 sing N N 268 
LEU CD2 HD22 sing N N 269 
LEU CD2 HD23 sing N N 270 
LEU OXT HXT  sing N N 271 
LYS N   CA   sing N N 272 
LYS N   H    sing N N 273 
LYS N   H2   sing N N 274 
LYS CA  C    sing N N 275 
LYS CA  CB   sing N N 276 
LYS CA  HA   sing N N 277 
LYS C   O    doub N N 278 
LYS C   OXT  sing N N 279 
LYS CB  CG   sing N N 280 
LYS CB  HB2  sing N N 281 
LYS CB  HB3  sing N N 282 
LYS CG  CD   sing N N 283 
LYS CG  HG2  sing N N 284 
LYS CG  HG3  sing N N 285 
LYS CD  CE   sing N N 286 
LYS CD  HD2  sing N N 287 
LYS CD  HD3  sing N N 288 
LYS CE  NZ   sing N N 289 
LYS CE  HE2  sing N N 290 
LYS CE  HE3  sing N N 291 
LYS NZ  HZ1  sing N N 292 
LYS NZ  HZ2  sing N N 293 
LYS NZ  HZ3  sing N N 294 
LYS OXT HXT  sing N N 295 
MET N   CA   sing N N 296 
MET N   H    sing N N 297 
MET N   H2   sing N N 298 
MET CA  C    sing N N 299 
MET CA  CB   sing N N 300 
MET CA  HA   sing N N 301 
MET C   O    doub N N 302 
MET C   OXT  sing N N 303 
MET CB  CG   sing N N 304 
MET CB  HB2  sing N N 305 
MET CB  HB3  sing N N 306 
MET CG  SD   sing N N 307 
MET CG  HG2  sing N N 308 
MET CG  HG3  sing N N 309 
MET SD  CE   sing N N 310 
MET CE  HE1  sing N N 311 
MET CE  HE2  sing N N 312 
MET CE  HE3  sing N N 313 
MET OXT HXT  sing N N 314 
PHE N   CA   sing N N 315 
PHE N   H    sing N N 316 
PHE N   H2   sing N N 317 
PHE CA  C    sing N N 318 
PHE CA  CB   sing N N 319 
PHE CA  HA   sing N N 320 
PHE C   O    doub N N 321 
PHE C   OXT  sing N N 322 
PHE CB  CG   sing N N 323 
PHE CB  HB2  sing N N 324 
PHE CB  HB3  sing N N 325 
PHE CG  CD1  doub Y N 326 
PHE CG  CD2  sing Y N 327 
PHE CD1 CE1  sing Y N 328 
PHE CD1 HD1  sing N N 329 
PHE CD2 CE2  doub Y N 330 
PHE CD2 HD2  sing N N 331 
PHE CE1 CZ   doub Y N 332 
PHE CE1 HE1  sing N N 333 
PHE CE2 CZ   sing Y N 334 
PHE CE2 HE2  sing N N 335 
PHE CZ  HZ   sing N N 336 
PHE OXT HXT  sing N N 337 
PRO N   CA   sing N N 338 
PRO N   CD   sing N N 339 
PRO N   H    sing N N 340 
PRO CA  C    sing N N 341 
PRO CA  CB   sing N N 342 
PRO CA  HA   sing N N 343 
PRO C   O    doub N N 344 
PRO C   OXT  sing N N 345 
PRO CB  CG   sing N N 346 
PRO CB  HB2  sing N N 347 
PRO CB  HB3  sing N N 348 
PRO CG  CD   sing N N 349 
PRO CG  HG2  sing N N 350 
PRO CG  HG3  sing N N 351 
PRO CD  HD2  sing N N 352 
PRO CD  HD3  sing N N 353 
PRO OXT HXT  sing N N 354 
SER N   CA   sing N N 355 
SER N   H    sing N N 356 
SER N   H2   sing N N 357 
SER CA  C    sing N N 358 
SER CA  CB   sing N N 359 
SER CA  HA   sing N N 360 
SER C   O    doub N N 361 
SER C   OXT  sing N N 362 
SER CB  OG   sing N N 363 
SER CB  HB2  sing N N 364 
SER CB  HB3  sing N N 365 
SER OG  HG   sing N N 366 
SER OXT HXT  sing N N 367 
THR N   CA   sing N N 368 
THR N   H    sing N N 369 
THR N   H2   sing N N 370 
THR CA  C    sing N N 371 
THR CA  CB   sing N N 372 
THR CA  HA   sing N N 373 
THR C   O    doub N N 374 
THR C   OXT  sing N N 375 
THR CB  OG1  sing N N 376 
THR CB  CG2  sing N N 377 
THR CB  HB   sing N N 378 
THR OG1 HG1  sing N N 379 
THR CG2 HG21 sing N N 380 
THR CG2 HG22 sing N N 381 
THR CG2 HG23 sing N N 382 
THR OXT HXT  sing N N 383 
TRP N   CA   sing N N 384 
TRP N   H    sing N N 385 
TRP N   H2   sing N N 386 
TRP CA  C    sing N N 387 
TRP CA  CB   sing N N 388 
TRP CA  HA   sing N N 389 
TRP C   O    doub N N 390 
TRP C   OXT  sing N N 391 
TRP CB  CG   sing N N 392 
TRP CB  HB2  sing N N 393 
TRP CB  HB3  sing N N 394 
TRP CG  CD1  doub Y N 395 
TRP CG  CD2  sing Y N 396 
TRP CD1 NE1  sing Y N 397 
TRP CD1 HD1  sing N N 398 
TRP CD2 CE2  doub Y N 399 
TRP CD2 CE3  sing Y N 400 
TRP NE1 CE2  sing Y N 401 
TRP NE1 HE1  sing N N 402 
TRP CE2 CZ2  sing Y N 403 
TRP CE3 CZ3  doub Y N 404 
TRP CE3 HE3  sing N N 405 
TRP CZ2 CH2  doub Y N 406 
TRP CZ2 HZ2  sing N N 407 
TRP CZ3 CH2  sing Y N 408 
TRP CZ3 HZ3  sing N N 409 
TRP CH2 HH2  sing N N 410 
TRP OXT HXT  sing N N 411 
TYR N   CA   sing N N 412 
TYR N   H    sing N N 413 
TYR N   H2   sing N N 414 
TYR CA  C    sing N N 415 
TYR CA  CB   sing N N 416 
TYR CA  HA   sing N N 417 
TYR C   O    doub N N 418 
TYR C   OXT  sing N N 419 
TYR CB  CG   sing N N 420 
TYR CB  HB2  sing N N 421 
TYR CB  HB3  sing N N 422 
TYR CG  CD1  doub Y N 423 
TYR CG  CD2  sing Y N 424 
TYR CD1 CE1  sing Y N 425 
TYR CD1 HD1  sing N N 426 
TYR CD2 CE2  doub Y N 427 
TYR CD2 HD2  sing N N 428 
TYR CE1 CZ   doub Y N 429 
TYR CE1 HE1  sing N N 430 
TYR CE2 CZ   sing Y N 431 
TYR CE2 HE2  sing N N 432 
TYR CZ  OH   sing N N 433 
TYR OH  HH   sing N N 434 
TYR OXT HXT  sing N N 435 
VAL N   CA   sing N N 436 
VAL N   H    sing N N 437 
VAL N   H2   sing N N 438 
VAL CA  C    sing N N 439 
VAL CA  CB   sing N N 440 
VAL CA  HA   sing N N 441 
VAL C   O    doub N N 442 
VAL C   OXT  sing N N 443 
VAL CB  CG1  sing N N 444 
VAL CB  CG2  sing N N 445 
VAL CB  HB   sing N N 446 
VAL CG1 HG11 sing N N 447 
VAL CG1 HG12 sing N N 448 
VAL CG1 HG13 sing N N 449 
VAL CG2 HG21 sing N N 450 
VAL CG2 HG22 sing N N 451 
VAL CG2 HG23 sing N N 452 
VAL OXT HXT  sing N N 453 
# 
loop_
_pdbx_entity_nonpoly.entity_id 
_pdbx_entity_nonpoly.name 
_pdbx_entity_nonpoly.comp_id 
2 "5'-S-[1-(2-{[(2-amino-7,7-dimethyl-4-oxo-3,4,7,8-tetrahydropteridin-6-yl)carbonyl]amino}ethyl)piperidin-4-yl]-5'-thioadenosine" 
J1C 
3 'ACETATE ION'                                                                                                                    
ACT 
4 water                                                                                                                            
HOH 
# 
_pdbx_initial_refinement_model.id               1 
_pdbx_initial_refinement_model.entity_id_list   ? 
_pdbx_initial_refinement_model.type             'experimental model' 
_pdbx_initial_refinement_model.source_name      PDB 
_pdbx_initial_refinement_model.accession_code   3UDE 
_pdbx_initial_refinement_model.details          'PDB Entry 3UDE' 
# 
